data_7KWH
#
_entry.id   7KWH
#
_cell.length_a   105.450
_cell.length_b   156.530
_cell.length_c   188.734
_cell.angle_alpha   90.000
_cell.angle_beta   90.000
_cell.angle_gamma   90.000
#
_symmetry.space_group_name_H-M   'P 21 21 21'
#
loop_
_entity.id
_entity.type
_entity.pdbx_description
1 polymer 'Spermidine N(1)-acetyltransferase'
2 non-polymer 'PHOSPHATE ION'
#
_entity_poly.entity_id   1
_entity_poly.type   'polypeptide(L)'
_entity_poly.pdbx_seq_one_letter_code
;MNSQLTLRALERGDLRFIHNLNKELARYEYWFEEPYESFDELEELYNKHIHDNAERRFVVEDAQKNLIGLVELIEINYIH
RSAEFQIIIAPEHQGKGFARTLINRALDYSFTILNLHKIYLHVAVENPKAVHLYEECGFVEEGHLVEEFFINGRYQDVKR
MYILQSKYLNRSE
;
_entity_poly.pdbx_strand_id   A,B,C,D,E,F,J,L,K,G,H,I
#
loop_
_chem_comp.id
_chem_comp.type
_chem_comp.name
_chem_comp.formula
PO4 non-polymer 'PHOSPHATE ION' 'O4 P -3'
#
# COMPACT_ATOMS: atom_id res chain seq x y z
N SER A 3 32.86 35.24 -13.51
CA SER A 3 31.88 34.31 -12.99
C SER A 3 32.42 33.59 -11.75
N GLN A 4 33.12 32.48 -11.98
CA GLN A 4 33.71 31.63 -10.94
C GLN A 4 32.65 30.84 -10.17
N LEU A 5 31.37 31.06 -10.44
CA LEU A 5 30.29 30.38 -9.72
C LEU A 5 29.40 29.67 -10.72
N THR A 6 28.88 28.51 -10.31
CA THR A 6 27.94 27.74 -11.11
C THR A 6 26.76 27.34 -10.23
N LEU A 7 25.56 27.49 -10.77
CA LEU A 7 24.33 27.11 -10.08
C LEU A 7 23.88 25.76 -10.61
N ARG A 8 23.68 24.80 -9.70
CA ARG A 8 23.31 23.43 -10.06
C ARG A 8 22.09 23.03 -9.25
N ALA A 9 21.12 22.40 -9.92
CA ALA A 9 19.93 21.92 -9.24
C ALA A 9 20.30 21.06 -8.03
N LEU A 10 19.47 21.12 -7.00
CA LEU A 10 19.78 20.44 -5.76
C LEU A 10 19.66 18.93 -5.92
N GLU A 11 20.61 18.21 -5.31
CA GLU A 11 20.63 16.75 -5.34
C GLU A 11 20.54 16.23 -3.91
N ARG A 12 20.22 14.94 -3.80
CA ARG A 12 20.13 14.31 -2.48
C ARG A 12 21.47 14.32 -1.78
N GLY A 13 22.57 14.15 -2.53
CA GLY A 13 23.88 14.22 -1.93
C GLY A 13 24.20 15.57 -1.32
N ASP A 14 23.57 16.63 -1.84
CA ASP A 14 23.78 17.97 -1.34
C ASP A 14 22.94 18.28 -0.10
N LEU A 15 21.99 17.42 0.25
CA LEU A 15 21.06 17.73 1.33
C LEU A 15 21.79 17.97 2.65
N ARG A 16 22.79 17.15 2.96
CA ARG A 16 23.48 17.31 4.23
C ARG A 16 24.23 18.64 4.30
N PHE A 17 24.74 19.12 3.17
CA PHE A 17 25.33 20.46 3.15
C PHE A 17 24.28 21.51 3.52
N ILE A 18 23.07 21.40 2.95
CA ILE A 18 21.99 22.30 3.33
C ILE A 18 21.76 22.23 4.84
N HIS A 19 21.71 21.02 5.38
CA HIS A 19 21.46 20.85 6.81
C HIS A 19 22.52 21.56 7.64
N ASN A 20 23.80 21.46 7.23
CA ASN A 20 24.87 22.09 7.99
C ASN A 20 24.75 23.61 7.97
N LEU A 21 24.34 24.18 6.84
CA LEU A 21 24.14 25.63 6.77
C LEU A 21 23.14 26.08 7.84
N ASN A 22 22.04 25.36 7.99
CA ASN A 22 21.03 25.73 8.97
C ASN A 22 21.53 25.53 10.41
N LYS A 23 22.60 24.76 10.60
CA LYS A 23 23.20 24.63 11.92
C LYS A 23 24.09 25.83 12.24
N GLU A 24 24.67 26.47 11.22
CA GLU A 24 25.46 27.68 11.45
C GLU A 24 24.56 28.89 11.68
N LEU A 25 23.46 28.99 10.94
CA LEU A 25 22.51 30.09 11.05
C LEU A 25 21.28 29.55 11.78
N ALA A 26 21.15 29.89 13.07
CA ALA A 26 20.03 29.40 13.86
C ALA A 26 18.70 29.91 13.31
N ARG A 27 17.95 29.04 12.64
CA ARG A 27 16.68 29.42 12.05
C ARG A 27 15.75 28.21 12.03
N TYR A 28 14.49 28.44 12.37
CA TYR A 28 13.47 27.41 12.27
C TYR A 28 13.18 27.14 10.79
N GLU A 29 13.68 26.01 10.28
CA GLU A 29 13.70 25.75 8.85
C GLU A 29 12.43 25.06 8.38
N TYR A 30 12.10 25.27 7.11
CA TYR A 30 10.97 24.64 6.46
C TYR A 30 11.44 24.03 5.14
N TRP A 31 10.72 22.98 4.70
CA TRP A 31 10.94 22.38 3.40
C TRP A 31 9.57 22.14 2.78
N PHE A 32 9.26 22.91 1.73
CA PHE A 32 7.94 22.89 1.12
C PHE A 32 6.86 23.14 2.17
N GLU A 33 7.04 24.23 2.92
CA GLU A 33 6.04 24.72 3.87
C GLU A 33 5.76 23.71 4.98
N GLU A 34 6.71 22.83 5.27
CA GLU A 34 6.55 21.82 6.32
C GLU A 34 7.78 21.86 7.21
N PRO A 35 7.64 22.09 8.52
CA PRO A 35 8.83 22.23 9.36
C PRO A 35 9.70 20.99 9.36
N TYR A 36 11.00 21.20 9.53
CA TYR A 36 11.96 20.11 9.66
C TYR A 36 13.13 20.59 10.49
N GLU A 37 13.72 19.67 11.25
CA GLU A 37 14.93 19.96 12.01
C GLU A 37 15.94 18.82 12.02
N SER A 38 15.52 17.57 11.83
CA SER A 38 16.44 16.44 11.73
C SER A 38 16.74 16.15 10.26
N PHE A 39 17.93 15.60 10.02
CA PHE A 39 18.32 15.29 8.65
C PHE A 39 17.42 14.20 8.05
N ASP A 40 16.99 13.23 8.86
CA ASP A 40 16.07 12.22 8.36
C ASP A 40 14.76 12.85 7.93
N GLU A 41 14.24 13.80 8.72
CA GLU A 41 13.01 14.49 8.34
C GLU A 41 13.22 15.28 7.05
N LEU A 42 14.42 15.85 6.87
CA LEU A 42 14.73 16.57 5.64
C LEU A 42 14.74 15.63 4.44
N GLU A 43 15.44 14.50 4.57
CA GLU A 43 15.57 13.58 3.45
C GLU A 43 14.22 12.98 3.07
N GLU A 44 13.36 12.71 4.05
CA GLU A 44 12.03 12.19 3.75
C GLU A 44 11.15 13.25 3.11
N LEU A 45 11.31 14.52 3.50
CA LEU A 45 10.58 15.60 2.84
C LEU A 45 11.13 15.89 1.45
N TYR A 46 12.45 15.72 1.26
CA TYR A 46 13.01 15.86 -0.08
C TYR A 46 12.44 14.81 -1.02
N ASN A 47 12.46 13.54 -0.60
CA ASN A 47 11.91 12.48 -1.44
C ASN A 47 10.41 12.62 -1.63
N LYS A 48 9.71 13.25 -0.67
CA LYS A 48 8.27 13.43 -0.80
C LYS A 48 7.95 14.45 -1.89
N HIS A 49 8.70 15.55 -1.96
CA HIS A 49 8.46 16.62 -2.90
C HIS A 49 9.48 16.64 -4.04
N ILE A 50 10.04 15.48 -4.37
CA ILE A 50 11.04 15.40 -5.44
C ILE A 50 10.48 15.97 -6.73
N HIS A 51 9.19 15.79 -6.99
CA HIS A 51 8.56 16.23 -8.23
C HIS A 51 7.72 17.48 -8.07
N ASP A 52 7.59 18.01 -6.85
CA ASP A 52 6.77 19.19 -6.63
C ASP A 52 7.49 20.44 -7.11
N ASN A 53 6.82 21.23 -7.94
CA ASN A 53 7.41 22.42 -8.54
C ASN A 53 7.00 23.70 -7.86
N ALA A 54 6.39 23.62 -6.67
CA ALA A 54 6.08 24.82 -5.91
C ALA A 54 7.33 25.53 -5.42
N GLU A 55 8.46 24.82 -5.32
CA GLU A 55 9.70 25.41 -4.87
C GLU A 55 10.85 24.81 -5.68
N ARG A 56 11.87 25.63 -5.94
CA ARG A 56 13.03 25.21 -6.72
C ARG A 56 14.28 25.72 -6.02
N ARG A 57 15.24 24.82 -5.81
CA ARG A 57 16.45 25.12 -5.06
C ARG A 57 17.67 24.80 -5.90
N PHE A 58 18.68 25.67 -5.84
CA PHE A 58 19.92 25.52 -6.57
C PHE A 58 21.09 25.73 -5.62
N VAL A 59 21.99 24.75 -5.57
CA VAL A 59 23.20 24.89 -4.78
C VAL A 59 24.24 25.67 -5.59
N VAL A 60 25.07 26.43 -4.88
CA VAL A 60 26.10 27.26 -5.50
C VAL A 60 27.44 26.62 -5.18
N GLU A 61 28.18 26.27 -6.22
CA GLU A 61 29.53 25.72 -6.09
C GLU A 61 30.51 26.62 -6.82
N ASP A 62 31.65 26.87 -6.18
CA ASP A 62 32.66 27.78 -6.73
C ASP A 62 33.40 27.12 -7.89
N ALA A 63 34.55 27.69 -8.26
CA ALA A 63 35.34 27.12 -9.34
C ALA A 63 35.87 25.74 -8.96
N GLN A 64 36.25 25.54 -7.70
CA GLN A 64 36.80 24.29 -7.23
C GLN A 64 35.73 23.31 -6.77
N LYS A 65 34.49 23.44 -7.25
CA LYS A 65 33.40 22.53 -6.93
C LYS A 65 33.15 22.46 -5.42
N ASN A 66 33.41 23.55 -4.71
CA ASN A 66 33.12 23.65 -3.29
C ASN A 66 31.77 24.34 -3.10
N LEU A 67 30.90 23.72 -2.32
CA LEU A 67 29.58 24.28 -2.08
C LEU A 67 29.68 25.50 -1.17
N ILE A 68 29.13 26.62 -1.62
CA ILE A 68 29.26 27.88 -0.88
C ILE A 68 27.92 28.45 -0.45
N GLY A 69 26.81 28.10 -1.08
CA GLY A 69 25.54 28.69 -0.70
C GLY A 69 24.38 28.03 -1.40
N LEU A 70 23.19 28.57 -1.14
CA LEU A 70 21.94 28.03 -1.65
C LEU A 70 21.09 29.16 -2.19
N VAL A 71 20.30 28.86 -3.21
CA VAL A 71 19.36 29.80 -3.81
C VAL A 71 18.01 29.09 -3.86
N GLU A 72 17.04 29.61 -3.10
CA GLU A 72 15.71 29.02 -3.01
C GLU A 72 14.69 29.94 -3.67
N LEU A 73 13.88 29.38 -4.56
CA LEU A 73 12.71 30.05 -5.11
C LEU A 73 11.48 29.31 -4.58
N ILE A 74 10.90 29.86 -3.51
CA ILE A 74 9.78 29.22 -2.84
C ILE A 74 8.50 30.01 -3.13
N GLU A 75 7.37 29.46 -2.71
CA GLU A 75 6.06 30.10 -2.89
C GLU A 75 5.85 30.48 -4.35
N ILE A 76 6.30 29.62 -5.26
CA ILE A 76 6.09 29.87 -6.68
C ILE A 76 4.61 29.72 -7.00
N ASN A 77 4.10 30.64 -7.81
CA ASN A 77 2.71 30.63 -8.25
C ASN A 77 2.68 30.86 -9.75
N TYR A 78 2.16 29.90 -10.51
CA TYR A 78 2.18 29.96 -11.96
C TYR A 78 0.95 30.62 -12.54
N ILE A 79 0.00 31.05 -11.72
CA ILE A 79 -1.11 31.89 -12.19
C ILE A 79 -0.77 33.37 -12.04
N HIS A 80 -0.33 33.77 -10.84
CA HIS A 80 0.14 35.13 -10.61
C HIS A 80 1.59 35.32 -11.06
N ARG A 81 2.32 34.24 -11.30
CA ARG A 81 3.69 34.31 -11.80
C ARG A 81 4.59 35.07 -10.83
N SER A 82 4.52 34.70 -9.55
CA SER A 82 5.34 35.28 -8.50
C SER A 82 6.13 34.19 -7.80
N ALA A 83 7.14 34.61 -7.04
CA ALA A 83 7.97 33.67 -6.30
C ALA A 83 8.83 34.43 -5.30
N GLU A 84 8.99 33.86 -4.11
CA GLU A 84 9.82 34.44 -3.07
C GLU A 84 11.24 33.90 -3.21
N PHE A 85 12.20 34.82 -3.32
CA PHE A 85 13.60 34.45 -3.47
C PHE A 85 14.30 34.52 -2.12
N GLN A 86 15.21 33.57 -1.89
CA GLN A 86 16.05 33.55 -0.70
C GLN A 86 17.42 33.04 -1.09
N ILE A 87 18.46 33.61 -0.49
CA ILE A 87 19.83 33.24 -0.79
C ILE A 87 20.61 33.15 0.51
N ILE A 88 21.35 32.05 0.68
CA ILE A 88 22.20 31.84 1.84
C ILE A 88 23.61 31.57 1.34
N ILE A 89 24.60 32.11 2.05
CA ILE A 89 26.00 31.90 1.71
C ILE A 89 26.74 31.51 2.98
N ALA A 90 27.64 30.54 2.87
CA ALA A 90 28.41 30.09 4.02
C ALA A 90 29.28 31.24 4.52
N PRO A 91 29.43 31.41 5.84
CA PRO A 91 30.29 32.49 6.35
C PRO A 91 31.69 32.49 5.76
N GLU A 92 32.25 31.30 5.47
CA GLU A 92 33.58 31.23 4.91
C GLU A 92 33.66 32.02 3.60
N HIS A 93 32.71 31.78 2.70
CA HIS A 93 32.73 32.38 1.38
C HIS A 93 31.85 33.62 1.29
N GLN A 94 31.50 34.21 2.43
CA GLN A 94 30.72 35.44 2.45
C GLN A 94 31.65 36.64 2.43
N GLY A 95 31.24 37.69 1.72
CA GLY A 95 32.06 38.87 1.55
C GLY A 95 33.06 38.78 0.41
N LYS A 96 32.96 37.76 -0.43
CA LYS A 96 33.85 37.60 -1.58
C LYS A 96 33.20 38.08 -2.88
N GLY A 97 32.16 38.89 -2.79
CA GLY A 97 31.52 39.43 -3.99
C GLY A 97 30.70 38.42 -4.78
N PHE A 98 30.19 37.39 -4.12
CA PHE A 98 29.37 36.39 -4.80
C PHE A 98 27.88 36.75 -4.78
N ALA A 99 27.42 37.45 -3.74
CA ALA A 99 25.99 37.68 -3.56
C ALA A 99 25.36 38.28 -4.82
N ARG A 100 25.99 39.32 -5.38
CA ARG A 100 25.39 39.99 -6.54
C ARG A 100 25.30 39.06 -7.74
N THR A 101 26.35 38.30 -8.01
CA THR A 101 26.33 37.40 -9.17
C THR A 101 25.25 36.33 -9.01
N LEU A 102 25.11 35.79 -7.79
CA LEU A 102 24.10 34.75 -7.57
C LEU A 102 22.69 35.33 -7.69
N ILE A 103 22.48 36.55 -7.20
CA ILE A 103 21.17 37.19 -7.34
C ILE A 103 20.83 37.38 -8.81
N ASN A 104 21.80 37.84 -9.60
CA ASN A 104 21.56 38.01 -11.03
C ASN A 104 21.24 36.68 -11.70
N ARG A 105 21.98 35.63 -11.35
CA ARG A 105 21.73 34.32 -11.94
C ARG A 105 20.33 33.82 -11.58
N ALA A 106 19.93 33.99 -10.32
CA ALA A 106 18.60 33.57 -9.90
C ALA A 106 17.53 34.33 -10.68
N LEU A 107 17.69 35.66 -10.80
CA LEU A 107 16.75 36.44 -11.58
C LEU A 107 16.74 36.01 -13.04
N ASP A 108 17.93 35.72 -13.60
CA ASP A 108 18.00 35.29 -14.98
C ASP A 108 17.19 34.01 -15.19
N TYR A 109 17.34 33.05 -14.28
CA TYR A 109 16.56 31.82 -14.36
C TYR A 109 15.07 32.10 -14.22
N SER A 110 14.71 33.04 -13.33
CA SER A 110 13.30 33.31 -13.08
C SER A 110 12.64 34.04 -14.24
N PHE A 111 13.38 34.90 -14.94
CA PHE A 111 12.79 35.77 -15.95
C PHE A 111 13.06 35.35 -17.39
N THR A 112 14.06 34.50 -17.63
CA THR A 112 14.36 34.03 -18.98
C THR A 112 14.04 32.57 -19.22
N ILE A 113 13.84 31.79 -18.15
CA ILE A 113 13.53 30.36 -18.26
C ILE A 113 12.13 30.08 -17.74
N LEU A 114 11.87 30.35 -16.47
CA LEU A 114 10.56 30.09 -15.88
C LEU A 114 9.49 31.06 -16.38
N ASN A 115 9.89 32.18 -16.97
CA ASN A 115 8.94 33.16 -17.49
C ASN A 115 8.04 33.69 -16.36
N LEU A 116 8.65 34.00 -15.21
CA LEU A 116 7.90 34.57 -14.11
C LEU A 116 7.74 36.08 -14.31
N HIS A 117 6.84 36.67 -13.53
CA HIS A 117 6.51 38.08 -13.62
C HIS A 117 7.11 38.92 -12.51
N LYS A 118 7.16 38.39 -11.28
CA LYS A 118 7.62 39.15 -10.13
C LYS A 118 8.44 38.25 -9.21
N ILE A 119 9.46 38.83 -8.60
CA ILE A 119 10.29 38.15 -7.62
C ILE A 119 10.42 39.07 -6.42
N TYR A 120 9.94 38.62 -5.26
CA TYR A 120 10.04 39.39 -4.02
C TYR A 120 10.89 38.63 -3.02
N LEU A 121 11.27 39.33 -1.95
CA LEU A 121 12.11 38.75 -0.92
C LEU A 121 11.90 39.54 0.37
N HIS A 122 12.32 38.93 1.47
CA HIS A 122 12.30 39.57 2.78
C HIS A 122 13.72 39.73 3.28
N VAL A 123 14.06 40.92 3.75
CA VAL A 123 15.37 41.22 4.30
C VAL A 123 15.20 41.97 5.60
N ALA A 124 15.93 41.56 6.64
CA ALA A 124 15.78 42.18 7.95
C ALA A 124 16.13 43.66 7.87
N VAL A 125 15.37 44.48 8.59
CA VAL A 125 15.65 45.91 8.65
C VAL A 125 16.99 46.16 9.34
N GLU A 126 17.37 45.30 10.29
CA GLU A 126 18.61 45.45 11.03
C GLU A 126 19.83 45.04 10.23
N ASN A 127 19.68 44.71 8.94
CA ASN A 127 20.78 44.36 8.06
C ASN A 127 20.74 45.27 6.84
N PRO A 128 21.10 46.55 7.01
CA PRO A 128 20.97 47.49 5.89
C PRO A 128 21.94 47.22 4.76
N LYS A 129 23.07 46.57 5.02
CA LYS A 129 23.98 46.22 3.94
C LYS A 129 23.29 45.34 2.91
N ALA A 130 22.57 44.32 3.37
CA ALA A 130 21.83 43.46 2.45
C ALA A 130 20.77 44.25 1.69
N VAL A 131 20.03 45.12 2.39
CA VAL A 131 19.02 45.94 1.73
C VAL A 131 19.65 46.74 0.60
N HIS A 132 20.80 47.37 0.87
CA HIS A 132 21.47 48.15 -0.15
C HIS A 132 21.91 47.27 -1.31
N LEU A 133 22.40 46.07 -1.00
CA LEU A 133 22.86 45.16 -2.06
C LEU A 133 21.70 44.79 -2.98
N TYR A 134 20.55 44.44 -2.41
CA TYR A 134 19.40 44.11 -3.24
C TYR A 134 18.94 45.33 -4.05
N GLU A 135 18.97 46.52 -3.43
CA GLU A 135 18.66 47.73 -4.19
C GLU A 135 19.59 47.90 -5.38
N GLU A 136 20.88 47.66 -5.18
CA GLU A 136 21.82 47.76 -6.29
C GLU A 136 21.50 46.76 -7.39
N CYS A 137 21.01 45.59 -7.03
CA CYS A 137 20.66 44.56 -8.00
C CYS A 137 19.33 44.82 -8.69
N GLY A 138 18.58 45.83 -8.27
CA GLY A 138 17.34 46.21 -8.93
C GLY A 138 16.11 46.15 -8.05
N PHE A 139 16.19 45.56 -6.86
CA PHE A 139 15.01 45.42 -6.02
C PHE A 139 14.61 46.78 -5.43
N VAL A 140 13.33 46.89 -5.10
CA VAL A 140 12.75 48.11 -4.55
C VAL A 140 11.82 47.74 -3.41
N GLU A 141 11.81 48.56 -2.36
CA GLU A 141 10.95 48.30 -1.21
C GLU A 141 9.49 48.48 -1.60
N GLU A 142 8.66 47.49 -1.23
CA GLU A 142 7.22 47.59 -1.39
C GLU A 142 6.49 47.40 -0.08
N GLY A 143 7.20 47.14 1.02
CA GLY A 143 6.59 47.01 2.32
C GLY A 143 7.60 46.98 3.45
N HIS A 144 7.16 47.38 4.64
CA HIS A 144 7.98 47.33 5.86
C HIS A 144 7.17 46.54 6.88
N LEU A 145 7.23 45.22 6.76
CA LEU A 145 6.42 44.35 7.61
C LEU A 145 6.87 44.46 9.05
N VAL A 146 5.95 44.80 9.95
CA VAL A 146 6.27 45.08 11.33
C VAL A 146 6.12 43.80 12.15
N GLU A 147 7.20 43.38 12.80
CA GLU A 147 7.20 42.21 13.66
C GLU A 147 6.68 40.98 12.91
N GLU A 148 7.17 40.81 11.68
CA GLU A 148 6.70 39.71 10.84
C GLU A 148 7.24 38.37 11.31
N PHE A 149 8.49 38.34 11.76
CA PHE A 149 9.14 37.11 12.20
C PHE A 149 9.72 37.30 13.60
N PHE A 150 9.94 36.18 14.27
CA PHE A 150 10.55 36.15 15.60
C PHE A 150 11.97 35.58 15.43
N ILE A 151 12.96 36.45 15.46
CA ILE A 151 14.35 36.08 15.17
C ILE A 151 15.20 36.37 16.39
N ASN A 152 15.99 35.38 16.81
CA ASN A 152 16.97 35.53 17.88
C ASN A 152 16.38 36.24 19.10
N GLY A 153 15.17 35.83 19.48
CA GLY A 153 14.58 36.26 20.72
C GLY A 153 13.73 37.50 20.67
N ARG A 154 13.54 38.10 19.50
CA ARG A 154 12.76 39.33 19.37
C ARG A 154 12.00 39.33 18.05
N TYR A 155 10.79 39.87 18.08
CA TYR A 155 10.06 40.11 16.83
C TYR A 155 10.77 41.20 16.04
N GLN A 156 11.18 40.88 14.81
CA GLN A 156 11.93 41.80 13.98
C GLN A 156 11.11 42.20 12.75
N ASP A 157 11.29 43.45 12.33
CA ASP A 157 10.68 43.91 11.09
C ASP A 157 11.54 43.50 9.90
N VAL A 158 10.88 43.36 8.75
CA VAL A 158 11.56 42.95 7.53
C VAL A 158 11.05 43.82 6.38
N LYS A 159 11.95 44.13 5.45
CA LYS A 159 11.59 44.86 4.24
C LYS A 159 11.21 43.85 3.16
N ARG A 160 10.00 43.97 2.63
CA ARG A 160 9.59 43.19 1.47
C ARG A 160 9.99 43.99 0.23
N MET A 161 10.98 43.49 -0.51
CA MET A 161 11.48 44.15 -1.70
C MET A 161 11.21 43.27 -2.91
N TYR A 162 11.02 43.91 -4.07
CA TYR A 162 10.53 43.22 -5.25
C TYR A 162 11.27 43.71 -6.48
N ILE A 163 11.18 42.90 -7.54
CA ILE A 163 11.62 43.28 -8.87
C ILE A 163 10.69 42.61 -9.87
N LEU A 164 10.53 43.23 -11.04
CA LEU A 164 9.62 42.74 -12.06
C LEU A 164 10.39 42.34 -13.31
N GLN A 165 9.83 41.36 -14.03
CA GLN A 165 10.48 40.86 -15.24
C GLN A 165 10.78 41.99 -16.22
N SER A 166 9.84 42.94 -16.36
CA SER A 166 10.03 44.01 -17.33
C SER A 166 11.29 44.81 -17.03
N LYS A 167 11.51 45.16 -15.75
CA LYS A 167 12.69 45.95 -15.39
C LYS A 167 13.98 45.18 -15.67
N TYR A 168 13.98 43.87 -15.41
CA TYR A 168 15.20 43.09 -15.58
C TYR A 168 15.52 42.88 -17.06
N LEU A 169 14.51 42.58 -17.88
CA LEU A 169 14.76 42.27 -19.28
C LEU A 169 14.86 43.53 -20.13
N ASN A 170 14.14 44.60 -19.77
CA ASN A 170 14.19 45.85 -20.53
C ASN A 170 15.06 46.88 -19.82
N SER B 3 -25.35 42.18 15.12
CA SER B 3 -25.37 41.02 16.01
C SER B 3 -26.31 39.94 15.46
N GLN B 4 -26.46 38.86 16.23
CA GLN B 4 -27.23 37.66 15.92
C GLN B 4 -26.44 36.72 15.01
N LEU B 5 -25.29 37.13 14.48
CA LEU B 5 -24.49 36.27 13.62
C LEU B 5 -23.71 35.27 14.46
N THR B 6 -23.61 34.05 13.95
CA THR B 6 -22.94 32.95 14.64
C THR B 6 -21.80 32.43 13.77
N LEU B 7 -20.63 32.24 14.38
CA LEU B 7 -19.49 31.62 13.72
C LEU B 7 -19.40 30.16 14.16
N ARG B 8 -19.22 29.26 13.19
CA ARG B 8 -19.18 27.84 13.44
C ARG B 8 -18.08 27.19 12.61
N ALA B 9 -17.37 26.24 13.21
CA ALA B 9 -16.32 25.55 12.50
C ALA B 9 -16.86 24.90 11.23
N LEU B 10 -16.06 24.95 10.16
CA LEU B 10 -16.50 24.40 8.88
C LEU B 10 -16.75 22.91 8.98
N GLU B 11 -17.78 22.44 8.28
CA GLU B 11 -18.14 21.03 8.23
C GLU B 11 -18.07 20.55 6.78
N ARG B 12 -18.13 19.22 6.61
CA ARG B 12 -18.11 18.66 5.27
C ARG B 12 -19.37 19.02 4.50
N GLY B 13 -20.49 19.18 5.20
CA GLY B 13 -21.73 19.55 4.53
C GLY B 13 -21.71 20.98 4.03
N ASP B 14 -20.91 21.85 4.65
CA ASP B 14 -20.79 23.24 4.21
C ASP B 14 -19.96 23.40 2.96
N LEU B 15 -19.28 22.34 2.49
CA LEU B 15 -18.38 22.47 1.35
C LEU B 15 -19.12 22.92 0.10
N ARG B 16 -20.40 22.59 -0.03
CA ARG B 16 -21.16 23.02 -1.19
C ARG B 16 -21.51 24.51 -1.12
N PHE B 17 -21.65 25.05 0.09
CA PHE B 17 -21.81 26.50 0.23
C PHE B 17 -20.52 27.21 -0.14
N ILE B 18 -19.38 26.73 0.36
CA ILE B 18 -18.10 27.31 -0.01
C ILE B 18 -17.91 27.24 -1.52
N HIS B 19 -18.14 26.07 -2.11
CA HIS B 19 -17.97 25.93 -3.55
C HIS B 19 -18.89 26.89 -4.30
N ASN B 20 -20.08 27.14 -3.77
CA ASN B 20 -21.02 28.04 -4.46
C ASN B 20 -20.59 29.50 -4.32
N LEU B 21 -19.91 29.85 -3.23
CA LEU B 21 -19.45 31.22 -3.06
C LEU B 21 -18.49 31.60 -4.17
N ASN B 22 -17.58 30.70 -4.54
CA ASN B 22 -16.54 31.01 -5.52
C ASN B 22 -17.02 30.83 -6.96
N LYS B 23 -18.26 30.41 -7.19
CA LYS B 23 -18.79 30.39 -8.54
C LYS B 23 -19.09 31.80 -9.02
N GLU B 24 -19.55 32.66 -8.11
CA GLU B 24 -19.80 34.07 -8.42
C GLU B 24 -18.58 34.95 -8.16
N LEU B 25 -17.46 34.36 -7.73
CA LEU B 25 -16.20 35.06 -7.55
C LEU B 25 -15.20 34.53 -8.56
N ALA B 26 -14.71 35.40 -9.43
CA ALA B 26 -13.80 35.00 -10.52
C ALA B 26 -12.37 35.08 -10.02
N ARG B 27 -11.95 34.03 -9.33
CA ARG B 27 -10.60 33.95 -8.78
C ARG B 27 -10.15 32.50 -8.73
N TYR B 28 -8.83 32.32 -8.71
CA TYR B 28 -8.20 31.00 -8.66
C TYR B 28 -8.18 30.54 -7.22
N GLU B 29 -9.07 29.62 -6.87
CA GLU B 29 -9.27 29.24 -5.47
C GLU B 29 -8.20 28.25 -5.01
N TYR B 30 -7.93 28.28 -3.70
CA TYR B 30 -6.97 27.38 -3.07
C TYR B 30 -7.58 26.76 -1.82
N TRP B 31 -7.09 25.58 -1.47
CA TRP B 31 -7.47 24.91 -0.23
C TRP B 31 -6.21 24.33 0.38
N PHE B 32 -5.76 24.92 1.49
CA PHE B 32 -4.49 24.55 2.13
C PHE B 32 -3.36 24.60 1.11
N GLU B 33 -3.28 25.73 0.40
CA GLU B 33 -2.23 25.96 -0.59
C GLU B 33 -2.22 24.87 -1.65
N GLU B 34 -3.41 24.54 -2.17
CA GLU B 34 -3.54 23.53 -3.20
C GLU B 34 -4.70 23.88 -4.13
N PRO B 35 -4.47 24.03 -5.43
CA PRO B 35 -5.55 24.48 -6.32
C PRO B 35 -6.71 23.51 -6.35
N TYR B 36 -7.91 24.06 -6.55
CA TYR B 36 -9.11 23.25 -6.73
C TYR B 36 -10.10 24.04 -7.58
N GLU B 37 -10.91 23.29 -8.33
CA GLU B 37 -11.94 23.90 -9.18
C GLU B 37 -13.27 23.21 -8.97
N SER B 38 -13.30 21.89 -9.12
CA SER B 38 -14.54 21.13 -8.98
C SER B 38 -14.82 20.82 -7.51
N PHE B 39 -16.10 20.56 -7.22
CA PHE B 39 -16.47 20.17 -5.87
C PHE B 39 -15.79 18.88 -5.44
N ASP B 40 -15.47 18.01 -6.40
CA ASP B 40 -14.78 16.78 -6.07
C ASP B 40 -13.37 17.06 -5.54
N GLU B 41 -12.64 17.95 -6.22
CA GLU B 41 -11.32 18.35 -5.71
C GLU B 41 -11.42 18.97 -4.33
N LEU B 42 -12.41 19.86 -4.13
CA LEU B 42 -12.59 20.48 -2.83
C LEU B 42 -12.89 19.43 -1.76
N GLU B 43 -13.72 18.44 -2.10
CA GLU B 43 -14.09 17.43 -1.11
C GLU B 43 -12.89 16.56 -0.75
N GLU B 44 -12.09 16.16 -1.73
CA GLU B 44 -10.92 15.34 -1.43
C GLU B 44 -9.86 16.12 -0.68
N LEU B 45 -9.75 17.43 -0.95
CA LEU B 45 -8.80 18.24 -0.21
C LEU B 45 -9.26 18.46 1.23
N TYR B 46 -10.57 18.64 1.43
CA TYR B 46 -11.09 18.75 2.79
C TYR B 46 -10.79 17.50 3.59
N ASN B 47 -11.09 16.33 3.04
CA ASN B 47 -10.79 15.08 3.73
C ASN B 47 -9.29 14.85 3.87
N LYS B 48 -8.48 15.49 3.03
CA LYS B 48 -7.03 15.33 3.14
C LYS B 48 -6.46 16.15 4.28
N HIS B 49 -7.02 17.34 4.52
CA HIS B 49 -6.54 18.24 5.56
C HIS B 49 -7.55 18.39 6.70
N ILE B 50 -8.29 17.31 6.99
CA ILE B 50 -9.33 17.38 8.01
C ILE B 50 -8.75 17.72 9.37
N HIS B 51 -7.50 17.36 9.63
CA HIS B 51 -6.84 17.60 10.90
C HIS B 51 -5.68 18.58 10.79
N ASP B 52 -5.49 19.21 9.63
CA ASP B 52 -4.41 20.17 9.45
C ASP B 52 -4.77 21.49 10.12
N ASN B 53 -3.84 22.03 10.91
CA ASN B 53 -4.06 23.26 11.65
C ASN B 53 -3.36 24.46 11.01
N ALA B 54 -2.83 24.30 9.79
CA ALA B 54 -2.24 25.43 9.10
C ALA B 54 -3.29 26.44 8.65
N GLU B 55 -4.56 26.03 8.56
CA GLU B 55 -5.64 26.92 8.18
C GLU B 55 -6.87 26.59 9.02
N ARG B 56 -7.65 27.63 9.32
CA ARG B 56 -8.90 27.50 10.04
C ARG B 56 -9.98 28.25 9.27
N ARG B 57 -11.21 27.76 9.36
CA ARG B 57 -12.33 28.35 8.63
C ARG B 57 -13.59 28.26 9.48
N PHE B 58 -14.38 29.33 9.45
CA PHE B 58 -15.61 29.43 10.22
C PHE B 58 -16.73 29.90 9.32
N VAL B 59 -17.80 29.12 9.25
CA VAL B 59 -18.98 29.52 8.49
C VAL B 59 -19.80 30.49 9.34
N VAL B 60 -20.25 31.58 8.74
CA VAL B 60 -21.07 32.59 9.41
C VAL B 60 -22.50 32.42 8.94
N GLU B 61 -23.43 32.33 9.89
CA GLU B 61 -24.83 32.09 9.58
C GLU B 61 -25.70 32.95 10.49
N ASP B 62 -26.95 33.16 10.06
CA ASP B 62 -27.88 34.00 10.77
C ASP B 62 -28.54 33.23 11.92
N ALA B 63 -29.44 33.91 12.63
CA ALA B 63 -30.28 33.23 13.62
C ALA B 63 -31.23 32.26 12.94
N GLN B 64 -31.61 32.53 11.70
CA GLN B 64 -32.39 31.60 10.89
C GLN B 64 -31.54 30.50 10.27
N LYS B 65 -30.27 30.39 10.67
CA LYS B 65 -29.36 29.39 10.14
C LYS B 65 -29.18 29.53 8.63
N ASN B 66 -29.24 30.77 8.13
CA ASN B 66 -28.95 31.06 6.74
C ASN B 66 -27.46 31.40 6.63
N LEU B 67 -26.72 30.58 5.88
CA LEU B 67 -25.30 30.83 5.71
C LEU B 67 -25.08 32.16 4.99
N ILE B 68 -24.34 33.06 5.64
CA ILE B 68 -24.14 34.40 5.10
C ILE B 68 -22.71 34.63 4.62
N GLY B 69 -21.72 33.94 5.16
CA GLY B 69 -20.36 34.18 4.74
C GLY B 69 -19.39 33.22 5.39
N LEU B 70 -18.11 33.51 5.19
CA LEU B 70 -17.01 32.67 5.64
C LEU B 70 -15.88 33.54 6.18
N VAL B 71 -15.18 33.01 7.18
CA VAL B 71 -14.04 33.68 7.80
C VAL B 71 -12.88 32.69 7.85
N GLU B 72 -11.79 33.01 7.16
CA GLU B 72 -10.64 32.11 7.05
C GLU B 72 -9.43 32.71 7.74
N LEU B 73 -8.65 31.85 8.39
CA LEU B 73 -7.33 32.19 8.92
C LEU B 73 -6.35 31.20 8.30
N ILE B 74 -5.65 31.62 7.26
CA ILE B 74 -4.78 30.74 6.51
C ILE B 74 -3.32 31.11 6.80
N GLU B 75 -2.40 30.29 6.27
CA GLU B 75 -0.97 30.51 6.44
C GLU B 75 -0.61 30.70 7.91
N ILE B 76 -1.25 29.93 8.78
CA ILE B 76 -1.00 30.05 10.22
C ILE B 76 0.39 29.51 10.53
N ASN B 77 1.17 30.29 11.26
CA ASN B 77 2.51 29.91 11.70
C ASN B 77 2.57 30.03 13.21
N TYR B 78 2.87 28.93 13.89
CA TYR B 78 2.88 28.88 15.34
C TYR B 78 4.25 29.11 15.94
N ILE B 79 5.26 29.39 15.12
CA ILE B 79 6.54 29.86 15.63
C ILE B 79 6.61 31.39 15.61
N HIS B 80 6.26 31.99 14.48
CA HIS B 80 6.16 33.44 14.38
C HIS B 80 4.83 33.95 14.92
N ARG B 81 3.82 33.08 15.02
CA ARG B 81 2.52 33.44 15.59
C ARG B 81 1.82 34.49 14.73
N SER B 82 1.82 34.26 13.42
CA SER B 82 1.15 35.12 12.46
C SER B 82 0.10 34.32 11.70
N ALA B 83 -0.74 35.03 10.96
CA ALA B 83 -1.78 34.39 10.17
C ALA B 83 -2.41 35.43 9.25
N GLU B 84 -2.85 34.97 8.08
CA GLU B 84 -3.52 35.82 7.10
C GLU B 84 -5.02 35.69 7.27
N PHE B 85 -5.70 36.80 7.47
CA PHE B 85 -7.15 36.83 7.61
C PHE B 85 -7.79 37.06 6.25
N GLN B 86 -8.99 36.50 6.08
CA GLN B 86 -9.74 36.66 4.85
C GLN B 86 -11.21 36.49 5.17
N ILE B 87 -12.05 37.34 4.57
CA ILE B 87 -13.48 37.36 4.84
C ILE B 87 -14.23 37.36 3.52
N ILE B 88 -15.30 36.58 3.45
CA ILE B 88 -16.18 36.53 2.29
C ILE B 88 -17.62 36.53 2.79
N ILE B 89 -18.47 37.33 2.16
CA ILE B 89 -19.88 37.41 2.50
C ILE B 89 -20.70 37.09 1.26
N ALA B 90 -21.73 36.26 1.43
CA ALA B 90 -22.51 35.81 0.30
C ALA B 90 -23.10 37.01 -0.45
N PRO B 91 -23.24 36.91 -1.77
CA PRO B 91 -23.81 38.05 -2.52
C PRO B 91 -25.17 38.48 -2.03
N GLU B 92 -25.99 37.55 -1.55
CA GLU B 92 -27.34 37.89 -1.09
C GLU B 92 -27.36 38.54 0.28
N HIS B 93 -26.23 38.56 1.00
CA HIS B 93 -26.18 39.13 2.34
C HIS B 93 -25.19 40.28 2.47
N GLN B 94 -24.43 40.60 1.43
CA GLN B 94 -23.49 41.71 1.50
C GLN B 94 -24.23 43.03 1.31
N GLY B 95 -23.73 44.06 1.98
CA GLY B 95 -24.37 45.35 1.99
C GLY B 95 -25.27 45.62 3.19
N LYS B 96 -25.28 44.72 4.17
CA LYS B 96 -26.08 44.88 5.38
C LYS B 96 -25.26 45.30 6.58
N GLY B 97 -23.95 45.46 6.42
CA GLY B 97 -23.09 45.91 7.51
C GLY B 97 -22.54 44.81 8.38
N PHE B 98 -22.51 43.57 7.90
CA PHE B 98 -21.99 42.48 8.69
C PHE B 98 -20.46 42.43 8.71
N ALA B 99 -19.81 42.99 7.68
CA ALA B 99 -18.37 42.81 7.52
C ALA B 99 -17.60 43.20 8.77
N ARG B 100 -17.95 44.33 9.39
CA ARG B 100 -17.17 44.82 10.52
C ARG B 100 -17.27 43.89 11.71
N THR B 101 -18.48 43.44 12.05
CA THR B 101 -18.64 42.56 13.20
C THR B 101 -17.91 41.24 13.01
N LEU B 102 -17.95 40.70 11.79
CA LEU B 102 -17.28 39.43 11.53
C LEU B 102 -15.76 39.58 11.60
N ILE B 103 -15.24 40.70 11.11
CA ILE B 103 -13.81 40.94 11.20
C ILE B 103 -13.38 41.02 12.67
N ASN B 104 -14.19 41.66 13.50
CA ASN B 104 -13.87 41.75 14.92
C ASN B 104 -13.94 40.37 15.58
N ARG B 105 -14.91 39.55 15.19
CA ARG B 105 -15.00 38.20 15.74
C ARG B 105 -13.82 37.35 15.30
N ALA B 106 -13.30 37.58 14.09
CA ALA B 106 -12.09 36.88 13.66
C ALA B 106 -10.89 37.29 14.52
N LEU B 107 -10.71 38.60 14.71
CA LEU B 107 -9.63 39.08 15.54
C LEU B 107 -9.74 38.57 16.96
N ASP B 108 -10.97 38.53 17.50
CA ASP B 108 -11.17 38.02 18.84
C ASP B 108 -10.69 36.58 18.96
N TYR B 109 -11.13 35.71 18.05
CA TYR B 109 -10.69 34.33 18.07
C TYR B 109 -9.18 34.22 17.92
N SER B 110 -8.59 35.04 17.04
CA SER B 110 -7.17 34.93 16.77
C SER B 110 -6.33 35.31 18.00
N PHE B 111 -6.81 36.28 18.78
CA PHE B 111 -6.01 36.85 19.86
C PHE B 111 -6.42 36.40 21.25
N THR B 112 -7.59 35.77 21.41
CA THR B 112 -8.05 35.32 22.72
C THR B 112 -8.06 33.81 22.88
N ILE B 113 -8.01 33.05 21.78
CA ILE B 113 -8.02 31.60 21.83
C ILE B 113 -6.76 31.01 21.20
N LEU B 114 -6.45 31.40 19.96
CA LEU B 114 -5.26 30.88 19.30
C LEU B 114 -3.97 31.49 19.83
N ASN B 115 -4.06 32.63 20.53
CA ASN B 115 -2.88 33.28 21.11
C ASN B 115 -1.87 33.65 20.02
N LEU B 116 -2.39 34.23 18.94
CA LEU B 116 -1.52 34.70 17.86
C LEU B 116 -1.05 36.12 18.14
N HIS B 117 0.07 36.48 17.53
CA HIS B 117 0.71 37.77 17.75
C HIS B 117 0.42 38.78 16.66
N LYS B 118 0.20 38.34 15.43
CA LYS B 118 -0.03 39.24 14.30
C LYS B 118 -1.05 38.65 13.36
N ILE B 119 -1.95 39.51 12.87
CA ILE B 119 -2.93 39.13 11.86
C ILE B 119 -2.80 40.15 10.72
N TYR B 120 -2.44 39.67 9.53
CA TYR B 120 -2.32 40.52 8.36
C TYR B 120 -3.35 40.11 7.33
N LEU B 121 -3.50 40.97 6.32
CA LEU B 121 -4.47 40.73 5.25
C LEU B 121 -4.03 41.48 4.00
N HIS B 122 -4.62 41.12 2.88
CA HIS B 122 -4.40 41.79 1.61
C HIS B 122 -5.73 42.33 1.11
N VAL B 123 -5.76 43.63 0.79
CA VAL B 123 -6.93 44.28 0.25
C VAL B 123 -6.51 45.02 -1.02
N ALA B 124 -7.31 44.87 -2.08
CA ALA B 124 -6.95 45.49 -3.35
C ALA B 124 -6.87 47.00 -3.21
N VAL B 125 -5.89 47.58 -3.91
CA VAL B 125 -5.74 49.03 -3.88
C VAL B 125 -6.91 49.73 -4.56
N GLU B 126 -7.66 49.03 -5.41
CA GLU B 126 -8.79 49.59 -6.10
C GLU B 126 -10.08 49.52 -5.28
N ASN B 127 -9.98 49.47 -3.95
CA ASN B 127 -11.14 49.45 -3.07
C ASN B 127 -10.75 50.09 -1.74
N PRO B 128 -10.64 51.42 -1.69
CA PRO B 128 -10.26 52.09 -0.44
C PRO B 128 -11.34 52.06 0.63
N LYS B 129 -12.58 51.72 0.27
CA LYS B 129 -13.63 51.61 1.28
C LYS B 129 -13.32 50.46 2.24
N ALA B 130 -12.94 49.31 1.70
CA ALA B 130 -12.50 48.20 2.54
C ALA B 130 -11.26 48.57 3.33
N VAL B 131 -10.31 49.26 2.69
CA VAL B 131 -9.11 49.71 3.39
C VAL B 131 -9.48 50.52 4.61
N HIS B 132 -10.43 51.45 4.46
CA HIS B 132 -10.84 52.27 5.59
C HIS B 132 -11.53 51.44 6.67
N LEU B 133 -12.36 50.49 6.26
CA LEU B 133 -13.03 49.63 7.23
C LEU B 133 -12.02 48.86 8.06
N TYR B 134 -11.01 48.29 7.41
CA TYR B 134 -9.96 47.60 8.14
C TYR B 134 -9.20 48.56 9.04
N GLU B 135 -8.95 49.78 8.56
CA GLU B 135 -8.28 50.78 9.39
C GLU B 135 -9.10 51.10 10.64
N GLU B 136 -10.42 51.20 10.49
CA GLU B 136 -11.27 51.42 11.65
C GLU B 136 -11.16 50.26 12.64
N CYS B 137 -11.14 49.03 12.12
CA CYS B 137 -11.08 47.85 12.97
C CYS B 137 -9.73 47.68 13.66
N GLY B 138 -8.72 48.48 13.31
CA GLY B 138 -7.44 48.45 13.98
C GLY B 138 -6.27 48.21 13.07
N PHE B 139 -6.50 47.81 11.83
CA PHE B 139 -5.43 47.53 10.92
C PHE B 139 -4.73 48.81 10.48
N VAL B 140 -3.48 48.65 10.05
CA VAL B 140 -2.71 49.76 9.51
C VAL B 140 -1.81 49.22 8.40
N GLU B 141 -1.58 50.04 7.39
CA GLU B 141 -0.83 49.60 6.21
C GLU B 141 0.63 49.32 6.58
N GLU B 142 1.13 48.18 6.13
CA GLU B 142 2.54 47.85 6.25
C GLU B 142 3.22 47.63 4.89
N GLY B 143 2.46 47.68 3.81
CA GLY B 143 3.04 47.52 2.49
C GLY B 143 2.07 47.82 1.36
N HIS B 144 2.60 48.25 0.22
CA HIS B 144 1.84 48.44 -1.01
C HIS B 144 2.47 47.52 -2.04
N LEU B 145 2.01 46.27 -2.07
CA LEU B 145 2.60 45.26 -2.94
C LEU B 145 2.20 45.52 -4.39
N VAL B 146 3.20 45.72 -5.25
CA VAL B 146 2.99 46.14 -6.63
C VAL B 146 2.79 44.92 -7.51
N GLU B 147 1.68 44.91 -8.26
CA GLU B 147 1.40 43.86 -9.23
C GLU B 147 1.60 42.47 -8.60
N GLU B 148 1.05 42.31 -7.40
CA GLU B 148 1.20 41.05 -6.68
C GLU B 148 0.40 39.93 -7.36
N PHE B 149 -0.86 40.20 -7.69
CA PHE B 149 -1.75 39.21 -8.27
C PHE B 149 -2.22 39.65 -9.64
N PHE B 150 -2.71 38.68 -10.42
CA PHE B 150 -3.28 38.90 -11.74
C PHE B 150 -4.78 38.64 -11.63
N ILE B 151 -5.55 39.71 -11.51
CA ILE B 151 -7.00 39.62 -11.27
C ILE B 151 -7.73 40.25 -12.43
N ASN B 152 -8.66 39.51 -13.02
CA ASN B 152 -9.53 40.02 -14.08
C ASN B 152 -8.74 40.72 -15.18
N GLY B 153 -7.74 40.01 -15.69
CA GLY B 153 -7.04 40.46 -16.88
C GLY B 153 -6.03 41.57 -16.68
N ARG B 154 -5.58 41.81 -15.44
CA ARG B 154 -4.63 42.86 -15.17
C ARG B 154 -3.93 42.60 -13.84
N TYR B 155 -2.62 42.86 -13.81
CA TYR B 155 -1.87 42.79 -12.56
C TYR B 155 -2.27 43.96 -11.66
N GLN B 156 -2.86 43.65 -10.51
CA GLN B 156 -3.35 44.66 -9.58
C GLN B 156 -2.45 44.74 -8.36
N ASP B 157 -2.29 45.95 -7.84
CA ASP B 157 -1.56 46.15 -6.59
C ASP B 157 -2.49 45.93 -5.40
N VAL B 158 -1.90 45.54 -4.28
CA VAL B 158 -2.65 45.27 -3.06
C VAL B 158 -1.97 45.95 -1.88
N LYS B 159 -2.77 46.22 -0.86
CA LYS B 159 -2.29 46.77 0.40
C LYS B 159 -2.21 45.65 1.43
N ARG B 160 -1.03 45.42 1.98
CA ARG B 160 -0.88 44.50 3.11
C ARG B 160 -1.03 45.30 4.40
N MET B 161 -2.02 44.92 5.21
CA MET B 161 -2.36 45.63 6.44
C MET B 161 -2.34 44.63 7.59
N TYR B 162 -1.88 45.09 8.75
CA TYR B 162 -1.66 44.21 9.89
C TYR B 162 -2.25 44.80 11.15
N ILE B 163 -2.40 43.94 12.16
CA ILE B 163 -2.76 44.34 13.51
C ILE B 163 -2.08 43.37 14.46
N LEU B 164 -1.75 43.85 15.66
CA LEU B 164 -1.04 43.07 16.65
C LEU B 164 -1.92 42.74 17.84
N GLN B 165 -1.55 41.67 18.55
CA GLN B 165 -2.35 41.21 19.67
C GLN B 165 -2.49 42.28 20.74
N SER B 166 -1.44 43.06 20.97
CA SER B 166 -1.47 44.07 22.02
C SER B 166 -2.48 45.16 21.71
N LYS B 167 -2.49 45.64 20.46
CA LYS B 167 -3.41 46.72 20.09
C LYS B 167 -4.86 46.28 20.25
N TYR B 168 -5.16 45.03 19.90
CA TYR B 168 -6.54 44.55 19.98
C TYR B 168 -6.96 44.33 21.43
N LEU B 169 -6.07 43.79 22.25
CA LEU B 169 -6.41 43.49 23.64
C LEU B 169 -6.32 44.70 24.55
N ASN B 170 -5.61 45.75 24.14
CA ASN B 170 -5.51 46.97 24.93
C ASN B 170 -6.22 48.12 24.24
N GLN C 4 31.53 24.13 25.28
CA GLN C 4 32.08 23.97 23.93
C GLN C 4 31.42 22.80 23.20
N LEU C 5 30.26 22.38 23.69
CA LEU C 5 29.56 21.24 23.12
C LEU C 5 28.63 21.70 22.00
N THR C 6 28.09 20.72 21.27
CA THR C 6 27.19 20.98 20.16
C THR C 6 25.89 20.19 20.39
N LEU C 7 24.79 20.79 19.96
CA LEU C 7 23.48 20.16 20.02
C LEU C 7 22.95 19.95 18.61
N ARG C 8 22.58 18.71 18.30
CA ARG C 8 22.12 18.34 16.97
C ARG C 8 20.76 17.66 17.08
N ALA C 9 19.88 17.94 16.12
CA ALA C 9 18.58 17.28 16.08
C ALA C 9 18.77 15.77 16.01
N LEU C 10 17.94 15.04 16.75
CA LEU C 10 18.08 13.60 16.82
C LEU C 10 17.78 12.96 15.46
N GLU C 11 18.57 11.94 15.12
CA GLU C 11 18.42 11.21 13.87
C GLU C 11 18.39 9.72 14.16
N ARG C 12 17.90 8.95 13.17
CA ARG C 12 17.71 7.52 13.37
C ARG C 12 18.98 6.83 13.81
N GLY C 13 20.13 7.29 13.33
CA GLY C 13 21.39 6.67 13.71
C GLY C 13 21.67 6.76 15.20
N ASP C 14 21.12 7.77 15.86
CA ASP C 14 21.34 7.99 17.29
C ASP C 14 20.34 7.23 18.17
N LEU C 15 19.32 6.60 17.58
CA LEU C 15 18.30 5.95 18.39
C LEU C 15 18.92 4.96 19.37
N ARG C 16 19.86 4.14 18.90
CA ARG C 16 20.46 3.13 19.77
C ARG C 16 21.08 3.76 21.00
N PHE C 17 21.73 4.92 20.83
CA PHE C 17 22.29 5.62 21.99
C PHE C 17 21.20 5.93 23.02
N ILE C 18 20.03 6.38 22.56
CA ILE C 18 18.93 6.64 23.48
C ILE C 18 18.54 5.36 24.20
N HIS C 19 18.46 4.24 23.47
CA HIS C 19 18.09 2.97 24.07
C HIS C 19 19.09 2.57 25.14
N ASN C 20 20.39 2.73 24.86
CA ASN C 20 21.41 2.39 25.84
C ASN C 20 21.31 3.26 27.07
N LEU C 21 21.03 4.56 26.89
CA LEU C 21 20.85 5.45 28.03
C LEU C 21 19.76 4.92 28.96
N ASN C 22 18.63 4.50 28.38
CA ASN C 22 17.52 3.98 29.18
C ASN C 22 17.83 2.63 29.79
N LYS C 23 18.89 1.96 29.36
CA LYS C 23 19.31 0.73 30.03
C LYS C 23 20.04 1.02 31.33
N GLU C 24 20.74 2.15 31.41
CA GLU C 24 21.45 2.51 32.64
C GLU C 24 20.50 3.18 33.62
N LEU C 25 19.61 4.05 33.14
CA LEU C 25 18.59 4.68 33.98
C LEU C 25 17.35 3.80 33.91
N ALA C 26 17.11 3.02 34.98
CA ALA C 26 16.01 2.06 35.01
C ALA C 26 14.69 2.82 35.06
N ARG C 27 14.04 2.97 33.90
CA ARG C 27 12.78 3.69 33.81
C ARG C 27 11.92 3.05 32.74
N TYR C 28 10.63 3.38 32.76
CA TYR C 28 9.68 2.96 31.72
C TYR C 28 9.55 4.13 30.75
N GLU C 29 10.00 3.92 29.51
CA GLU C 29 10.16 5.00 28.55
C GLU C 29 8.98 5.09 27.60
N TYR C 30 8.70 6.31 27.15
CA TYR C 30 7.68 6.59 26.16
C TYR C 30 8.31 7.30 24.97
N TRP C 31 7.63 7.20 23.82
CA TRP C 31 8.01 7.93 22.61
C TRP C 31 6.74 8.54 22.05
N PHE C 32 6.62 9.87 22.16
CA PHE C 32 5.40 10.58 21.79
C PHE C 32 4.19 10.00 22.53
N GLU C 33 4.39 9.67 23.80
CA GLU C 33 3.34 9.20 24.69
C GLU C 33 2.90 7.78 24.36
N GLU C 34 3.77 7.00 23.74
CA GLU C 34 3.51 5.60 23.45
C GLU C 34 4.58 4.73 24.10
N PRO C 35 4.20 3.72 24.89
CA PRO C 35 5.22 2.93 25.59
C PRO C 35 6.14 2.21 24.63
N TYR C 36 7.38 1.99 25.06
CA TYR C 36 8.33 1.23 24.27
C TYR C 36 9.40 0.67 25.19
N GLU C 37 9.86 -0.54 24.88
CA GLU C 37 10.96 -1.17 25.60
C GLU C 37 11.95 -1.89 24.70
N SER C 38 11.60 -2.16 23.45
CA SER C 38 12.48 -2.82 22.49
C SER C 38 12.97 -1.82 21.47
N PHE C 39 14.24 -1.97 21.06
CA PHE C 39 14.77 -1.09 20.02
C PHE C 39 13.95 -1.18 18.74
N ASP C 40 13.43 -2.37 18.43
CA ASP C 40 12.59 -2.51 17.25
C ASP C 40 11.29 -1.74 17.40
N GLU C 41 10.72 -1.72 18.60
CA GLU C 41 9.54 -0.90 18.85
C GLU C 41 9.87 0.58 18.86
N LEU C 42 11.07 0.93 19.36
CA LEU C 42 11.51 2.32 19.32
C LEU C 42 11.69 2.80 17.89
N GLU C 43 12.30 1.98 17.04
CA GLU C 43 12.57 2.41 15.67
C GLU C 43 11.28 2.55 14.87
N GLU C 44 10.29 1.69 15.13
CA GLU C 44 9.00 1.85 14.45
C GLU C 44 8.29 3.11 14.93
N LEU C 45 8.33 3.38 16.23
CA LEU C 45 7.72 4.60 16.74
C LEU C 45 8.43 5.84 16.20
N TYR C 46 9.75 5.77 16.06
CA TYR C 46 10.50 6.89 15.50
C TYR C 46 10.04 7.18 14.08
N ASN C 47 9.91 6.14 13.26
CA ASN C 47 9.47 6.34 11.88
C ASN C 47 8.01 6.78 11.82
N LYS C 48 7.21 6.42 12.83
CA LYS C 48 5.81 6.82 12.84
C LYS C 48 5.65 8.30 13.18
N HIS C 49 6.46 8.82 14.11
CA HIS C 49 6.37 10.19 14.58
C HIS C 49 7.56 11.02 14.12
N ILE C 50 8.02 10.82 12.88
CA ILE C 50 9.19 11.55 12.41
C ILE C 50 8.85 12.99 12.09
N HIS C 51 7.65 13.23 11.56
CA HIS C 51 7.20 14.59 11.24
C HIS C 51 6.37 15.21 12.36
N ASP C 52 5.99 14.43 13.38
CA ASP C 52 5.25 14.99 14.50
C ASP C 52 6.13 15.98 15.25
N ASN C 53 5.52 17.10 15.67
CA ASN C 53 6.23 18.15 16.38
C ASN C 53 5.75 18.33 17.81
N ALA C 54 4.93 17.41 18.32
CA ALA C 54 4.53 17.47 19.72
C ALA C 54 5.71 17.26 20.67
N GLU C 55 6.82 16.75 20.15
CA GLU C 55 8.01 16.53 20.96
C GLU C 55 9.24 16.76 20.07
N ARG C 56 10.27 17.36 20.65
CA ARG C 56 11.51 17.64 19.95
C ARG C 56 12.68 17.19 20.82
N ARG C 57 13.62 16.47 20.20
CA ARG C 57 14.75 15.89 20.92
C ARG C 57 16.05 16.26 20.21
N PHE C 58 17.09 16.50 21.01
CA PHE C 58 18.40 16.86 20.48
C PHE C 58 19.46 16.11 21.25
N VAL C 59 20.41 15.53 20.52
CA VAL C 59 21.55 14.86 21.13
C VAL C 59 22.71 15.83 21.20
N VAL C 60 23.49 15.74 22.26
CA VAL C 60 24.63 16.62 22.49
C VAL C 60 25.91 15.83 22.23
N GLU C 61 26.85 16.47 21.55
CA GLU C 61 28.15 15.88 21.24
C GLU C 61 29.25 16.83 21.66
N ASP C 62 30.45 16.27 21.85
CA ASP C 62 31.62 17.04 22.21
C ASP C 62 32.43 17.36 20.94
N ALA C 63 33.67 17.79 21.13
CA ALA C 63 34.52 18.09 19.98
C ALA C 63 34.83 16.84 19.17
N GLN C 64 34.96 15.69 19.84
CA GLN C 64 35.23 14.43 19.17
C GLN C 64 33.96 13.74 18.67
N LYS C 65 32.83 14.45 18.67
CA LYS C 65 31.54 13.92 18.21
C LYS C 65 31.08 12.72 19.05
N ASN C 66 31.62 12.54 20.25
CA ASN C 66 31.14 11.53 21.16
C ASN C 66 29.84 11.99 21.83
N LEU C 67 28.87 11.09 21.91
CA LEU C 67 27.55 11.43 22.44
C LEU C 67 27.62 11.66 23.95
N ILE C 68 27.12 12.79 24.40
CA ILE C 68 27.24 13.21 25.78
C ILE C 68 25.93 13.03 26.51
N GLY C 69 24.83 13.16 25.80
CA GLY C 69 23.54 13.08 26.43
C GLY C 69 22.43 13.53 25.50
N LEU C 70 21.24 13.67 26.08
CA LEU C 70 20.02 13.99 25.35
C LEU C 70 19.22 15.06 26.09
N VAL C 71 18.57 15.92 25.32
CA VAL C 71 17.60 16.90 25.81
C VAL C 71 16.29 16.68 25.06
N GLU C 72 15.19 16.65 25.80
CA GLU C 72 13.87 16.38 25.24
C GLU C 72 12.90 17.47 25.64
N LEU C 73 12.19 18.02 24.67
CA LEU C 73 11.06 18.91 24.90
C LEU C 73 9.81 18.15 24.49
N ILE C 74 8.99 17.78 25.46
CA ILE C 74 7.80 16.98 25.23
C ILE C 74 6.58 17.75 25.73
N GLU C 75 5.40 17.19 25.46
CA GLU C 75 4.13 17.81 25.84
C GLU C 75 4.05 19.24 25.34
N ILE C 76 4.60 19.48 24.16
CA ILE C 76 4.63 20.82 23.58
C ILE C 76 3.21 21.25 23.25
N ASN C 77 2.86 22.47 23.64
CA ASN C 77 1.56 23.07 23.34
C ASN C 77 1.81 24.39 22.65
N TYR C 78 1.35 24.51 21.41
CA TYR C 78 1.61 25.71 20.61
C TYR C 78 0.55 26.79 20.79
N ILE C 79 -0.52 26.50 21.52
CA ILE C 79 -1.46 27.54 21.93
C ILE C 79 -1.00 28.21 23.22
N HIS C 80 -0.74 27.41 24.26
CA HIS C 80 -0.23 27.92 25.52
C HIS C 80 1.27 28.16 25.50
N ARG C 81 1.98 27.66 24.49
CA ARG C 81 3.42 27.91 24.33
C ARG C 81 4.19 27.36 25.52
N SER C 82 3.89 26.11 25.90
CA SER C 82 4.55 25.44 26.99
C SER C 82 5.21 24.16 26.49
N ALA C 83 6.05 23.57 27.33
CA ALA C 83 6.73 22.33 27.01
C ALA C 83 7.49 21.84 28.23
N GLU C 84 7.52 20.53 28.41
CA GLU C 84 8.25 19.91 29.51
C GLU C 84 9.67 19.59 29.04
N PHE C 85 10.66 19.96 29.84
CA PHE C 85 12.06 19.72 29.52
C PHE C 85 12.57 18.52 30.31
N GLN C 86 13.47 17.76 29.69
CA GLN C 86 14.08 16.60 30.34
C GLN C 86 15.46 16.41 29.75
N ILE C 87 16.48 16.48 30.60
CA ILE C 87 17.87 16.29 30.18
C ILE C 87 18.38 14.99 30.81
N ILE C 88 19.08 14.19 30.02
CA ILE C 88 19.64 12.92 30.46
C ILE C 88 21.06 12.86 29.94
N ILE C 89 22.03 12.95 30.85
CA ILE C 89 23.45 12.89 30.51
C ILE C 89 23.98 11.52 30.91
N ALA C 90 24.79 10.93 30.04
CA ALA C 90 25.30 9.59 30.29
C ALA C 90 26.23 9.59 31.50
N PRO C 91 26.37 8.45 32.17
CA PRO C 91 27.27 8.40 33.34
C PRO C 91 28.71 8.67 32.99
N GLU C 92 29.13 8.36 31.76
CA GLU C 92 30.51 8.58 31.36
C GLU C 92 30.91 10.05 31.53
N HIS C 93 30.09 10.96 31.02
CA HIS C 93 30.38 12.39 31.06
C HIS C 93 29.61 13.12 32.14
N GLN C 94 29.13 12.41 33.15
CA GLN C 94 28.39 13.02 34.25
C GLN C 94 29.36 13.46 35.33
N GLY C 95 29.31 14.73 35.69
CA GLY C 95 30.20 15.30 36.69
C GLY C 95 31.27 16.21 36.14
N LYS C 96 31.35 16.38 34.82
CA LYS C 96 32.35 17.24 34.20
C LYS C 96 31.85 18.67 34.00
N GLY C 97 30.64 18.99 34.44
CA GLY C 97 30.12 20.33 34.33
C GLY C 97 29.38 20.64 33.05
N PHE C 98 28.95 19.63 32.31
CA PHE C 98 28.23 19.85 31.07
C PHE C 98 26.76 20.19 31.29
N ALA C 99 26.19 19.80 32.42
CA ALA C 99 24.75 19.98 32.64
C ALA C 99 24.35 21.44 32.49
N ARG C 100 25.03 22.35 33.20
CA ARG C 100 24.69 23.76 33.11
C ARG C 100 24.63 24.22 31.66
N THR C 101 25.66 23.91 30.88
CA THR C 101 25.72 24.38 29.50
C THR C 101 24.53 23.88 28.69
N LEU C 102 24.22 22.59 28.80
CA LEU C 102 23.14 22.03 27.99
C LEU C 102 21.78 22.55 28.44
N ILE C 103 21.60 22.81 29.73
CA ILE C 103 20.34 23.37 30.19
C ILE C 103 20.14 24.78 29.63
N ASN C 104 21.21 25.58 29.64
CA ASN C 104 21.12 26.91 29.06
C ASN C 104 20.89 26.84 27.55
N ARG C 105 21.55 25.91 26.87
CA ARG C 105 21.37 25.79 25.44
C ARG C 105 19.95 25.35 25.09
N ALA C 106 19.35 24.49 25.92
CA ALA C 106 17.96 24.11 25.71
C ALA C 106 17.04 25.30 25.92
N LEU C 107 17.26 26.07 26.98
CA LEU C 107 16.45 27.26 27.21
C LEU C 107 16.63 28.27 26.08
N ASP C 108 17.87 28.41 25.60
CA ASP C 108 18.12 29.37 24.52
C ASP C 108 17.33 29.00 23.27
N TYR C 109 17.38 27.73 22.89
CA TYR C 109 16.62 27.27 21.72
C TYR C 109 15.13 27.46 21.93
N SER C 110 14.64 27.21 23.16
CA SER C 110 13.21 27.27 23.40
C SER C 110 12.68 28.70 23.32
N PHE C 111 13.44 29.66 23.86
CA PHE C 111 12.97 31.02 24.00
C PHE C 111 13.41 31.96 22.88
N THR C 112 14.45 31.60 22.13
CA THR C 112 14.94 32.45 21.05
C THR C 112 14.59 31.96 19.66
N ILE C 113 14.30 30.67 19.49
CA ILE C 113 13.99 30.09 18.19
C ILE C 113 12.55 29.61 18.13
N LEU C 114 12.14 28.75 19.07
CA LEU C 114 10.77 28.24 19.07
C LEU C 114 9.76 29.27 19.53
N ASN C 115 10.20 30.32 20.23
CA ASN C 115 9.30 31.37 20.71
C ASN C 115 8.24 30.79 21.65
N LEU C 116 8.71 30.06 22.66
CA LEU C 116 7.84 29.48 23.67
C LEU C 116 7.75 30.40 24.88
N HIS C 117 6.70 30.19 25.67
CA HIS C 117 6.41 31.03 26.82
C HIS C 117 6.88 30.44 28.14
N LYS C 118 6.71 29.13 28.34
CA LYS C 118 7.01 28.50 29.61
C LYS C 118 7.70 27.16 29.38
N ILE C 119 8.73 26.90 30.18
CA ILE C 119 9.44 25.63 30.17
C ILE C 119 9.44 25.10 31.60
N TYR C 120 8.79 23.97 31.82
CA TYR C 120 8.71 23.34 33.14
C TYR C 120 9.38 21.98 33.09
N LEU C 121 9.67 21.44 34.27
CA LEU C 121 10.34 20.16 34.38
C LEU C 121 10.02 19.53 35.73
N HIS C 122 10.08 18.21 35.77
CA HIS C 122 9.91 17.46 37.01
C HIS C 122 11.25 16.91 37.46
N VAL C 123 11.55 17.06 38.75
CA VAL C 123 12.80 16.58 39.33
C VAL C 123 12.49 15.92 40.66
N ALA C 124 13.12 14.76 40.89
CA ALA C 124 12.86 14.01 42.11
C ALA C 124 13.28 14.82 43.33
N VAL C 125 12.42 14.83 44.34
CA VAL C 125 12.74 15.50 45.60
C VAL C 125 13.98 14.89 46.23
N GLU C 126 14.16 13.57 46.08
CA GLU C 126 15.32 12.87 46.62
C GLU C 126 16.61 13.17 45.86
N ASN C 127 16.59 14.08 44.89
CA ASN C 127 17.78 14.49 44.15
C ASN C 127 17.91 16.01 44.28
N PRO C 128 18.28 16.50 45.47
CA PRO C 128 18.33 17.97 45.66
C PRO C 128 19.42 18.64 44.87
N LYS C 129 20.51 17.93 44.53
CA LYS C 129 21.55 18.53 43.72
C LYS C 129 21.00 19.01 42.37
N ALA C 130 20.13 18.21 41.77
CA ALA C 130 19.51 18.61 40.51
C ALA C 130 18.60 19.82 40.70
N VAL C 131 17.90 19.88 41.83
CA VAL C 131 17.05 21.04 42.12
C VAL C 131 17.92 22.29 42.21
N HIS C 132 19.01 22.22 42.97
CA HIS C 132 19.92 23.35 43.06
C HIS C 132 20.47 23.75 41.70
N LEU C 133 20.81 22.76 40.87
CA LEU C 133 21.31 23.04 39.53
C LEU C 133 20.28 23.82 38.72
N TYR C 134 19.06 23.28 38.62
CA TYR C 134 18.02 23.96 37.84
C TYR C 134 17.72 25.34 38.41
N GLU C 135 17.77 25.49 39.73
CA GLU C 135 17.53 26.80 40.33
C GLU C 135 18.61 27.80 39.93
N GLU C 136 19.86 27.35 39.85
CA GLU C 136 20.93 28.22 39.38
C GLU C 136 20.76 28.58 37.92
N CYS C 137 20.14 27.70 37.14
CA CYS C 137 19.91 27.97 35.71
C CYS C 137 18.66 28.82 35.47
N GLY C 138 17.93 29.20 36.50
CA GLY C 138 16.82 30.12 36.37
C GLY C 138 15.46 29.54 36.68
N PHE C 139 15.39 28.29 37.13
CA PHE C 139 14.11 27.67 37.41
C PHE C 139 13.63 28.01 38.81
N VAL C 140 12.31 27.96 39.00
CA VAL C 140 11.67 28.25 40.27
C VAL C 140 10.62 27.19 40.54
N GLU C 141 10.55 26.72 41.79
CA GLU C 141 9.56 25.72 42.16
C GLU C 141 8.16 26.31 42.08
N GLU C 142 7.27 25.62 41.36
CA GLU C 142 5.86 25.96 41.31
C GLU C 142 4.98 24.82 41.82
N GLY C 143 5.57 23.69 42.23
CA GLY C 143 4.81 22.59 42.77
C GLY C 143 5.66 21.53 43.43
N HIS C 144 5.08 20.82 44.39
CA HIS C 144 5.70 19.65 45.03
C HIS C 144 4.72 18.50 44.87
N LEU C 145 4.71 17.90 43.69
CA LEU C 145 3.74 16.86 43.36
C LEU C 145 4.00 15.63 44.22
N VAL C 146 2.98 15.20 44.96
CA VAL C 146 3.12 14.15 45.97
C VAL C 146 2.81 12.81 45.33
N GLU C 147 3.77 11.89 45.41
CA GLU C 147 3.60 10.53 44.91
C GLU C 147 3.10 10.54 43.46
N GLU C 148 3.81 11.29 42.62
CA GLU C 148 3.39 11.48 41.23
C GLU C 148 3.81 10.31 40.35
N PHE C 149 5.04 9.82 40.52
CA PHE C 149 5.56 8.73 39.72
C PHE C 149 6.00 7.59 40.63
N PHE C 150 5.82 6.36 40.15
CA PHE C 150 6.33 5.17 40.83
C PHE C 150 7.73 4.91 40.31
N ILE C 151 8.74 5.30 41.08
CA ILE C 151 10.14 5.22 40.67
C ILE C 151 10.85 4.24 41.59
N ASN C 152 11.52 3.26 40.99
CA ASN C 152 12.37 2.31 41.70
C ASN C 152 11.66 1.76 42.94
N GLY C 153 10.48 1.19 42.71
CA GLY C 153 9.78 0.46 43.75
C GLY C 153 9.08 1.30 44.80
N ARG C 154 8.92 2.59 44.57
CA ARG C 154 8.26 3.47 45.53
C ARG C 154 7.65 4.65 44.80
N TYR C 155 6.49 5.10 45.27
CA TYR C 155 5.93 6.35 44.81
C TYR C 155 6.75 7.50 45.36
N GLN C 156 7.31 8.32 44.48
CA GLN C 156 8.21 9.40 44.85
C GLN C 156 7.60 10.76 44.51
N ASP C 157 7.86 11.74 45.37
CA ASP C 157 7.45 13.10 45.10
C ASP C 157 8.43 13.75 44.13
N VAL C 158 7.93 14.71 43.35
CA VAL C 158 8.74 15.42 42.36
C VAL C 158 8.42 16.90 42.43
N LYS C 159 9.46 17.72 42.33
CA LYS C 159 9.28 19.16 42.23
C LYS C 159 9.01 19.52 40.78
N ARG C 160 7.93 20.25 40.54
CA ARG C 160 7.70 20.87 39.24
C ARG C 160 8.24 22.30 39.29
N MET C 161 9.26 22.57 38.48
CA MET C 161 9.94 23.85 38.46
C MET C 161 9.88 24.43 37.05
N TYR C 162 9.73 25.74 36.95
CA TYR C 162 9.43 26.41 35.69
C TYR C 162 10.38 27.58 35.47
N ILE C 163 10.36 28.07 34.24
CA ILE C 163 11.04 29.32 33.88
C ILE C 163 10.29 29.92 32.70
N LEU C 164 10.16 31.24 32.70
CA LEU C 164 9.40 31.95 31.68
C LEU C 164 10.32 32.58 30.65
N GLN C 165 9.75 32.84 29.47
CA GLN C 165 10.53 33.46 28.40
C GLN C 165 10.98 34.87 28.80
N SER C 166 10.13 35.59 29.53
CA SER C 166 10.47 36.96 29.92
C SER C 166 11.75 36.99 30.75
N LYS C 167 11.81 36.20 31.82
CA LYS C 167 12.97 36.24 32.70
C LYS C 167 14.24 35.86 31.96
N TYR C 168 14.15 34.89 31.04
CA TYR C 168 15.35 34.42 30.36
C TYR C 168 15.88 35.47 29.39
N LEU C 169 14.98 36.21 28.73
CA LEU C 169 15.38 37.17 27.72
C LEU C 169 15.64 38.57 28.29
N ASN C 170 15.33 38.79 29.57
CA ASN C 170 15.57 40.09 30.19
C ASN C 170 16.61 39.97 31.31
N SER D 3 -28.64 34.31 -23.49
CA SER D 3 -27.19 34.14 -23.45
C SER D 3 -26.69 34.10 -22.01
N GLN D 4 -27.59 33.84 -21.07
CA GLN D 4 -27.22 33.74 -19.66
C GLN D 4 -26.71 32.34 -19.34
N LEU D 5 -25.70 31.90 -20.10
CA LEU D 5 -25.10 30.59 -19.87
C LEU D 5 -23.94 30.71 -18.89
N THR D 6 -23.82 29.72 -18.01
CA THR D 6 -22.82 29.73 -16.95
C THR D 6 -21.90 28.53 -17.08
N LEU D 7 -20.61 28.76 -16.86
CA LEU D 7 -19.62 27.69 -16.84
C LEU D 7 -19.51 27.13 -15.43
N ARG D 8 -19.13 25.85 -15.34
CA ARG D 8 -19.00 25.17 -14.07
C ARG D 8 -17.92 24.11 -14.19
N ALA D 9 -17.16 23.92 -13.12
CA ALA D 9 -16.10 22.93 -13.13
C ALA D 9 -16.69 21.52 -13.31
N LEU D 10 -15.99 20.70 -14.08
CA LEU D 10 -16.44 19.33 -14.33
C LEU D 10 -16.40 18.52 -13.04
N GLU D 11 -17.50 17.83 -12.76
CA GLU D 11 -17.61 16.97 -11.59
C GLU D 11 -18.01 15.56 -12.02
N ARG D 12 -17.81 14.61 -11.12
CA ARG D 12 -18.02 13.21 -11.46
C ARG D 12 -19.43 12.97 -11.98
N GLY D 13 -20.41 13.75 -11.51
CA GLY D 13 -21.77 13.60 -11.99
C GLY D 13 -21.93 13.88 -13.47
N ASP D 14 -21.01 14.63 -14.07
CA ASP D 14 -21.09 14.98 -15.47
C ASP D 14 -20.36 14.00 -16.38
N LEU D 15 -19.66 13.00 -15.82
CA LEU D 15 -18.90 12.07 -16.65
C LEU D 15 -19.81 11.32 -17.62
N ARG D 16 -20.97 10.87 -17.13
CA ARG D 16 -21.89 10.14 -18.00
C ARG D 16 -22.28 10.97 -19.22
N PHE D 17 -22.52 12.27 -19.01
CA PHE D 17 -22.86 13.15 -20.13
C PHE D 17 -21.76 13.15 -21.18
N ILE D 18 -20.50 13.29 -20.74
CA ILE D 18 -19.39 13.33 -21.68
C ILE D 18 -19.24 12.00 -22.40
N HIS D 19 -19.62 10.90 -21.74
CA HIS D 19 -19.48 9.59 -22.38
C HIS D 19 -20.49 9.44 -23.51
N ASN D 20 -21.69 9.99 -23.35
CA ASN D 20 -22.73 9.91 -24.35
C ASN D 20 -22.64 11.03 -25.39
N LEU D 21 -21.58 11.84 -25.34
CA LEU D 21 -21.43 12.97 -26.25
C LEU D 21 -20.29 12.73 -27.24
N ALA D 26 -18.34 7.64 -33.85
CA ALA D 26 -17.25 7.09 -33.05
C ALA D 26 -15.98 7.92 -33.24
N ARG D 27 -15.17 7.99 -32.19
CA ARG D 27 -13.90 8.72 -32.25
C ARG D 27 -13.01 8.20 -31.14
N TYR D 28 -11.69 8.26 -31.40
CA TYR D 28 -10.70 7.76 -30.44
C TYR D 28 -10.42 8.87 -29.43
N GLU D 29 -11.16 8.84 -28.33
CA GLU D 29 -11.09 9.87 -27.31
C GLU D 29 -9.96 9.59 -26.32
N TYR D 30 -9.50 10.66 -25.67
CA TYR D 30 -8.45 10.59 -24.66
C TYR D 30 -8.91 11.30 -23.40
N TRP D 31 -8.23 11.00 -22.29
CA TRP D 31 -8.43 11.71 -21.03
C TRP D 31 -7.06 11.86 -20.38
N PHE D 32 -6.55 13.08 -20.36
CA PHE D 32 -5.18 13.34 -19.91
C PHE D 32 -4.20 12.46 -20.69
N GLU D 33 -4.43 12.35 -21.99
CA GLU D 33 -3.58 11.58 -22.89
C GLU D 33 -3.53 10.11 -22.49
N GLU D 34 -4.69 9.55 -22.20
CA GLU D 34 -4.82 8.12 -21.93
C GLU D 34 -6.07 7.59 -22.64
N PRO D 35 -5.92 6.65 -23.58
CA PRO D 35 -7.11 6.16 -24.30
C PRO D 35 -8.15 5.59 -23.36
N TYR D 36 -9.42 5.78 -23.73
CA TYR D 36 -10.52 5.17 -23.01
C TYR D 36 -11.66 4.92 -23.98
N GLU D 37 -12.36 3.81 -23.78
CA GLU D 37 -13.56 3.47 -24.54
C GLU D 37 -14.80 3.33 -23.67
N SER D 38 -14.66 2.80 -22.46
CA SER D 38 -15.79 2.52 -21.59
C SER D 38 -15.91 3.58 -20.49
N PHE D 39 -17.11 3.68 -19.93
CA PHE D 39 -17.34 4.63 -18.84
C PHE D 39 -16.57 4.26 -17.59
N ASP D 40 -16.41 2.96 -17.32
CA ASP D 40 -15.60 2.54 -16.18
C ASP D 40 -14.14 2.94 -16.38
N GLU D 41 -13.63 2.79 -17.60
CA GLU D 41 -12.27 3.20 -17.90
C GLU D 41 -12.13 4.72 -17.75
N LEU D 42 -13.16 5.46 -18.18
CA LEU D 42 -13.14 6.91 -18.02
C LEU D 42 -13.19 7.30 -16.55
N GLU D 43 -14.05 6.63 -15.77
CA GLU D 43 -14.22 7.01 -14.38
C GLU D 43 -12.94 6.77 -13.58
N GLU D 44 -12.21 5.70 -13.88
CA GLU D 44 -10.96 5.46 -13.17
C GLU D 44 -9.91 6.50 -13.57
N LEU D 45 -9.91 6.91 -14.85
CA LEU D 45 -9.01 7.96 -15.28
C LEU D 45 -9.36 9.29 -14.62
N TYR D 46 -10.66 9.57 -14.47
CA TYR D 46 -11.07 10.81 -13.82
C TYR D 46 -10.59 10.88 -12.38
N ASN D 47 -10.85 9.82 -11.61
CA ASN D 47 -10.38 9.77 -10.23
C ASN D 47 -8.86 9.75 -10.14
N LYS D 48 -8.18 9.34 -11.21
CA LYS D 48 -6.72 9.34 -11.22
C LYS D 48 -6.18 10.75 -11.39
N HIS D 49 -6.71 11.49 -12.37
CA HIS D 49 -6.26 12.86 -12.66
C HIS D 49 -7.14 13.91 -11.99
N ILE D 50 -7.69 13.60 -10.81
CA ILE D 50 -8.60 14.53 -10.15
C ILE D 50 -7.89 15.82 -9.79
N HIS D 51 -6.58 15.75 -9.51
CA HIS D 51 -5.81 16.92 -9.10
C HIS D 51 -4.82 17.39 -10.16
N ASP D 52 -4.75 16.72 -11.30
CA ASP D 52 -3.81 17.12 -12.34
C ASP D 52 -4.33 18.34 -13.09
N ASN D 53 -3.49 19.36 -13.20
CA ASN D 53 -3.85 20.60 -13.88
C ASN D 53 -3.30 20.68 -15.30
N ALA D 54 -2.76 19.57 -15.83
CA ALA D 54 -2.34 19.56 -17.23
C ALA D 54 -3.51 19.76 -18.18
N GLU D 55 -4.74 19.52 -17.71
CA GLU D 55 -5.93 19.71 -18.52
C GLU D 55 -7.05 20.19 -17.61
N ARG D 56 -7.80 21.18 -18.07
CA ARG D 56 -8.93 21.74 -17.33
C ARG D 56 -10.17 21.66 -18.20
N ARG D 57 -11.28 21.26 -17.60
CA ARG D 57 -12.53 21.05 -18.31
C ARG D 57 -13.67 21.73 -17.56
N PHE D 58 -14.62 22.28 -18.31
CA PHE D 58 -15.76 22.98 -17.75
C PHE D 58 -16.99 22.70 -18.61
N VAL D 59 -18.12 22.45 -17.95
CA VAL D 59 -19.39 22.23 -18.63
C VAL D 59 -20.20 23.50 -18.55
N VAL D 60 -20.90 23.83 -19.64
CA VAL D 60 -21.72 25.03 -19.71
C VAL D 60 -23.18 24.62 -19.67
N GLU D 61 -23.96 25.28 -18.81
CA GLU D 61 -25.36 24.96 -18.60
C GLU D 61 -26.17 26.25 -18.61
N ASP D 62 -27.45 26.12 -18.97
CA ASP D 62 -28.32 27.28 -19.11
C ASP D 62 -28.93 27.63 -17.76
N ALA D 63 -30.09 28.28 -17.76
CA ALA D 63 -30.69 28.74 -16.50
C ALA D 63 -31.23 27.57 -15.69
N GLN D 64 -31.99 26.68 -16.33
CA GLN D 64 -32.58 25.54 -15.65
C GLN D 64 -31.62 24.35 -15.51
N LYS D 65 -30.31 24.60 -15.57
CA LYS D 65 -29.30 23.57 -15.34
C LYS D 65 -29.42 22.43 -16.35
N ASN D 66 -29.29 22.80 -17.63
CA ASN D 66 -29.32 21.85 -18.73
C ASN D 66 -27.98 21.91 -19.44
N LEU D 67 -27.20 20.83 -19.36
CA LEU D 67 -25.89 20.79 -19.98
C LEU D 67 -26.03 20.89 -21.50
N ILE D 68 -25.23 21.76 -22.11
CA ILE D 68 -25.34 22.01 -23.55
C ILE D 68 -24.00 21.79 -24.24
N GLY D 69 -22.90 21.94 -23.50
CA GLY D 69 -21.59 21.80 -24.12
C GLY D 69 -20.49 21.63 -23.10
N LEU D 70 -19.29 21.35 -23.63
CA LEU D 70 -18.08 21.15 -22.83
C LEU D 70 -16.93 21.92 -23.48
N VAL D 71 -16.10 22.53 -22.63
CA VAL D 71 -14.88 23.20 -23.07
C VAL D 71 -13.70 22.50 -22.41
N GLU D 72 -12.70 22.14 -23.21
CA GLU D 72 -11.52 21.44 -22.73
C GLU D 72 -10.29 22.28 -23.04
N LEU D 73 -9.45 22.47 -22.02
CA LEU D 73 -8.12 23.05 -22.19
C LEU D 73 -7.12 21.93 -21.90
N ILE D 74 -6.38 21.53 -22.93
CA ILE D 74 -5.44 20.41 -22.81
C ILE D 74 -4.04 20.88 -23.22
N GLU D 75 -3.05 20.07 -22.88
CA GLU D 75 -1.65 20.39 -23.17
C GLU D 75 -1.27 21.77 -22.61
N ILE D 76 -1.73 22.05 -21.39
CA ILE D 76 -1.45 23.33 -20.76
C ILE D 76 0.01 23.37 -20.32
N ASN D 77 0.72 24.40 -20.76
CA ASN D 77 2.12 24.61 -20.39
C ASN D 77 2.22 25.93 -19.64
N TYR D 78 2.60 25.86 -18.37
CA TYR D 78 2.64 27.03 -17.49
C TYR D 78 3.94 27.81 -17.58
N ILE D 79 4.91 27.33 -18.35
CA ILE D 79 6.11 28.11 -18.63
C ILE D 79 5.94 28.96 -19.88
N HIS D 80 5.49 28.34 -20.97
CA HIS D 80 5.17 29.06 -22.19
C HIS D 80 3.76 29.64 -22.18
N ARG D 81 2.90 29.18 -21.26
CA ARG D 81 1.57 29.74 -21.07
C ARG D 81 0.72 29.59 -22.34
N SER D 82 0.62 28.36 -22.80
CA SER D 82 -0.19 28.02 -23.96
C SER D 82 -1.14 26.89 -23.58
N ALA D 83 -2.12 26.63 -24.46
CA ALA D 83 -3.10 25.60 -24.19
C ALA D 83 -3.91 25.33 -25.45
N GLU D 84 -4.19 24.05 -25.71
CA GLU D 84 -5.05 23.67 -26.82
C GLU D 84 -6.50 23.66 -26.36
N PHE D 85 -7.34 24.37 -27.09
CA PHE D 85 -8.75 24.52 -26.75
C PHE D 85 -9.60 23.61 -27.64
N GLN D 86 -10.55 22.91 -27.01
CA GLN D 86 -11.50 22.05 -27.72
C GLN D 86 -12.89 22.39 -27.23
N ILE D 87 -13.82 22.53 -28.16
CA ILE D 87 -15.20 22.91 -27.87
C ILE D 87 -16.13 21.83 -28.39
N ILE D 88 -17.04 21.37 -27.54
CA ILE D 88 -18.05 20.39 -27.90
C ILE D 88 -19.41 20.94 -27.49
N ILE D 89 -20.38 20.84 -28.39
CA ILE D 89 -21.74 21.32 -28.13
C ILE D 89 -22.70 20.16 -28.35
N ALA D 90 -23.66 20.01 -27.44
CA ALA D 90 -24.61 18.91 -27.53
C ALA D 90 -25.44 19.06 -28.80
N PRO D 91 -25.67 17.97 -29.54
CA PRO D 91 -26.46 18.09 -30.79
C PRO D 91 -27.81 18.73 -30.59
N GLU D 92 -28.38 18.62 -29.38
CA GLU D 92 -29.70 19.19 -29.14
C GLU D 92 -29.67 20.71 -29.11
N HIS D 93 -28.55 21.29 -28.68
CA HIS D 93 -28.41 22.74 -28.59
C HIS D 93 -27.59 23.32 -29.74
N GLN D 94 -27.12 22.49 -30.66
CA GLN D 94 -26.38 22.99 -31.81
C GLN D 94 -27.27 23.86 -32.68
N GLY D 95 -26.66 24.85 -33.32
CA GLY D 95 -27.38 25.73 -34.21
C GLY D 95 -28.25 26.76 -33.52
N LYS D 96 -28.19 26.86 -32.20
CA LYS D 96 -28.99 27.83 -31.45
C LYS D 96 -28.21 29.11 -31.16
N GLY D 97 -26.98 29.24 -31.64
CA GLY D 97 -26.23 30.46 -31.46
C GLY D 97 -25.49 30.57 -30.14
N PHE D 98 -24.99 29.45 -29.61
CA PHE D 98 -24.23 29.46 -28.38
C PHE D 98 -22.73 29.34 -28.60
N ALA D 99 -22.30 28.85 -29.77
CA ALA D 99 -20.87 28.63 -30.00
C ALA D 99 -20.06 29.88 -29.71
N ARG D 100 -20.48 31.02 -30.26
CA ARG D 100 -19.75 32.27 -30.04
C ARG D 100 -19.61 32.56 -28.55
N THR D 101 -20.69 32.39 -27.79
CA THR D 101 -20.63 32.68 -26.36
C THR D 101 -19.70 31.73 -25.63
N LEU D 102 -19.74 30.44 -25.98
CA LEU D 102 -18.87 29.47 -25.32
C LEU D 102 -17.40 29.77 -25.60
N ILE D 103 -17.07 30.08 -26.85
CA ILE D 103 -15.69 30.35 -27.21
C ILE D 103 -15.17 31.57 -26.47
N ASN D 104 -15.96 32.64 -26.44
CA ASN D 104 -15.52 33.87 -25.77
C ASN D 104 -15.46 33.70 -24.27
N ARG D 105 -16.33 32.87 -23.69
CA ARG D 105 -16.25 32.60 -22.26
C ARG D 105 -15.03 31.74 -21.93
N ALA D 106 -14.65 30.84 -22.83
CA ALA D 106 -13.42 30.07 -22.63
C ALA D 106 -12.20 30.98 -22.75
N LEU D 107 -12.18 31.86 -23.75
CA LEU D 107 -11.09 32.81 -23.90
C LEU D 107 -11.02 33.76 -22.71
N ASP D 108 -12.17 34.15 -22.17
CA ASP D 108 -12.17 35.03 -21.02
C ASP D 108 -11.54 34.36 -19.81
N TYR D 109 -11.89 33.09 -19.57
CA TYR D 109 -11.29 32.36 -18.45
C TYR D 109 -9.79 32.17 -18.66
N SER D 110 -9.38 31.88 -19.90
CA SER D 110 -7.98 31.61 -20.17
C SER D 110 -7.12 32.86 -19.97
N PHE D 111 -7.65 34.03 -20.33
CA PHE D 111 -6.87 35.25 -20.36
C PHE D 111 -7.11 36.17 -19.15
N THR D 112 -8.17 35.94 -18.37
CA THR D 112 -8.47 36.79 -17.23
C THR D 112 -8.27 36.10 -15.89
N ILE D 113 -8.20 34.77 -15.86
CA ILE D 113 -8.05 34.03 -14.61
C ILE D 113 -6.76 33.22 -14.66
N LEU D 114 -6.67 32.31 -15.64
CA LEU D 114 -5.49 31.46 -15.77
C LEU D 114 -4.25 32.25 -16.15
N ASN D 115 -4.40 33.42 -16.76
CA ASN D 115 -3.27 34.26 -17.15
C ASN D 115 -2.44 33.60 -18.25
N LEU D 116 -3.07 32.81 -19.10
CA LEU D 116 -2.37 32.21 -20.22
C LEU D 116 -2.04 33.26 -21.27
N HIS D 117 -1.06 32.93 -22.12
CA HIS D 117 -0.58 33.85 -23.16
C HIS D 117 -1.12 33.52 -24.54
N LYS D 118 -1.35 32.25 -24.85
CA LYS D 118 -1.77 31.85 -26.19
C LYS D 118 -2.76 30.69 -26.08
N ILE D 119 -3.77 30.72 -26.95
CA ILE D 119 -4.77 29.67 -27.05
C ILE D 119 -4.85 29.25 -28.51
N TYR D 120 -4.55 27.99 -28.79
CA TYR D 120 -4.60 27.46 -30.15
C TYR D 120 -5.58 26.30 -30.20
N LEU D 121 -6.05 26.00 -31.41
CA LEU D 121 -7.03 24.94 -31.62
C LEU D 121 -6.86 24.37 -33.02
N HIS D 122 -7.26 23.12 -33.18
CA HIS D 122 -7.28 22.45 -34.48
C HIS D 122 -8.72 22.32 -34.96
N VAL D 123 -8.95 22.67 -36.22
CA VAL D 123 -10.27 22.59 -36.83
C VAL D 123 -10.13 21.94 -38.20
N ALA D 124 -11.03 21.01 -38.48
CA ALA D 124 -10.95 20.25 -39.73
C ALA D 124 -11.00 21.18 -40.94
N VAL D 125 -10.11 20.93 -41.90
CA VAL D 125 -10.08 21.73 -43.12
C VAL D 125 -11.38 21.57 -43.90
N GLU D 126 -12.04 20.42 -43.75
CA GLU D 126 -13.31 20.18 -44.42
C GLU D 126 -14.51 20.75 -43.67
N ASN D 127 -14.28 21.63 -42.69
CA ASN D 127 -15.34 22.29 -41.93
C ASN D 127 -15.06 23.79 -41.93
N PRO D 128 -15.24 24.46 -43.07
CA PRO D 128 -14.90 25.89 -43.14
C PRO D 128 -15.83 26.78 -42.32
N LYS D 129 -17.03 26.32 -41.99
CA LYS D 129 -17.90 27.14 -41.15
C LYS D 129 -17.32 27.30 -39.75
N ALA D 130 -16.72 26.24 -39.20
CA ALA D 130 -16.06 26.36 -37.91
C ALA D 130 -14.87 27.31 -37.99
N VAL D 131 -14.12 27.26 -39.10
CA VAL D 131 -13.01 28.18 -39.28
C VAL D 131 -13.51 29.63 -39.24
N HIS D 132 -14.55 29.92 -40.04
CA HIS D 132 -15.09 31.27 -40.06
C HIS D 132 -15.57 31.70 -38.68
N LEU D 133 -16.23 30.79 -37.95
CA LEU D 133 -16.75 31.14 -36.64
C LEU D 133 -15.62 31.47 -35.68
N TYR D 134 -14.56 30.65 -35.67
CA TYR D 134 -13.41 30.95 -34.83
C TYR D 134 -12.77 32.27 -35.24
N GLU D 135 -12.66 32.52 -36.55
CA GLU D 135 -12.10 33.79 -37.01
C GLU D 135 -12.91 34.97 -36.49
N GLU D 136 -14.24 34.85 -36.52
CA GLU D 136 -15.08 35.89 -35.94
C GLU D 136 -14.79 36.07 -34.45
N CYS D 137 -14.42 34.99 -33.76
CA CYS D 137 -14.10 35.06 -32.35
C CYS D 137 -12.71 35.62 -32.08
N GLY D 138 -11.86 35.74 -33.10
CA GLY D 138 -10.58 36.38 -32.94
C GLY D 138 -9.39 35.49 -33.22
N PHE D 139 -9.62 34.34 -33.84
CA PHE D 139 -8.54 33.41 -34.16
C PHE D 139 -7.99 33.71 -35.54
N VAL D 140 -6.70 33.42 -35.72
CA VAL D 140 -5.99 33.64 -36.98
C VAL D 140 -5.20 32.38 -37.30
N GLU D 141 -5.27 31.95 -38.55
CA GLU D 141 -4.56 30.75 -38.97
C GLU D 141 -3.06 30.91 -38.81
N GLU D 142 -2.43 29.92 -38.17
CA GLU D 142 -0.98 29.88 -38.04
C GLU D 142 -0.37 28.62 -38.62
N GLY D 143 -1.18 27.66 -39.05
CA GLY D 143 -0.66 26.45 -39.63
C GLY D 143 -1.71 25.63 -40.34
N HIS D 144 -1.31 24.92 -41.40
CA HIS D 144 -2.17 24.01 -42.15
C HIS D 144 -1.54 22.63 -42.05
N LEU D 145 -1.83 21.94 -40.95
CA LEU D 145 -1.22 20.64 -40.70
C LEU D 145 -1.76 19.61 -41.68
N VAL D 146 -0.86 18.92 -42.37
CA VAL D 146 -1.22 17.99 -43.43
C VAL D 146 -1.27 16.58 -42.84
N GLU D 147 -2.41 15.92 -43.01
CA GLU D 147 -2.59 14.54 -42.56
C GLU D 147 -2.15 14.37 -41.12
N GLU D 148 -2.73 15.21 -40.25
CA GLU D 148 -2.37 15.19 -38.84
C GLU D 148 -3.12 14.10 -38.08
N PHE D 149 -4.38 13.85 -38.45
CA PHE D 149 -5.23 12.90 -37.75
C PHE D 149 -5.91 11.98 -38.75
N PHE D 150 -6.00 10.70 -38.40
CA PHE D 150 -6.77 9.72 -39.15
C PHE D 150 -8.18 9.72 -38.58
N ILE D 151 -9.12 10.35 -39.30
CA ILE D 151 -10.48 10.52 -38.84
C ILE D 151 -11.42 9.87 -39.86
N ASN D 152 -12.34 9.04 -39.36
CA ASN D 152 -13.39 8.43 -40.18
C ASN D 152 -12.81 7.81 -41.45
N GLY D 153 -11.69 7.13 -41.31
CA GLY D 153 -11.14 6.33 -42.38
C GLY D 153 -10.19 7.04 -43.34
N ARG D 154 -9.90 8.33 -43.10
CA ARG D 154 -9.02 9.08 -43.98
C ARG D 154 -8.18 10.05 -43.16
N TYR D 155 -6.93 10.25 -43.59
CA TYR D 155 -6.09 11.28 -42.99
C TYR D 155 -6.59 12.65 -43.44
N GLN D 156 -6.94 13.49 -42.46
CA GLN D 156 -7.51 14.80 -42.74
C GLN D 156 -6.55 15.90 -42.28
N ASP D 157 -6.43 16.94 -43.10
CA ASP D 157 -5.70 18.12 -42.70
C ASP D 157 -6.53 18.95 -41.74
N VAL D 158 -5.85 19.76 -40.92
CA VAL D 158 -6.51 20.60 -39.93
C VAL D 158 -5.81 21.95 -39.87
N LYS D 159 -6.60 23.00 -39.75
CA LYS D 159 -6.07 24.34 -39.55
C LYS D 159 -5.75 24.54 -38.07
N ARG D 160 -4.51 24.92 -37.78
CA ARG D 160 -4.14 25.33 -36.43
C ARG D 160 -4.25 26.85 -36.35
N MET D 161 -5.09 27.34 -35.46
CA MET D 161 -5.39 28.77 -35.34
C MET D 161 -5.26 29.20 -33.89
N TYR D 162 -4.71 30.39 -33.68
CA TYR D 162 -4.34 30.86 -32.35
C TYR D 162 -4.98 32.21 -32.07
N ILE D 163 -4.93 32.59 -30.78
CA ILE D 163 -5.32 33.91 -30.33
C ILE D 163 -4.47 34.23 -29.10
N LEU D 164 -3.95 35.46 -29.05
CA LEU D 164 -3.03 35.86 -27.99
C LEU D 164 -3.77 36.66 -26.92
N GLN D 165 -3.22 36.60 -25.70
CA GLN D 165 -3.85 37.28 -24.58
C GLN D 165 -4.00 38.78 -24.84
N SER D 166 -3.00 39.38 -25.48
CA SER D 166 -3.04 40.81 -25.75
C SER D 166 -4.21 41.16 -26.66
N LYS D 167 -4.31 40.47 -27.81
CA LYS D 167 -5.37 40.77 -28.77
C LYS D 167 -6.75 40.65 -28.13
N TYR D 168 -6.93 39.73 -27.19
CA TYR D 168 -8.23 39.55 -26.57
C TYR D 168 -8.51 40.60 -25.51
N LEU D 169 -7.54 40.89 -24.65
CA LEU D 169 -7.77 41.83 -23.56
C LEU D 169 -7.94 43.25 -24.08
N ASN D 170 -7.10 43.66 -25.02
CA ASN D 170 -7.17 45.01 -25.59
C ASN D 170 -8.35 45.10 -26.56
N SER E 3 -28.01 11.65 43.93
CA SER E 3 -29.27 10.93 43.72
C SER E 3 -29.93 11.39 42.42
N GLN E 4 -30.47 10.43 41.67
CA GLN E 4 -31.12 10.64 40.38
C GLN E 4 -30.12 10.84 39.24
N LEU E 5 -28.87 11.13 39.57
CA LEU E 5 -27.84 11.34 38.57
C LEU E 5 -27.19 10.00 38.22
N THR E 6 -27.02 9.74 36.93
CA THR E 6 -26.44 8.49 36.44
C THR E 6 -25.31 8.81 35.48
N LEU E 7 -24.18 8.13 35.63
CA LEU E 7 -23.05 8.26 34.73
C LEU E 7 -23.06 7.11 33.74
N ARG E 8 -23.02 7.44 32.45
CA ARG E 8 -23.06 6.47 31.37
C ARG E 8 -21.81 6.59 30.51
N ALA E 9 -21.46 5.50 29.84
CA ALA E 9 -20.30 5.50 28.97
C ALA E 9 -20.62 6.28 27.68
N LEU E 10 -19.64 7.04 27.22
CA LEU E 10 -19.83 7.88 26.04
C LEU E 10 -20.11 7.03 24.81
N GLU E 11 -21.03 7.50 23.97
CA GLU E 11 -21.37 6.86 22.71
C GLU E 11 -21.20 7.85 21.57
N ARG E 12 -21.11 7.32 20.35
CA ARG E 12 -20.99 8.19 19.18
C ARG E 12 -22.16 9.16 19.12
N GLY E 13 -23.36 8.70 19.46
CA GLY E 13 -24.53 9.58 19.45
C GLY E 13 -24.43 10.72 20.43
N ASP E 14 -23.55 10.61 21.44
CA ASP E 14 -23.36 11.67 22.42
C ASP E 14 -22.32 12.70 21.99
N LEU E 15 -21.65 12.48 20.86
CA LEU E 15 -20.59 13.40 20.44
C LEU E 15 -21.15 14.80 20.18
N ARG E 16 -22.37 14.89 19.66
CA ARG E 16 -22.98 16.20 19.43
C ARG E 16 -23.10 16.97 20.73
N PHE E 17 -23.58 16.31 21.79
CA PHE E 17 -23.70 16.96 23.09
C PHE E 17 -22.36 17.51 23.54
N ILE E 18 -21.31 16.71 23.47
CA ILE E 18 -19.97 17.18 23.84
C ILE E 18 -19.60 18.40 23.01
N HIS E 19 -19.79 18.32 21.70
CA HIS E 19 -19.43 19.42 20.82
C HIS E 19 -20.14 20.70 21.22
N ASN E 20 -21.48 20.65 21.27
CA ASN E 20 -22.25 21.83 21.67
C ASN E 20 -21.82 22.32 23.05
N LEU E 21 -21.64 21.41 24.00
CA LEU E 21 -21.23 21.80 25.34
C LEU E 21 -19.89 22.52 25.31
N ASN E 22 -18.93 22.01 24.55
CA ASN E 22 -17.62 22.65 24.48
C ASN E 22 -17.69 24.03 23.82
N LYS E 23 -18.60 24.22 22.86
CA LYS E 23 -18.73 25.52 22.21
C LYS E 23 -19.40 26.54 23.11
N GLU E 24 -20.20 26.09 24.09
CA GLU E 24 -20.83 27.04 25.02
C GLU E 24 -19.79 27.63 25.97
N LEU E 25 -18.70 26.93 26.20
CA LEU E 25 -17.57 27.41 26.99
C LEU E 25 -16.35 27.47 26.07
N ALA E 26 -16.35 28.44 25.15
CA ALA E 26 -15.37 28.50 24.07
C ALA E 26 -13.95 28.32 24.60
N ARG E 27 -13.27 27.31 24.06
CA ARG E 27 -11.89 27.02 24.43
C ARG E 27 -11.34 25.95 23.49
N TYR E 28 -10.03 26.00 23.26
CA TYR E 28 -9.37 25.04 22.38
C TYR E 28 -9.63 23.63 22.86
N GLU E 29 -10.30 22.83 22.04
CA GLU E 29 -10.72 21.48 22.41
C GLU E 29 -9.70 20.45 21.96
N TYR E 30 -9.47 19.44 22.80
CA TYR E 30 -8.58 18.33 22.47
C TYR E 30 -9.35 17.01 22.62
N TRP E 31 -8.99 16.05 21.78
CA TRP E 31 -9.51 14.68 21.86
C TRP E 31 -8.31 13.74 21.82
N PHE E 32 -8.09 13.03 22.92
CA PHE E 32 -6.89 12.20 23.09
C PHE E 32 -5.63 13.02 22.73
N GLU E 33 -5.60 14.25 23.26
CA GLU E 33 -4.46 15.15 23.09
C GLU E 33 -4.22 15.49 21.62
N GLU E 34 -5.29 15.51 20.83
CA GLU E 34 -5.23 15.92 19.43
C GLU E 34 -6.26 17.03 19.21
N PRO E 35 -5.87 18.16 18.63
CA PRO E 35 -6.81 19.29 18.56
C PRO E 35 -7.96 19.03 17.61
N TYR E 36 -9.09 19.67 17.91
CA TYR E 36 -10.27 19.60 17.06
C TYR E 36 -11.17 20.79 17.36
N GLU E 37 -11.99 21.14 16.38
CA GLU E 37 -12.95 22.23 16.55
C GLU E 37 -14.29 21.89 15.90
N SER E 38 -14.24 21.25 14.74
CA SER E 38 -15.44 20.86 14.01
C SER E 38 -15.94 19.49 14.46
N PHE E 39 -17.24 19.27 14.28
CA PHE E 39 -17.83 17.99 14.65
C PHE E 39 -17.30 16.87 13.76
N ASP E 40 -17.22 17.12 12.44
CA ASP E 40 -16.69 16.12 11.53
C ASP E 40 -15.29 15.67 11.95
N GLU E 41 -14.49 16.60 12.48
CA GLU E 41 -13.16 16.24 12.96
C GLU E 41 -13.25 15.47 14.28
N LEU E 42 -14.22 15.84 15.13
CA LEU E 42 -14.42 15.12 16.39
C LEU E 42 -14.85 13.67 16.14
N GLU E 43 -15.78 13.46 15.21
CA GLU E 43 -16.25 12.11 14.94
C GLU E 43 -15.13 11.23 14.40
N GLU E 44 -14.31 11.78 13.50
CA GLU E 44 -13.19 11.02 12.97
C GLU E 44 -12.16 10.70 14.04
N LEU E 45 -11.98 11.60 15.01
CA LEU E 45 -11.08 11.31 16.13
C LEU E 45 -11.68 10.27 17.06
N TYR E 46 -13.00 10.30 17.23
CA TYR E 46 -13.66 9.27 18.04
C TYR E 46 -13.47 7.89 17.43
N ASN E 47 -13.69 7.78 16.11
CA ASN E 47 -13.45 6.50 15.45
C ASN E 47 -12.00 6.06 15.58
N LYS E 48 -11.07 7.01 15.60
CA LYS E 48 -9.65 6.65 15.66
C LYS E 48 -9.28 6.06 17.02
N HIS E 49 -9.79 6.65 18.11
CA HIS E 49 -9.41 6.26 19.46
C HIS E 49 -10.53 5.54 20.19
N ILE E 50 -11.39 4.83 19.45
CA ILE E 50 -12.55 4.20 20.07
C ILE E 50 -12.12 3.13 21.07
N HIS E 51 -10.97 2.51 20.84
CA HIS E 51 -10.45 1.45 21.72
C HIS E 51 -9.20 1.89 22.47
N ASP E 52 -8.92 3.20 22.51
CA ASP E 52 -7.77 3.71 23.24
C ASP E 52 -8.19 4.01 24.69
N ASN E 53 -7.39 3.53 25.64
CA ASN E 53 -7.71 3.64 27.05
C ASN E 53 -6.90 4.72 27.76
N ALA E 54 -6.22 5.59 27.00
CA ALA E 54 -5.51 6.70 27.63
C ALA E 54 -6.49 7.70 28.24
N GLU E 55 -7.71 7.77 27.70
CA GLU E 55 -8.73 8.69 28.19
C GLU E 55 -10.07 7.99 28.22
N ARG E 56 -10.82 8.21 29.30
CA ARG E 56 -12.14 7.62 29.47
C ARG E 56 -13.12 8.73 29.84
N ARG E 57 -14.25 8.78 29.13
CA ARG E 57 -15.26 9.81 29.31
C ARG E 57 -16.59 9.18 29.66
N PHE E 58 -17.42 9.93 30.39
CA PHE E 58 -18.72 9.44 30.84
C PHE E 58 -19.73 10.57 30.82
N VAL E 59 -20.87 10.33 30.18
CA VAL E 59 -21.95 11.30 30.12
C VAL E 59 -22.77 11.24 31.40
N VAL E 60 -23.36 12.37 31.78
CA VAL E 60 -24.23 12.46 32.95
C VAL E 60 -25.66 12.67 32.46
N GLU E 61 -26.58 11.87 32.99
CA GLU E 61 -27.98 11.93 32.59
C GLU E 61 -28.87 11.95 33.82
N ASP E 62 -29.99 12.66 33.72
CA ASP E 62 -30.97 12.73 34.78
C ASP E 62 -31.83 11.46 34.78
N ALA E 63 -32.79 11.40 35.69
CA ALA E 63 -33.74 10.28 35.68
C ALA E 63 -34.61 10.32 34.44
N GLN E 64 -34.84 11.50 33.88
CA GLN E 64 -35.53 11.65 32.60
C GLN E 64 -34.59 11.53 31.41
N LYS E 65 -33.38 11.04 31.63
CA LYS E 65 -32.38 10.89 30.58
C LYS E 65 -31.99 12.23 29.97
N ASN E 66 -32.13 13.31 30.75
CA ASN E 66 -31.71 14.64 30.30
C ASN E 66 -30.21 14.77 30.51
N LEU E 67 -29.48 15.07 29.44
CA LEU E 67 -28.02 15.14 29.50
C LEU E 67 -27.58 16.37 30.30
N ILE E 68 -26.81 16.15 31.36
CA ILE E 68 -26.43 17.20 32.28
C ILE E 68 -25.02 17.70 31.97
N GLY E 69 -24.05 16.80 31.96
CA GLY E 69 -22.68 17.19 31.76
C GLY E 69 -21.80 16.03 31.35
N LEU E 70 -20.50 16.20 31.57
CA LEU E 70 -19.49 15.23 31.15
C LEU E 70 -18.42 15.11 32.21
N VAL E 71 -17.91 13.89 32.38
CA VAL E 71 -16.81 13.59 33.29
C VAL E 71 -15.70 12.97 32.46
N GLU E 72 -14.52 13.58 32.48
CA GLU E 72 -13.38 13.13 31.68
C GLU E 72 -12.24 12.73 32.60
N LEU E 73 -11.68 11.54 32.35
CA LEU E 73 -10.42 11.11 32.95
C LEU E 73 -9.41 10.96 31.81
N ILE E 74 -8.46 11.89 31.73
CA ILE E 74 -7.50 11.91 30.65
C ILE E 74 -6.10 11.63 31.21
N GLU E 75 -5.12 11.50 30.31
CA GLU E 75 -3.73 11.29 30.69
C GLU E 75 -3.60 10.14 31.68
N ILE E 76 -4.41 9.10 31.47
CA ILE E 76 -4.38 7.95 32.37
C ILE E 76 -3.10 7.17 32.13
N ASN E 77 -2.33 6.95 33.18
CA ASN E 77 -1.09 6.18 33.13
C ASN E 77 -1.27 4.94 33.98
N TYR E 78 -1.14 3.77 33.35
CA TYR E 78 -1.34 2.49 34.02
C TYR E 78 -0.06 1.90 34.59
N ILE E 79 1.03 2.68 34.62
CA ILE E 79 2.24 2.32 35.32
C ILE E 79 2.40 3.14 36.60
N HIS E 80 2.25 4.47 36.48
CA HIS E 80 2.23 5.33 37.65
C HIS E 80 0.85 5.40 38.29
N ARG E 81 -0.19 4.95 37.58
CA ARG E 81 -1.54 4.88 38.13
C ARG E 81 -2.06 6.27 38.50
N SER E 82 -1.89 7.21 37.57
CA SER E 82 -2.39 8.57 37.73
C SER E 82 -3.40 8.88 36.63
N ALA E 83 -4.05 10.03 36.77
CA ALA E 83 -5.04 10.48 35.80
C ALA E 83 -5.51 11.88 36.17
N GLU E 84 -5.83 12.66 35.15
CA GLU E 84 -6.34 14.02 35.34
C GLU E 84 -7.85 14.02 35.18
N PHE E 85 -8.55 14.57 36.16
CA PHE E 85 -10.01 14.61 36.14
C PHE E 85 -10.49 15.97 35.65
N GLN E 86 -11.61 15.97 34.95
CA GLN E 86 -12.25 17.18 34.46
C GLN E 86 -13.76 17.00 34.52
N ILE E 87 -14.46 18.06 34.92
CA ILE E 87 -15.90 18.05 35.05
C ILE E 87 -16.46 19.22 34.24
N ILE E 88 -17.50 18.94 33.45
CA ILE E 88 -18.13 19.97 32.62
C ILE E 88 -19.64 19.81 32.73
N ILE E 89 -20.28 20.66 33.53
CA ILE E 89 -21.72 20.63 33.70
C ILE E 89 -22.35 21.70 32.82
N ALA E 90 -23.53 21.40 32.29
CA ALA E 90 -24.20 22.34 31.41
C ALA E 90 -24.72 23.53 32.21
N PRO E 91 -24.57 24.76 31.70
CA PRO E 91 -25.02 25.93 32.46
C PRO E 91 -26.46 25.83 32.93
N GLU E 92 -27.36 25.30 32.09
CA GLU E 92 -28.76 25.15 32.48
C GLU E 92 -28.95 24.23 33.68
N HIS E 93 -27.90 23.52 34.12
CA HIS E 93 -27.98 22.65 35.28
C HIS E 93 -26.92 22.99 36.32
N GLN E 94 -26.22 24.11 36.19
CA GLN E 94 -25.18 24.47 37.14
C GLN E 94 -25.79 25.04 38.42
N GLY E 95 -24.97 25.10 39.46
CA GLY E 95 -25.40 25.66 40.73
C GLY E 95 -26.45 24.85 41.45
N LYS E 96 -26.65 23.59 41.07
CA LYS E 96 -27.64 22.74 41.71
C LYS E 96 -26.99 21.66 42.57
N GLY E 97 -25.70 21.78 42.86
CA GLY E 97 -25.01 20.80 43.69
C GLY E 97 -24.61 19.53 42.97
N PHE E 98 -24.85 19.43 41.67
CA PHE E 98 -24.47 18.21 40.95
C PHE E 98 -22.96 18.01 40.93
N ALA E 99 -22.19 19.09 40.98
CA ALA E 99 -20.75 18.99 40.86
C ALA E 99 -20.17 18.07 41.94
N ARG E 100 -20.59 18.27 43.19
CA ARG E 100 -20.06 17.46 44.28
C ARG E 100 -20.31 15.98 44.04
N THR E 101 -21.54 15.61 43.70
CA THR E 101 -21.87 14.20 43.51
C THR E 101 -21.10 13.61 42.33
N LEU E 102 -21.02 14.35 41.22
CA LEU E 102 -20.33 13.84 40.05
C LEU E 102 -18.84 13.67 40.31
N ILE E 103 -18.25 14.60 41.07
CA ILE E 103 -16.84 14.45 41.43
C ILE E 103 -16.64 13.20 42.27
N ASN E 104 -17.51 12.99 43.26
CA ASN E 104 -17.40 11.80 44.10
C ASN E 104 -17.60 10.53 43.29
N ARG E 105 -18.52 10.55 42.31
CA ARG E 105 -18.73 9.38 41.46
C ARG E 105 -17.49 9.10 40.62
N ALA E 106 -16.84 10.15 40.11
CA ALA E 106 -15.62 9.96 39.33
C ALA E 106 -14.51 9.39 40.20
N LEU E 107 -14.34 9.92 41.42
CA LEU E 107 -13.33 9.38 42.32
C LEU E 107 -13.63 7.94 42.69
N ASP E 108 -14.91 7.61 42.88
CA ASP E 108 -15.28 6.24 43.21
C ASP E 108 -14.90 5.29 42.08
N TYR E 109 -15.27 5.65 40.84
CA TYR E 109 -14.95 4.79 39.70
C TYR E 109 -13.44 4.63 39.55
N SER E 110 -12.68 5.70 39.78
CA SER E 110 -11.24 5.66 39.52
C SER E 110 -10.49 4.92 40.62
N PHE E 111 -11.03 4.87 41.84
CA PHE E 111 -10.36 4.23 42.96
C PHE E 111 -10.91 2.86 43.32
N THR E 112 -12.10 2.51 42.82
CA THR E 112 -12.71 1.23 43.14
C THR E 112 -12.82 0.29 41.94
N ILE E 113 -12.71 0.81 40.71
CA ILE E 113 -12.82 0.00 39.50
C ILE E 113 -11.49 -0.04 38.75
N LEU E 114 -10.96 1.13 38.38
CA LEU E 114 -9.71 1.18 37.64
C LEU E 114 -8.49 0.93 38.52
N ASN E 115 -8.63 1.07 39.84
CA ASN E 115 -7.53 0.84 40.77
C ASN E 115 -6.39 1.84 40.53
N LEU E 116 -6.76 3.10 40.30
CA LEU E 116 -5.77 4.15 40.12
C LEU E 116 -5.25 4.61 41.47
N HIS E 117 -4.08 5.26 41.45
CA HIS E 117 -3.40 5.70 42.66
C HIS E 117 -3.67 7.16 42.98
N LYS E 118 -3.53 8.05 42.00
CA LYS E 118 -3.74 9.47 42.20
C LYS E 118 -4.71 10.02 41.15
N ILE E 119 -5.50 10.99 41.56
CA ILE E 119 -6.36 11.76 40.66
C ILE E 119 -6.05 13.23 40.92
N TYR E 120 -5.42 13.88 39.95
CA TYR E 120 -5.09 15.30 40.05
C TYR E 120 -5.94 16.09 39.06
N LEU E 121 -5.94 17.41 39.24
CA LEU E 121 -6.72 18.29 38.39
C LEU E 121 -6.10 19.67 38.38
N HIS E 122 -6.46 20.46 37.38
CA HIS E 122 -6.07 21.86 37.27
C HIS E 122 -7.31 22.72 37.43
N VAL E 123 -7.19 23.77 38.25
CA VAL E 123 -8.31 24.68 38.50
C VAL E 123 -7.75 26.10 38.53
N ALA E 124 -8.49 27.02 37.91
CA ALA E 124 -8.04 28.41 37.82
C ALA E 124 -7.94 29.02 39.22
N VAL E 125 -6.83 29.71 39.47
CA VAL E 125 -6.67 30.43 40.72
C VAL E 125 -7.77 31.47 40.88
N GLU E 126 -8.14 32.13 39.78
CA GLU E 126 -9.14 33.20 39.82
C GLU E 126 -10.55 32.68 40.08
N ASN E 127 -10.76 31.36 40.12
CA ASN E 127 -12.05 30.77 40.42
C ASN E 127 -11.97 30.12 41.80
N PRO E 128 -12.22 30.85 42.89
CA PRO E 128 -12.01 30.29 44.22
C PRO E 128 -13.11 29.34 44.66
N LYS E 129 -14.34 29.55 44.16
CA LYS E 129 -15.45 28.68 44.50
C LYS E 129 -15.15 27.24 44.10
N ALA E 130 -14.64 27.04 42.88
CA ALA E 130 -14.31 25.70 42.43
C ALA E 130 -13.20 25.10 43.27
N VAL E 131 -12.23 25.91 43.67
CA VAL E 131 -11.12 25.40 44.49
C VAL E 131 -11.65 24.85 45.81
N HIS E 132 -12.49 25.63 46.49
CA HIS E 132 -13.03 25.16 47.76
C HIS E 132 -13.95 23.97 47.58
N LEU E 133 -14.63 23.87 46.44
CA LEU E 133 -15.43 22.68 46.14
C LEU E 133 -14.54 21.44 46.09
N TYR E 134 -13.48 21.49 45.29
CA TYR E 134 -12.56 20.37 45.21
C TYR E 134 -11.92 20.06 46.56
N GLU E 135 -11.65 21.09 47.37
CA GLU E 135 -11.15 20.86 48.72
C GLU E 135 -12.16 20.07 49.54
N GLU E 136 -13.43 20.47 49.48
CA GLU E 136 -14.46 19.75 50.22
C GLU E 136 -14.61 18.32 49.74
N CYS E 137 -14.25 18.04 48.49
CA CYS E 137 -14.29 16.69 47.96
C CYS E 137 -13.04 15.89 48.29
N GLY E 138 -12.02 16.52 48.86
CA GLY E 138 -10.82 15.83 49.30
C GLY E 138 -9.54 16.26 48.61
N PHE E 139 -9.61 17.08 47.58
CA PHE E 139 -8.40 17.47 46.86
C PHE E 139 -7.57 18.44 47.70
N VAL E 140 -6.25 18.36 47.52
CA VAL E 140 -5.30 19.20 48.24
C VAL E 140 -4.35 19.82 47.24
N GLU E 141 -4.03 21.10 47.45
CA GLU E 141 -3.14 21.82 46.54
C GLU E 141 -1.74 21.24 46.61
N GLU E 142 -1.16 20.95 45.44
CA GLU E 142 0.23 20.51 45.35
C GLU E 142 1.07 21.38 44.43
N GLY E 143 0.48 22.33 43.72
CA GLY E 143 1.23 23.19 42.83
C GLY E 143 0.48 24.45 42.51
N HIS E 144 1.23 25.52 42.29
CA HIS E 144 0.69 26.81 41.86
C HIS E 144 1.34 27.14 40.51
N LEU E 145 0.82 26.51 39.46
CA LEU E 145 1.40 26.67 38.13
C LEU E 145 1.21 28.09 37.65
N VAL E 146 2.30 28.81 37.43
CA VAL E 146 2.27 30.22 37.07
C VAL E 146 2.19 30.35 35.55
N GLU E 147 1.21 31.12 35.08
CA GLU E 147 1.04 31.40 33.65
C GLU E 147 1.11 30.12 32.83
N GLU E 148 0.24 29.17 33.18
CA GLU E 148 0.22 27.86 32.55
C GLU E 148 -0.62 27.85 31.28
N PHE E 149 -1.81 28.43 31.34
CA PHE E 149 -2.75 28.42 30.23
C PHE E 149 -3.05 29.85 29.79
N PHE E 150 -3.50 29.97 28.54
CA PHE E 150 -3.87 31.25 27.93
C PHE E 150 -5.38 31.25 27.75
N ILE E 151 -6.08 32.01 28.59
CA ILE E 151 -7.54 32.03 28.62
C ILE E 151 -8.02 33.44 28.35
N ASN E 152 -8.89 33.57 27.34
CA ASN E 152 -9.56 34.83 27.03
C ASN E 152 -8.57 35.99 27.01
N GLY E 153 -7.50 35.83 26.23
CA GLY E 153 -6.57 36.91 25.99
C GLY E 153 -5.60 37.20 27.12
N ARG E 154 -5.46 36.30 28.09
CA ARG E 154 -4.57 36.53 29.22
C ARG E 154 -4.08 35.21 29.77
N TYR E 155 -2.79 35.13 30.04
CA TYR E 155 -2.24 33.97 30.74
C TYR E 155 -2.75 33.94 32.18
N GLN E 156 -3.18 32.77 32.64
CA GLN E 156 -3.72 32.60 33.97
C GLN E 156 -2.94 31.54 34.73
N ASP E 157 -2.77 31.77 36.03
CA ASP E 157 -2.20 30.76 36.91
C ASP E 157 -3.29 29.78 37.35
N VAL E 158 -2.88 28.54 37.59
CA VAL E 158 -3.81 27.48 37.94
C VAL E 158 -3.23 26.67 39.10
N LYS E 159 -4.11 26.21 39.99
CA LYS E 159 -3.72 25.33 41.08
C LYS E 159 -3.81 23.88 40.60
N ARG E 160 -2.78 23.10 40.89
CA ARG E 160 -2.81 21.66 40.68
C ARG E 160 -3.14 21.00 42.02
N MET E 161 -4.28 20.34 42.08
CA MET E 161 -4.76 19.70 43.29
C MET E 161 -4.90 18.20 43.06
N TYR E 162 -4.58 17.41 44.09
CA TYR E 162 -4.52 15.96 43.96
C TYR E 162 -5.26 15.29 45.11
N ILE E 163 -5.64 14.04 44.88
CA ILE E 163 -6.20 13.17 45.90
C ILE E 163 -5.69 11.76 45.64
N LEU E 164 -5.48 11.00 46.71
CA LEU E 164 -4.91 9.67 46.62
C LEU E 164 -5.96 8.61 46.94
N GLN E 165 -5.69 7.39 46.47
CA GLN E 165 -6.63 6.30 46.65
C GLN E 165 -6.83 5.96 48.12
N SER E 166 -5.74 5.94 48.90
CA SER E 166 -5.85 5.57 50.31
C SER E 166 -6.72 6.54 51.08
N LYS E 167 -6.65 7.83 50.74
CA LYS E 167 -7.44 8.82 51.48
C LYS E 167 -8.92 8.69 51.16
N TYR E 168 -9.26 8.43 49.89
CA TYR E 168 -10.66 8.29 49.52
C TYR E 168 -11.26 7.00 50.10
N LEU E 169 -10.53 5.89 50.00
CA LEU E 169 -11.07 4.62 50.47
C LEU E 169 -11.14 4.54 52.00
N ASN E 170 -10.35 5.34 52.71
CA ASN E 170 -10.35 5.32 54.17
C ASN E 170 -11.08 6.55 54.72
N LEU F 5 29.31 7.24 -37.20
CA LEU F 5 28.27 7.56 -36.21
C LEU F 5 27.54 6.30 -35.76
N THR F 6 27.16 6.29 -34.49
CA THR F 6 26.44 5.17 -33.89
C THR F 6 25.21 5.71 -33.17
N LEU F 7 24.05 5.13 -33.46
CA LEU F 7 22.79 5.54 -32.85
C LEU F 7 22.29 4.37 -32.00
N ARG F 8 22.47 4.48 -30.70
CA ARG F 8 22.10 3.44 -29.75
C ARG F 8 20.90 3.87 -28.93
N ALA F 9 20.21 2.88 -28.36
CA ALA F 9 19.11 3.16 -27.45
C ALA F 9 19.65 3.72 -26.13
N LEU F 10 18.85 4.57 -25.49
CA LEU F 10 19.29 5.24 -24.28
C LEU F 10 19.28 4.28 -23.10
N GLU F 11 20.35 4.30 -22.31
CA GLU F 11 20.50 3.47 -21.13
C GLU F 11 20.58 4.35 -19.89
N ARG F 12 20.40 3.74 -18.72
CA ARG F 12 20.46 4.50 -17.48
C ARG F 12 21.80 5.18 -17.32
N GLY F 13 22.88 4.53 -17.78
CA GLY F 13 24.19 5.14 -17.67
C GLY F 13 24.32 6.42 -18.45
N ASP F 14 23.58 6.55 -19.55
CA ASP F 14 23.64 7.73 -20.39
C ASP F 14 22.84 8.91 -19.83
N LEU F 15 22.14 8.72 -18.71
CA LEU F 15 21.33 9.81 -18.17
C LEU F 15 22.20 10.99 -17.75
N ARG F 16 23.36 10.73 -17.15
CA ARG F 16 24.23 11.82 -16.72
C ARG F 16 24.76 12.61 -17.91
N PHE F 17 24.83 11.99 -19.09
CA PHE F 17 25.31 12.69 -20.27
C PHE F 17 24.27 13.69 -20.77
N ILE F 18 23.05 13.20 -21.08
CA ILE F 18 22.02 14.10 -21.60
C ILE F 18 21.74 15.22 -20.61
N HIS F 19 21.82 14.92 -19.32
CA HIS F 19 21.63 15.97 -18.32
C HIS F 19 22.69 17.06 -18.46
N ASN F 20 23.95 16.65 -18.61
CA ASN F 20 25.00 17.63 -18.86
C ASN F 20 24.81 18.32 -20.21
N LEU F 21 24.26 17.60 -21.19
CA LEU F 21 23.95 18.22 -22.47
C LEU F 21 22.83 19.25 -22.32
N ASN F 22 21.89 19.00 -21.41
CA ASN F 22 20.76 19.91 -21.25
C ASN F 22 21.14 21.17 -20.48
N LYS F 23 22.16 21.10 -19.61
CA LYS F 23 22.58 22.28 -18.88
C LYS F 23 23.47 23.20 -19.71
N GLU F 24 23.98 22.73 -20.85
CA GLU F 24 24.77 23.60 -21.73
C GLU F 24 23.88 24.52 -22.54
N LEU F 25 22.65 24.11 -22.84
CA LEU F 25 21.64 24.95 -23.48
C LEU F 25 20.49 25.09 -22.50
N ALA F 26 20.33 26.30 -21.95
CA ALA F 26 19.32 26.55 -20.94
C ALA F 26 17.92 26.21 -21.44
N ARG F 27 17.32 25.17 -20.88
CA ARG F 27 16.00 24.71 -21.30
C ARG F 27 15.21 24.24 -20.09
N TYR F 28 13.90 24.44 -20.14
CA TYR F 28 12.99 23.85 -19.17
C TYR F 28 12.68 22.45 -19.66
N GLU F 29 13.42 21.47 -19.14
CA GLU F 29 13.40 20.12 -19.71
C GLU F 29 12.20 19.32 -19.22
N TYR F 30 11.68 18.48 -20.11
CA TYR F 30 10.57 17.58 -19.81
C TYR F 30 10.99 16.15 -20.09
N TRP F 31 10.58 15.23 -19.21
CA TRP F 31 10.76 13.80 -19.40
C TRP F 31 9.38 13.16 -19.38
N PHE F 32 8.90 12.73 -20.55
CA PHE F 32 7.54 12.25 -20.71
C PHE F 32 6.55 13.29 -20.19
N GLU F 33 6.74 14.53 -20.65
CA GLU F 33 5.87 15.65 -20.29
C GLU F 33 5.83 15.89 -18.79
N GLU F 34 6.93 15.61 -18.09
CA GLU F 34 7.06 15.90 -16.67
C GLU F 34 8.26 16.80 -16.45
N PRO F 35 8.09 18.01 -15.89
CA PRO F 35 9.25 18.88 -15.68
C PRO F 35 10.28 18.23 -14.78
N TYR F 36 11.56 18.47 -15.10
CA TYR F 36 12.66 18.02 -14.27
C TYR F 36 13.83 18.96 -14.45
N GLU F 37 14.58 19.16 -13.36
CA GLU F 37 15.77 19.99 -13.37
C GLU F 37 16.97 19.36 -12.67
N SER F 38 16.76 18.45 -11.74
CA SER F 38 17.85 17.75 -11.05
C SER F 38 18.06 16.38 -11.66
N PHE F 39 19.26 15.83 -11.42
CA PHE F 39 19.57 14.50 -11.95
C PHE F 39 18.75 13.43 -11.24
N ASP F 40 18.56 13.56 -9.93
CA ASP F 40 17.74 12.59 -9.20
C ASP F 40 16.32 12.56 -9.76
N GLU F 41 15.74 13.72 -10.03
CA GLU F 41 14.40 13.76 -10.60
C GLU F 41 14.38 13.10 -11.97
N LEU F 42 15.42 13.32 -12.76
CA LEU F 42 15.50 12.66 -14.07
C LEU F 42 15.59 11.15 -13.90
N GLU F 43 16.44 10.69 -12.98
CA GLU F 43 16.62 9.25 -12.82
C GLU F 43 15.33 8.57 -12.40
N GLU F 44 14.58 9.19 -11.47
CA GLU F 44 13.31 8.59 -11.06
C GLU F 44 12.28 8.64 -12.17
N LEU F 45 12.30 9.68 -13.00
CA LEU F 45 11.39 9.73 -14.13
C LEU F 45 11.76 8.70 -15.19
N TYR F 46 13.06 8.43 -15.35
CA TYR F 46 13.49 7.37 -16.26
C TYR F 46 13.01 6.00 -15.77
N ASN F 47 13.16 5.74 -14.47
CA ASN F 47 12.71 4.46 -13.92
C ASN F 47 11.19 4.33 -13.96
N LYS F 48 10.47 5.44 -13.94
CA LYS F 48 9.01 5.38 -13.97
C LYS F 48 8.48 5.07 -15.36
N HIS F 49 9.15 5.59 -16.40
CA HIS F 49 8.68 5.45 -17.78
C HIS F 49 9.58 4.53 -18.60
N ILE F 50 10.33 3.64 -17.95
CA ILE F 50 11.28 2.80 -18.69
C ILE F 50 10.57 1.94 -19.72
N HIS F 51 9.29 1.65 -19.51
CA HIS F 51 8.51 0.83 -20.42
C HIS F 51 7.40 1.61 -21.12
N ASP F 52 7.44 2.94 -21.07
CA ASP F 52 6.44 3.77 -21.72
C ASP F 52 6.90 4.06 -23.15
N ASN F 53 6.12 3.61 -24.12
CA ASN F 53 6.44 3.79 -25.54
C ASN F 53 5.94 5.11 -26.10
N ALA F 54 5.47 6.02 -25.24
CA ALA F 54 5.04 7.33 -25.72
C ALA F 54 6.20 8.17 -26.22
N GLU F 55 7.44 7.84 -25.83
CA GLU F 55 8.61 8.58 -26.27
C GLU F 55 9.78 7.62 -26.37
N ARG F 56 10.52 7.70 -27.47
CA ARG F 56 11.70 6.87 -27.71
C ARG F 56 12.90 7.78 -27.91
N ARG F 57 13.99 7.49 -27.19
CA ARG F 57 15.19 8.30 -27.22
C ARG F 57 16.39 7.43 -27.60
N PHE F 58 17.35 8.04 -28.31
CA PHE F 58 18.54 7.33 -28.77
C PHE F 58 19.75 8.25 -28.61
N VAL F 59 20.80 7.73 -27.99
CA VAL F 59 22.05 8.48 -27.85
C VAL F 59 22.87 8.34 -29.13
N VAL F 60 23.74 9.32 -29.37
CA VAL F 60 24.60 9.36 -30.54
C VAL F 60 26.05 9.39 -30.06
N GLU F 61 26.81 8.38 -30.43
CA GLU F 61 28.24 8.30 -30.11
C GLU F 61 29.03 8.14 -31.39
N ASP F 62 30.19 8.78 -31.44
CA ASP F 62 31.00 8.82 -32.65
C ASP F 62 31.85 7.55 -32.75
N ALA F 63 32.77 7.52 -33.72
CA ALA F 63 33.64 6.38 -33.89
C ALA F 63 34.62 6.24 -32.72
N GLN F 64 34.97 7.36 -32.08
CA GLN F 64 35.87 7.34 -30.93
C GLN F 64 35.19 6.80 -29.67
N LYS F 65 33.92 6.39 -29.75
CA LYS F 65 33.13 5.86 -28.65
C LYS F 65 32.71 6.94 -27.65
N ASN F 66 32.82 8.21 -28.04
CA ASN F 66 32.40 9.31 -27.18
C ASN F 66 30.97 9.73 -27.52
N LEU F 67 30.14 9.91 -26.50
CA LEU F 67 28.78 10.37 -26.71
C LEU F 67 28.77 11.83 -27.14
N ILE F 68 28.02 12.13 -28.20
CA ILE F 68 28.04 13.46 -28.79
C ILE F 68 26.66 14.09 -28.91
N GLY F 69 25.57 13.33 -28.93
CA GLY F 69 24.26 13.94 -29.14
C GLY F 69 23.13 13.04 -28.69
N LEU F 70 21.91 13.51 -28.96
CA LEU F 70 20.70 12.83 -28.55
C LEU F 70 19.61 13.04 -29.61
N VAL F 71 18.83 11.98 -29.86
CA VAL F 71 17.73 12.02 -30.80
C VAL F 71 16.48 11.54 -30.07
N GLU F 72 15.45 12.38 -30.05
CA GLU F 72 14.23 12.12 -29.29
C GLU F 72 13.03 12.09 -30.20
N LEU F 73 12.21 11.05 -30.05
CA LEU F 73 10.89 10.97 -30.68
C LEU F 73 9.86 11.03 -29.55
N ILE F 74 9.02 12.07 -29.56
CA ILE F 74 8.05 12.31 -28.50
C ILE F 74 6.67 12.54 -29.13
N GLU F 75 5.66 12.55 -28.26
CA GLU F 75 4.27 12.71 -28.70
C GLU F 75 3.91 11.67 -29.75
N ILE F 76 4.34 10.43 -29.51
CA ILE F 76 4.10 9.34 -30.44
C ILE F 76 2.68 8.83 -30.24
N ASN F 77 1.85 8.96 -31.27
CA ASN F 77 0.49 8.45 -31.25
C ASN F 77 0.38 7.33 -32.28
N TYR F 78 0.08 6.12 -31.81
CA TYR F 78 0.02 4.94 -32.66
C TYR F 78 -1.35 4.74 -33.30
N ILE F 79 -2.29 5.65 -33.08
CA ILE F 79 -3.57 5.64 -33.80
C ILE F 79 -3.42 6.53 -35.02
N HIS F 80 -3.04 7.79 -34.79
CA HIS F 80 -2.78 8.71 -35.89
C HIS F 80 -1.41 8.52 -36.52
N ARG F 81 -0.51 7.79 -35.86
CA ARG F 81 0.80 7.44 -36.41
C ARG F 81 1.63 8.69 -36.69
N SER F 82 1.83 9.49 -35.64
CA SER F 82 2.59 10.72 -35.72
C SER F 82 3.56 10.79 -34.55
N ALA F 83 4.60 11.60 -34.71
CA ALA F 83 5.60 11.78 -33.67
C ALA F 83 6.36 13.07 -33.93
N GLU F 84 6.81 13.70 -32.84
CA GLU F 84 7.61 14.92 -32.90
C GLU F 84 9.08 14.56 -32.76
N PHE F 85 9.90 15.03 -33.70
CA PHE F 85 11.33 14.73 -33.70
C PHE F 85 12.11 15.89 -33.12
N GLN F 86 13.17 15.56 -32.39
CA GLN F 86 14.08 16.54 -31.82
C GLN F 86 15.49 15.97 -31.83
N ILE F 87 16.46 16.80 -32.21
CA ILE F 87 17.86 16.40 -32.28
C ILE F 87 18.69 17.41 -31.51
N ILE F 88 19.71 16.93 -30.80
CA ILE F 88 20.62 17.76 -30.03
C ILE F 88 22.03 17.23 -30.21
N ILE F 89 22.94 18.12 -30.61
CA ILE F 89 24.35 17.79 -30.74
C ILE F 89 25.15 18.75 -29.87
N ALA F 90 26.08 18.21 -29.09
CA ALA F 90 26.90 19.05 -28.23
C ALA F 90 27.63 20.09 -29.06
N PRO F 91 27.82 21.31 -28.52
CA PRO F 91 28.51 22.34 -29.31
C PRO F 91 29.85 21.92 -29.85
N GLU F 92 30.58 21.07 -29.12
CA GLU F 92 31.91 20.65 -29.57
C GLU F 92 31.82 19.91 -30.91
N HIS F 93 30.80 19.09 -31.09
CA HIS F 93 30.69 18.23 -32.26
C HIS F 93 29.69 18.77 -33.29
N GLN F 94 29.32 20.04 -33.18
CA GLN F 94 28.46 20.65 -34.18
C GLN F 94 29.27 21.06 -35.41
N GLY F 95 28.57 21.38 -36.49
CA GLY F 95 29.22 21.83 -37.70
C GLY F 95 30.06 20.79 -38.41
N LYS F 96 30.04 19.54 -37.96
CA LYS F 96 30.83 18.48 -38.56
C LYS F 96 30.02 17.63 -39.54
N GLY F 97 28.77 17.99 -39.80
CA GLY F 97 27.97 17.26 -40.77
C GLY F 97 27.29 16.03 -40.22
N PHE F 98 27.12 15.93 -38.91
CA PHE F 98 26.44 14.76 -38.32
C PHE F 98 24.93 14.92 -38.32
N ALA F 99 24.42 16.14 -38.15
CA ALA F 99 22.98 16.33 -38.00
C ALA F 99 22.21 15.73 -39.17
N ARG F 100 22.72 15.88 -40.39
CA ARG F 100 22.01 15.39 -41.56
C ARG F 100 21.87 13.87 -41.51
N THR F 101 22.97 13.15 -41.27
CA THR F 101 22.92 11.70 -41.24
C THR F 101 22.05 11.20 -40.09
N LEU F 102 22.15 11.85 -38.92
CA LEU F 102 21.35 11.42 -37.78
C LEU F 102 19.87 11.61 -38.03
N ILE F 103 19.49 12.70 -38.72
CA ILE F 103 18.10 12.91 -39.07
C ILE F 103 17.62 11.82 -40.02
N ASN F 104 18.44 11.48 -41.01
CA ASN F 104 18.08 10.41 -41.94
C ASN F 104 17.95 9.08 -41.20
N ARG F 105 18.85 8.80 -40.26
CA ARG F 105 18.77 7.57 -39.50
C ARG F 105 17.49 7.53 -38.66
N ALA F 106 17.14 8.66 -38.04
CA ALA F 106 15.90 8.72 -37.26
C ALA F 106 14.68 8.48 -38.14
N LEU F 107 14.63 9.16 -39.28
CA LEU F 107 13.51 8.98 -40.19
C LEU F 107 13.45 7.54 -40.70
N ASP F 108 14.61 6.92 -40.94
CA ASP F 108 14.63 5.53 -41.36
C ASP F 108 14.00 4.64 -40.30
N TYR F 109 14.36 4.85 -39.04
CA TYR F 109 13.80 4.06 -37.95
C TYR F 109 12.30 4.28 -37.83
N SER F 110 11.85 5.53 -37.98
CA SER F 110 10.44 5.84 -37.77
C SER F 110 9.57 5.33 -38.90
N PHE F 111 10.09 5.29 -40.12
CA PHE F 111 9.29 4.91 -41.28
C PHE F 111 9.51 3.47 -41.74
N THR F 112 10.57 2.81 -41.28
CA THR F 112 10.85 1.44 -41.69
C THR F 112 10.69 0.42 -40.58
N ILE F 113 10.70 0.84 -39.31
CA ILE F 113 10.60 -0.05 -38.16
C ILE F 113 9.33 0.19 -37.38
N LEU F 114 9.07 1.44 -37.00
CA LEU F 114 7.87 1.77 -36.24
C LEU F 114 6.63 1.86 -37.13
N ASN F 115 6.81 1.98 -38.43
CA ASN F 115 5.69 2.08 -39.36
C ASN F 115 4.83 3.31 -39.06
N LEU F 116 5.51 4.43 -38.83
CA LEU F 116 4.84 5.70 -38.57
C LEU F 116 4.52 6.41 -39.87
N HIS F 117 3.50 7.26 -39.82
CA HIS F 117 2.98 7.93 -41.01
C HIS F 117 3.49 9.35 -41.18
N LYS F 118 3.78 10.05 -40.08
CA LYS F 118 4.16 11.45 -40.14
C LYS F 118 5.20 11.74 -39.07
N ILE F 119 6.15 12.61 -39.39
CA ILE F 119 7.17 13.07 -38.46
C ILE F 119 7.25 14.58 -38.60
N TYR F 120 6.84 15.30 -37.56
CA TYR F 120 6.87 16.76 -37.54
C TYR F 120 7.88 17.23 -36.50
N LEU F 121 8.30 18.49 -36.64
CA LEU F 121 9.27 19.07 -35.73
C LEU F 121 9.08 20.57 -35.69
N HIS F 122 9.54 21.17 -34.59
CA HIS F 122 9.54 22.62 -34.41
C HIS F 122 10.96 23.13 -34.49
N VAL F 123 11.17 24.18 -35.28
CA VAL F 123 12.48 24.81 -35.45
C VAL F 123 12.32 26.31 -35.31
N ALA F 124 13.23 26.93 -34.57
CA ALA F 124 13.16 28.37 -34.36
C ALA F 124 13.33 29.11 -35.69
N VAL F 125 12.40 30.01 -35.98
CA VAL F 125 12.49 30.79 -37.21
C VAL F 125 13.77 31.61 -37.23
N GLU F 126 14.27 32.00 -36.06
CA GLU F 126 15.50 32.77 -35.96
C GLU F 126 16.75 31.94 -36.25
N ASN F 127 16.60 30.63 -36.42
CA ASN F 127 17.71 29.77 -36.82
C ASN F 127 17.47 29.30 -38.25
N PRO F 128 17.80 30.10 -39.26
CA PRO F 128 17.44 29.73 -40.63
C PRO F 128 18.27 28.58 -41.19
N LYS F 129 19.51 28.42 -40.71
CA LYS F 129 20.34 27.32 -41.21
C LYS F 129 19.71 25.97 -40.92
N ALA F 130 19.15 25.80 -39.72
CA ALA F 130 18.47 24.55 -39.40
C ALA F 130 17.25 24.34 -40.27
N VAL F 131 16.51 25.42 -40.58
CA VAL F 131 15.34 25.31 -41.43
C VAL F 131 15.74 24.77 -42.80
N HIS F 132 16.79 25.33 -43.38
CA HIS F 132 17.24 24.86 -44.70
C HIS F 132 17.73 23.43 -44.63
N LEU F 133 18.43 23.06 -43.55
CA LEU F 133 18.91 21.69 -43.41
C LEU F 133 17.74 20.70 -43.38
N TYR F 134 16.73 21.00 -42.57
CA TYR F 134 15.56 20.13 -42.52
C TYR F 134 14.85 20.09 -43.86
N GLU F 135 14.81 21.21 -44.57
CA GLU F 135 14.19 21.23 -45.90
C GLU F 135 14.96 20.33 -46.86
N GLU F 136 16.28 20.27 -46.73
CA GLU F 136 17.08 19.42 -47.59
C GLU F 136 16.90 17.94 -47.29
N CYS F 137 16.45 17.59 -46.09
CA CYS F 137 16.20 16.21 -45.73
C CYS F 137 14.79 15.75 -46.07
N GLY F 138 13.94 16.62 -46.60
CA GLY F 138 12.60 16.27 -47.01
C GLY F 138 11.49 16.97 -46.25
N PHE F 139 11.81 17.64 -45.15
CA PHE F 139 10.77 18.31 -44.37
C PHE F 139 10.22 19.52 -45.12
N VAL F 140 8.93 19.76 -44.96
CA VAL F 140 8.23 20.86 -45.61
C VAL F 140 7.48 21.65 -44.56
N GLU F 141 7.52 22.98 -44.68
CA GLU F 141 6.84 23.83 -43.71
C GLU F 141 5.33 23.64 -43.81
N GLU F 142 4.69 23.43 -42.67
CA GLU F 142 3.23 23.35 -42.59
C GLU F 142 2.62 24.37 -41.64
N GLY F 143 3.42 25.07 -40.84
CA GLY F 143 2.89 26.06 -39.92
C GLY F 143 3.96 27.02 -39.47
N HIS F 144 3.52 28.22 -39.10
CA HIS F 144 4.38 29.27 -38.55
C HIS F 144 3.77 29.67 -37.21
N LEU F 145 4.07 28.89 -36.18
CA LEU F 145 3.47 29.12 -34.87
C LEU F 145 4.00 30.42 -34.26
N VAL F 146 3.10 31.31 -33.90
CA VAL F 146 3.44 32.65 -33.42
C VAL F 146 3.57 32.61 -31.89
N GLU F 147 4.70 33.07 -31.38
CA GLU F 147 4.93 33.16 -29.94
C GLU F 147 4.58 31.85 -29.24
N GLU F 148 5.04 30.76 -29.82
CA GLU F 148 4.72 29.43 -29.27
C GLU F 148 5.46 29.20 -27.95
N PHE F 149 6.78 29.38 -27.96
CA PHE F 149 7.62 29.06 -26.82
C PHE F 149 8.33 30.31 -26.32
N PHE F 150 8.43 30.43 -25.00
CA PHE F 150 9.17 31.50 -24.34
C PHE F 150 10.61 31.03 -24.18
N ILE F 151 11.51 31.52 -25.02
CA ILE F 151 12.90 31.08 -25.06
C ILE F 151 13.80 32.28 -24.80
N ASN F 152 14.73 32.13 -23.86
CA ASN F 152 15.75 33.13 -23.57
C ASN F 152 15.14 34.52 -23.41
N GLY F 153 14.07 34.58 -22.61
CA GLY F 153 13.48 35.84 -22.23
C GLY F 153 12.58 36.49 -23.26
N ARG F 154 12.15 35.76 -24.28
CA ARG F 154 11.30 36.33 -25.32
C ARG F 154 10.47 35.23 -25.95
N TYR F 155 9.21 35.55 -26.25
CA TYR F 155 8.36 34.64 -27.00
C TYR F 155 8.81 34.58 -28.45
N GLN F 156 9.23 33.41 -28.90
CA GLN F 156 9.74 33.23 -30.25
C GLN F 156 8.76 32.42 -31.09
N ASP F 157 8.73 32.71 -32.38
CA ASP F 157 7.96 31.94 -33.33
C ASP F 157 8.78 30.76 -33.82
N VAL F 158 8.10 29.66 -34.13
CA VAL F 158 8.74 28.43 -34.57
C VAL F 158 7.99 27.89 -35.78
N LYS F 159 8.73 27.41 -36.78
CA LYS F 159 8.16 26.79 -37.95
C LYS F 159 7.94 25.30 -37.68
N ARG F 160 6.71 24.83 -37.91
CA ARG F 160 6.39 23.42 -37.80
C ARG F 160 6.53 22.78 -39.19
N MET F 161 7.44 21.83 -39.31
CA MET F 161 7.76 21.17 -40.57
C MET F 161 7.55 19.67 -40.43
N TYR F 162 7.01 19.05 -41.48
CA TYR F 162 6.63 17.66 -41.44
C TYR F 162 7.20 16.91 -42.64
N ILE F 163 7.29 15.60 -42.48
CA ILE F 163 7.64 14.69 -43.56
C ILE F 163 6.78 13.43 -43.41
N LEU F 164 6.38 12.85 -44.53
CA LEU F 164 5.50 11.70 -44.54
C LEU F 164 6.24 10.45 -44.98
N GLN F 165 5.66 9.31 -44.62
CA GLN F 165 6.29 8.02 -44.92
C GLN F 165 6.33 7.76 -46.42
N SER F 166 5.29 8.18 -47.14
CA SER F 166 5.22 7.93 -48.58
C SER F 166 6.41 8.57 -49.29
N LYS F 167 6.68 9.84 -49.02
CA LYS F 167 7.78 10.53 -49.69
C LYS F 167 9.11 9.90 -49.33
N TYR F 168 9.33 9.58 -48.06
CA TYR F 168 10.60 9.02 -47.64
C TYR F 168 10.87 7.69 -48.34
N LEU F 169 9.92 6.76 -48.27
CA LEU F 169 10.10 5.45 -48.90
C LEU F 169 10.19 5.61 -50.42
N ASN F 170 9.20 6.26 -51.03
CA ASN F 170 9.21 6.47 -52.47
C ASN F 170 10.09 7.65 -52.86
N LEU G 5 25.40 -11.05 32.96
CA LEU G 5 24.01 -11.40 32.63
C LEU G 5 23.15 -10.15 32.51
N THR G 6 22.58 -9.96 31.33
CA THR G 6 21.76 -8.79 31.03
C THR G 6 20.40 -9.24 30.50
N LEU G 7 19.36 -8.54 30.95
CA LEU G 7 18.00 -8.81 30.51
C LEU G 7 17.59 -7.75 29.49
N ARG G 8 17.28 -8.18 28.27
CA ARG G 8 17.01 -7.28 27.16
C ARG G 8 15.65 -7.62 26.56
N ALA G 9 14.88 -6.58 26.25
CA ALA G 9 13.60 -6.78 25.59
C ALA G 9 13.80 -7.53 24.29
N LEU G 10 12.84 -8.41 23.97
CA LEU G 10 12.98 -9.26 22.80
C LEU G 10 12.86 -8.45 21.52
N GLU G 11 13.79 -8.68 20.59
CA GLU G 11 13.80 -8.03 19.29
C GLU G 11 13.67 -9.08 18.19
N ARG G 12 13.49 -8.60 16.97
CA ARG G 12 13.26 -9.51 15.84
C ARG G 12 14.41 -10.48 15.64
N GLY G 13 15.65 -10.03 15.90
CA GLY G 13 16.82 -10.88 15.72
C GLY G 13 16.86 -12.07 16.64
N ASP G 14 16.03 -12.11 17.67
CA ASP G 14 15.97 -13.23 18.60
C ASP G 14 14.87 -14.23 18.27
N LEU G 15 14.06 -13.95 17.25
CA LEU G 15 12.93 -14.82 16.95
C LEU G 15 13.40 -16.24 16.60
N ARG G 16 14.50 -16.35 15.86
CA ARG G 16 14.98 -17.67 15.47
C ARG G 16 15.62 -18.42 16.63
N PHE G 17 15.91 -17.74 17.75
CA PHE G 17 16.40 -18.44 18.93
C PHE G 17 15.26 -19.10 19.70
N ILE G 18 14.26 -18.31 20.10
CA ILE G 18 13.13 -18.86 20.84
C ILE G 18 12.46 -19.96 20.04
N HIS G 19 12.37 -19.78 18.71
CA HIS G 19 11.73 -20.78 17.87
C HIS G 19 12.44 -22.13 18.03
N ASN G 20 13.76 -22.15 17.83
CA ASN G 20 14.51 -23.37 18.07
C ASN G 20 14.36 -23.85 19.50
N LEU G 21 14.46 -22.93 20.46
CA LEU G 21 14.31 -23.31 21.87
C LEU G 21 12.92 -23.85 22.15
N ASN G 22 11.92 -23.43 21.36
CA ASN G 22 10.57 -23.95 21.55
C ASN G 22 10.37 -25.30 20.88
N LYS G 23 11.22 -25.65 19.90
CA LYS G 23 11.15 -26.97 19.28
C LYS G 23 12.02 -27.98 20.01
N GLU G 24 13.23 -27.59 20.41
CA GLU G 24 14.06 -28.46 21.23
C GLU G 24 13.34 -28.83 22.53
N LEU G 25 12.93 -27.83 23.30
CA LEU G 25 12.06 -28.02 24.46
C LEU G 25 10.62 -27.97 23.96
N ALA G 26 9.99 -29.13 23.84
CA ALA G 26 8.62 -29.21 23.33
C ALA G 26 7.71 -28.27 24.10
N ARG G 27 7.31 -27.16 23.46
CA ARG G 27 6.47 -26.14 24.08
C ARG G 27 5.29 -25.84 23.17
N TYR G 28 4.11 -25.71 23.76
CA TYR G 28 2.93 -25.27 23.03
C TYR G 28 3.12 -23.80 22.68
N GLU G 29 3.47 -23.52 21.43
CA GLU G 29 3.92 -22.19 21.04
C GLU G 29 2.75 -21.32 20.62
N TYR G 30 2.54 -20.23 21.36
CA TYR G 30 1.63 -19.16 20.98
C TYR G 30 2.41 -17.85 20.93
N TRP G 31 1.94 -16.93 20.10
CA TRP G 31 2.43 -15.55 20.11
C TRP G 31 1.24 -14.64 20.35
N PHE G 32 1.17 -14.07 21.55
CA PHE G 32 0.01 -13.27 21.97
C PHE G 32 -1.28 -14.06 21.78
N GLU G 33 -1.24 -15.34 22.15
CA GLU G 33 -2.39 -16.23 22.19
C GLU G 33 -2.88 -16.63 20.80
N GLU G 34 -2.05 -16.46 19.77
CA GLU G 34 -2.38 -16.92 18.42
C GLU G 34 -1.39 -18.02 18.03
N PRO G 35 -1.80 -19.28 17.99
CA PRO G 35 -0.83 -20.36 17.77
C PRO G 35 -0.29 -20.36 16.34
N TYR G 36 0.90 -20.94 16.20
CA TYR G 36 1.58 -21.02 14.91
C TYR G 36 2.43 -22.28 14.90
N GLU G 37 3.17 -22.47 13.80
CA GLU G 37 4.15 -23.54 13.72
C GLU G 37 5.31 -23.13 12.82
N SER G 38 5.02 -22.42 11.74
CA SER G 38 6.05 -21.99 10.81
C SER G 38 6.85 -20.83 11.39
N PHE G 39 8.04 -20.61 10.83
CA PHE G 39 8.88 -19.50 11.27
C PHE G 39 8.38 -18.17 10.71
N ASP G 40 7.96 -18.16 9.44
CA ASP G 40 7.38 -16.94 8.88
C ASP G 40 6.11 -16.54 9.63
N GLU G 41 5.33 -17.53 10.06
CA GLU G 41 4.16 -17.23 10.88
C GLU G 41 4.57 -16.56 12.18
N LEU G 42 5.66 -17.01 12.80
CA LEU G 42 6.17 -16.36 14.00
C LEU G 42 6.56 -14.92 13.70
N GLU G 43 7.27 -14.69 12.60
CA GLU G 43 7.75 -13.35 12.29
C GLU G 43 6.59 -12.41 11.99
N GLU G 44 5.57 -12.90 11.28
CA GLU G 44 4.39 -12.06 11.03
C GLU G 44 3.66 -11.74 12.33
N LEU G 45 3.51 -12.73 13.22
CA LEU G 45 2.85 -12.48 14.50
C LEU G 45 3.65 -11.50 15.34
N TYR G 46 4.97 -11.57 15.28
CA TYR G 46 5.80 -10.59 16.00
C TYR G 46 5.56 -9.19 15.47
N ASN G 47 5.56 -9.04 14.14
CA ASN G 47 5.32 -7.73 13.55
C ASN G 47 3.91 -7.22 13.84
N LYS G 48 2.96 -8.13 14.00
CA LYS G 48 1.58 -7.71 14.28
C LYS G 48 1.42 -7.26 15.73
N HIS G 49 2.10 -7.92 16.66
CA HIS G 49 1.97 -7.58 18.08
C HIS G 49 3.26 -6.99 18.62
N ILE G 50 3.86 -6.05 17.90
CA ILE G 50 5.09 -5.43 18.37
C ILE G 50 4.80 -4.38 19.42
N HIS G 51 3.69 -3.65 19.27
CA HIS G 51 3.29 -2.62 20.22
C HIS G 51 2.32 -3.15 21.28
N ASP G 52 1.88 -4.40 21.17
CA ASP G 52 0.95 -4.96 22.14
C ASP G 52 1.68 -5.19 23.46
N ASN G 53 1.14 -4.62 24.54
CA ASN G 53 1.72 -4.73 25.87
C ASN G 53 1.00 -5.75 26.74
N ALA G 54 0.09 -6.55 26.17
CA ALA G 54 -0.54 -7.62 26.93
C ALA G 54 0.45 -8.69 27.33
N GLU G 55 1.57 -8.79 26.62
CA GLU G 55 2.62 -9.76 26.94
C GLU G 55 3.96 -9.09 26.72
N ARG G 56 4.89 -9.32 27.65
CA ARG G 56 6.23 -8.77 27.59
C ARG G 56 7.24 -9.91 27.64
N ARG G 57 8.22 -9.87 26.75
CA ARG G 57 9.23 -10.92 26.65
C ARG G 57 10.62 -10.31 26.70
N PHE G 58 11.52 -11.00 27.39
CA PHE G 58 12.90 -10.52 27.56
C PHE G 58 13.85 -11.71 27.44
N VAL G 59 14.83 -11.58 26.56
CA VAL G 59 15.87 -12.60 26.42
C VAL G 59 16.98 -12.28 27.42
N VAL G 60 17.78 -13.30 27.72
CA VAL G 60 18.90 -13.17 28.65
C VAL G 60 20.17 -13.50 27.89
N GLU G 61 21.12 -12.57 27.89
CA GLU G 61 22.37 -12.72 27.16
C GLU G 61 23.54 -12.48 28.11
N ASP G 62 24.59 -13.27 27.94
CA ASP G 62 25.78 -13.16 28.79
C ASP G 62 26.66 -12.02 28.31
N ALA G 63 27.93 -12.02 28.76
CA ALA G 63 28.86 -10.99 28.32
C ALA G 63 29.15 -11.10 26.82
N GLN G 64 29.35 -12.33 26.34
CA GLN G 64 29.60 -12.57 24.93
C GLN G 64 28.33 -12.54 24.08
N LYS G 65 27.19 -12.21 24.67
CA LYS G 65 25.93 -12.07 23.94
C LYS G 65 25.45 -13.41 23.40
N ASN G 66 25.52 -14.45 24.24
CA ASN G 66 24.96 -15.76 23.92
C ASN G 66 23.62 -15.88 24.64
N LEU G 67 22.56 -16.04 23.87
CA LEU G 67 21.22 -16.17 24.45
C LEU G 67 21.14 -17.44 25.28
N ILE G 68 20.78 -17.29 26.57
CA ILE G 68 20.74 -18.40 27.49
C ILE G 68 19.31 -18.78 27.88
N GLY G 69 18.43 -17.78 28.01
CA GLY G 69 17.07 -18.06 28.46
C GLY G 69 16.09 -17.01 27.98
N LEU G 70 14.83 -17.21 28.37
CA LEU G 70 13.73 -16.33 28.00
C LEU G 70 12.82 -16.13 29.20
N VAL G 71 12.41 -14.88 29.42
CA VAL G 71 11.47 -14.52 30.48
C VAL G 71 10.22 -13.95 29.81
N GLU G 72 9.07 -14.54 30.10
CA GLU G 72 7.81 -14.15 29.48
C GLU G 72 6.81 -13.76 30.56
N LEU G 73 6.38 -12.51 30.55
CA LEU G 73 5.25 -12.05 31.33
C LEU G 73 4.03 -12.03 30.40
N ILE G 74 3.05 -12.88 30.70
CA ILE G 74 1.88 -13.04 29.84
C ILE G 74 0.62 -12.86 30.67
N GLU G 75 -0.51 -12.75 29.99
CA GLU G 75 -1.80 -12.54 30.64
C GLU G 75 -1.75 -11.34 31.57
N ILE G 76 -1.06 -10.29 31.13
CA ILE G 76 -0.88 -9.10 31.96
C ILE G 76 -2.18 -8.33 32.05
N ASN G 77 -2.58 -7.98 33.27
CA ASN G 77 -3.80 -7.22 33.53
C ASN G 77 -3.41 -5.95 34.28
N TYR G 78 -3.67 -4.80 33.68
CA TYR G 78 -3.28 -3.52 34.26
C TYR G 78 -4.34 -2.92 35.15
N ILE G 79 -5.48 -3.58 35.33
CA ILE G 79 -6.47 -3.18 36.33
C ILE G 79 -6.24 -3.92 37.64
N HIS G 80 -6.06 -5.25 37.56
CA HIS G 80 -5.74 -6.06 38.73
C HIS G 80 -4.24 -6.11 39.01
N ARG G 81 -3.41 -5.68 38.05
CA ARG G 81 -1.96 -5.61 38.24
C ARG G 81 -1.37 -6.98 38.50
N SER G 82 -1.75 -7.95 37.67
CA SER G 82 -1.24 -9.31 37.76
C SER G 82 -0.65 -9.73 36.43
N ALA G 83 0.14 -10.80 36.45
CA ALA G 83 0.76 -11.32 35.24
C ALA G 83 1.33 -12.69 35.53
N GLU G 84 1.27 -13.57 34.53
CA GLU G 84 1.84 -14.91 34.63
C GLU G 84 3.30 -14.87 34.18
N PHE G 85 4.18 -15.39 35.01
CA PHE G 85 5.62 -15.40 34.74
C PHE G 85 6.04 -16.78 34.28
N GLN G 86 6.77 -16.84 33.16
CA GLN G 86 7.32 -18.07 32.62
C GLN G 86 8.81 -17.89 32.37
N ILE G 87 9.61 -18.84 32.82
CA ILE G 87 11.06 -18.83 32.64
C ILE G 87 11.45 -20.06 31.85
N ILE G 88 12.35 -19.89 30.88
CA ILE G 88 12.80 -20.97 30.02
C ILE G 88 14.29 -20.76 29.76
N ILE G 89 15.14 -21.59 30.37
CA ILE G 89 16.57 -21.56 30.14
C ILE G 89 16.93 -22.63 29.12
N ALA G 90 17.80 -22.28 28.18
CA ALA G 90 18.17 -23.21 27.13
C ALA G 90 18.99 -24.37 27.73
N PRO G 91 18.89 -25.57 27.14
CA PRO G 91 19.66 -26.69 27.68
C PRO G 91 21.16 -26.44 27.72
N GLU G 92 21.69 -25.63 26.81
CA GLU G 92 23.13 -25.39 26.79
C GLU G 92 23.61 -24.79 28.10
N HIS G 93 22.88 -23.82 28.64
CA HIS G 93 23.27 -23.09 29.83
C HIS G 93 22.44 -23.49 31.05
N GLN G 94 21.93 -24.72 31.06
CA GLN G 94 21.11 -25.21 32.16
C GLN G 94 22.00 -25.81 33.25
N GLY G 95 21.51 -25.73 34.49
CA GLY G 95 22.25 -26.24 35.62
C GLY G 95 23.41 -25.36 36.08
N LYS G 96 23.48 -24.11 35.62
CA LYS G 96 24.54 -23.20 36.00
C LYS G 96 24.07 -22.14 37.00
N GLY G 97 22.90 -22.33 37.61
CA GLY G 97 22.41 -21.41 38.61
C GLY G 97 21.81 -20.13 38.08
N PHE G 98 21.73 -19.95 36.77
CA PHE G 98 21.17 -18.72 36.22
C PHE G 98 19.70 -18.56 36.59
N ALA G 99 18.98 -19.68 36.78
CA ALA G 99 17.54 -19.61 36.99
C ALA G 99 17.18 -18.67 38.13
N ARG G 100 17.92 -18.74 39.25
CA ARG G 100 17.57 -17.93 40.41
C ARG G 100 17.77 -16.45 40.13
N THR G 101 18.91 -16.09 39.53
CA THR G 101 19.18 -14.69 39.23
C THR G 101 18.15 -14.13 38.26
N LEU G 102 17.76 -14.92 37.26
CA LEU G 102 16.81 -14.44 36.26
C LEU G 102 15.42 -14.28 36.86
N ILE G 103 15.01 -15.18 37.74
CA ILE G 103 13.72 -15.05 38.40
C ILE G 103 13.66 -13.77 39.21
N ASN G 104 14.76 -13.45 39.91
CA ASN G 104 14.77 -12.25 40.74
C ASN G 104 14.86 -10.99 39.89
N ARG G 105 15.61 -11.04 38.77
CA ARG G 105 15.64 -9.89 37.87
C ARG G 105 14.27 -9.65 37.27
N ALA G 106 13.52 -10.71 36.99
CA ALA G 106 12.17 -10.54 36.45
C ALA G 106 11.22 -10.00 37.52
N LEU G 107 11.36 -10.48 38.76
CA LEU G 107 10.54 -9.94 39.84
C LEU G 107 10.87 -8.47 40.09
N ASP G 108 12.15 -8.11 39.99
CA ASP G 108 12.55 -6.72 40.19
C ASP G 108 11.91 -5.82 39.13
N TYR G 109 11.97 -6.23 37.86
CA TYR G 109 11.38 -5.43 36.79
C TYR G 109 9.86 -5.33 36.95
N SER G 110 9.23 -6.38 37.45
CA SER G 110 7.77 -6.37 37.59
C SER G 110 7.31 -5.51 38.76
N PHE G 111 8.11 -5.41 39.81
CA PHE G 111 7.68 -4.73 41.03
C PHE G 111 8.29 -3.35 41.21
N THR G 112 9.40 -3.04 40.52
CA THR G 112 10.05 -1.75 40.66
C THR G 112 9.90 -0.85 39.44
N ILE G 113 9.49 -1.39 38.29
CA ILE G 113 9.34 -0.62 37.07
C ILE G 113 7.88 -0.61 36.61
N LEU G 114 7.29 -1.79 36.43
CA LEU G 114 5.90 -1.87 35.98
C LEU G 114 4.90 -1.60 37.09
N ASN G 115 5.33 -1.65 38.35
CA ASN G 115 4.44 -1.41 39.49
C ASN G 115 3.30 -2.41 39.50
N LEU G 116 3.63 -3.68 39.29
CA LEU G 116 2.65 -4.76 39.36
C LEU G 116 2.46 -5.23 40.79
N HIS G 117 1.29 -5.82 41.05
CA HIS G 117 0.90 -6.23 42.39
C HIS G 117 1.14 -7.70 42.67
N LYS G 118 0.92 -8.58 41.68
CA LYS G 118 1.01 -10.02 41.89
C LYS G 118 1.64 -10.68 40.67
N ILE G 119 2.54 -11.62 40.92
CA ILE G 119 3.15 -12.44 39.89
C ILE G 119 2.91 -13.90 40.25
N TYR G 120 2.19 -14.62 39.40
CA TYR G 120 1.90 -16.03 39.62
C TYR G 120 2.49 -16.86 38.49
N LEU G 121 2.59 -18.17 38.74
CA LEU G 121 3.15 -19.08 37.75
C LEU G 121 2.60 -20.48 37.99
N HIS G 122 2.67 -21.30 36.96
CA HIS G 122 2.28 -22.70 37.04
C HIS G 122 3.51 -23.58 36.89
N VAL G 123 3.64 -24.57 37.76
CA VAL G 123 4.77 -25.50 37.74
C VAL G 123 4.22 -26.92 37.85
N ALA G 124 4.74 -27.81 37.02
CA ALA G 124 4.31 -29.21 37.05
C ALA G 124 4.49 -29.79 38.45
N VAL G 125 3.44 -30.45 38.95
CA VAL G 125 3.48 -31.00 40.30
C VAL G 125 4.54 -32.09 40.40
N GLU G 126 4.83 -32.77 39.30
CA GLU G 126 5.85 -33.82 39.27
C GLU G 126 7.25 -33.26 39.09
N ASN G 127 7.45 -31.98 39.38
CA ASN G 127 8.77 -31.34 39.33
C ASN G 127 9.00 -30.60 40.64
N PRO G 128 9.10 -31.33 41.76
CA PRO G 128 9.25 -30.67 43.05
C PRO G 128 10.54 -29.89 43.18
N LYS G 129 11.53 -30.14 42.32
CA LYS G 129 12.75 -29.33 42.35
C LYS G 129 12.46 -27.89 41.98
N ALA G 130 11.71 -27.69 40.88
CA ALA G 130 11.32 -26.34 40.50
C ALA G 130 10.40 -25.72 41.54
N VAL G 131 9.51 -26.52 42.13
CA VAL G 131 8.62 -26.00 43.16
C VAL G 131 9.43 -25.39 44.31
N HIS G 132 10.38 -26.16 44.83
CA HIS G 132 11.21 -25.66 45.92
C HIS G 132 12.03 -24.45 45.47
N LEU G 133 12.48 -24.44 44.22
CA LEU G 133 13.22 -23.29 43.71
C LEU G 133 12.38 -22.02 43.79
N TYR G 134 11.15 -22.06 43.25
CA TYR G 134 10.29 -20.89 43.31
C TYR G 134 9.93 -20.54 44.74
N GLU G 135 9.77 -21.53 45.62
CA GLU G 135 9.52 -21.25 47.03
C GLU G 135 10.68 -20.47 47.63
N GLU G 136 11.91 -20.82 47.25
CA GLU G 136 13.07 -20.10 47.76
C GLU G 136 13.09 -18.67 47.23
N CYS G 137 12.69 -18.47 45.97
CA CYS G 137 12.66 -17.15 45.37
C CYS G 137 11.56 -16.26 45.95
N GLY G 138 10.72 -16.79 46.85
CA GLY G 138 9.67 -16.03 47.48
C GLY G 138 8.25 -16.46 47.13
N PHE G 139 8.08 -17.26 46.08
CA PHE G 139 6.73 -17.70 45.70
C PHE G 139 6.15 -18.62 46.78
N VAL G 140 4.82 -18.69 46.79
CA VAL G 140 4.08 -19.52 47.74
C VAL G 140 2.96 -20.22 47.01
N GLU G 141 2.73 -21.49 47.34
CA GLU G 141 1.67 -22.25 46.69
C GLU G 141 0.31 -21.69 47.08
N GLU G 142 -0.54 -21.47 46.07
CA GLU G 142 -1.90 -21.00 46.29
C GLU G 142 -2.95 -21.91 45.67
N GLY G 143 -2.56 -22.87 44.84
CA GLY G 143 -3.51 -23.78 44.23
C GLY G 143 -2.84 -25.03 43.74
N HIS G 144 -3.62 -26.11 43.67
CA HIS G 144 -3.17 -27.40 43.15
C HIS G 144 -4.16 -27.80 42.06
N LEU G 145 -4.00 -27.21 40.88
CA LEU G 145 -4.92 -27.47 39.77
C LEU G 145 -4.85 -28.94 39.39
N VAL G 146 -6.01 -29.60 39.35
CA VAL G 146 -6.08 -31.04 39.13
C VAL G 146 -6.25 -31.32 37.65
N GLU G 147 -5.35 -32.13 37.09
CA GLU G 147 -5.42 -32.53 35.68
C GLU G 147 -5.60 -31.30 34.79
N GLU G 148 -4.78 -30.28 35.06
CA GLU G 148 -4.93 -28.99 34.39
C GLU G 148 -4.35 -29.02 32.99
N PHE G 149 -3.13 -29.53 32.84
CA PHE G 149 -2.43 -29.51 31.56
C PHE G 149 -2.19 -30.92 31.05
N PHE G 150 -2.25 -31.08 29.73
CA PHE G 150 -1.97 -32.34 29.06
C PHE G 150 -0.50 -32.32 28.65
N ILE G 151 0.33 -33.06 29.40
CA ILE G 151 1.78 -33.04 29.24
C ILE G 151 2.25 -34.46 28.92
N ASN G 152 3.05 -34.59 27.86
CA ASN G 152 3.55 -35.89 27.42
C ASN G 152 2.45 -36.94 27.38
N GLY G 153 1.37 -36.60 26.67
CA GLY G 153 0.26 -37.52 26.54
C GLY G 153 -0.35 -37.97 27.85
N ARG G 154 -0.49 -37.04 28.80
CA ARG G 154 -1.01 -37.39 30.12
C ARG G 154 -1.48 -36.12 30.81
N TYR G 155 -2.73 -36.11 31.25
CA TYR G 155 -3.23 -34.99 32.05
C TYR G 155 -2.55 -34.99 33.41
N GLN G 156 -1.84 -33.91 33.72
CA GLN G 156 -1.10 -33.79 34.97
C GLN G 156 -1.60 -32.60 35.77
N ASP G 157 -1.42 -32.68 37.09
CA ASP G 157 -1.73 -31.56 37.96
C ASP G 157 -0.55 -30.59 37.98
N VAL G 158 -0.85 -29.31 38.26
CA VAL G 158 0.15 -28.26 38.28
C VAL G 158 -0.12 -27.36 39.48
N LYS G 159 0.94 -26.98 40.18
CA LYS G 159 0.84 -26.08 41.32
C LYS G 159 0.91 -24.64 40.83
N ARG G 160 -0.06 -23.83 41.25
CA ARG G 160 -0.06 -22.40 40.98
C ARG G 160 0.53 -21.68 42.19
N MET G 161 1.62 -20.97 41.99
CA MET G 161 2.36 -20.31 43.05
C MET G 161 2.48 -18.83 42.73
N TYR G 162 2.38 -17.99 43.77
CA TYR G 162 2.31 -16.55 43.61
C TYR G 162 3.35 -15.85 44.48
N ILE G 163 3.61 -14.60 44.15
CA ILE G 163 4.41 -13.70 44.98
C ILE G 163 3.84 -12.30 44.82
N LEU G 164 3.83 -11.54 45.92
CA LEU G 164 3.21 -10.22 45.95
C LEU G 164 4.28 -9.14 46.00
N GLN G 165 3.90 -7.95 45.51
CA GLN G 165 4.84 -6.83 45.45
C GLN G 165 5.28 -6.41 46.85
N SER G 166 4.34 -6.35 47.79
CA SER G 166 4.69 -5.95 49.15
C SER G 166 5.75 -6.87 49.74
N LYS G 167 5.66 -8.17 49.46
CA LYS G 167 6.63 -9.12 49.99
C LYS G 167 8.01 -8.89 49.37
N TYR G 168 8.06 -8.67 48.06
CA TYR G 168 9.35 -8.49 47.39
C TYR G 168 10.01 -7.18 47.80
N LEU G 169 9.24 -6.10 47.92
CA LEU G 169 9.81 -4.81 48.25
C LEU G 169 10.11 -4.68 49.74
N ASN G 170 9.23 -5.20 50.59
CA ASN G 170 9.42 -5.12 52.04
C ASN G 170 10.08 -6.38 52.56
N LEU H 5 -36.61 -23.34 30.49
CA LEU H 5 -35.42 -22.53 30.18
C LEU H 5 -34.67 -23.12 28.99
N THR H 6 -34.23 -22.23 28.09
CA THR H 6 -33.55 -22.63 26.86
C THR H 6 -32.30 -21.77 26.66
N LEU H 7 -31.22 -22.41 26.24
CA LEU H 7 -29.97 -21.74 25.93
C LEU H 7 -29.78 -21.66 24.42
N ARG H 8 -29.54 -20.45 23.92
CA ARG H 8 -29.42 -20.20 22.50
C ARG H 8 -28.09 -19.51 22.21
N ALA H 9 -27.48 -19.85 21.07
CA ALA H 9 -26.24 -19.22 20.67
C ALA H 9 -26.41 -17.72 20.57
N LEU H 10 -25.36 -16.98 20.90
CA LEU H 10 -25.42 -15.53 20.94
C LEU H 10 -25.35 -14.96 19.52
N GLU H 11 -26.12 -13.89 19.30
CA GLU H 11 -26.21 -13.24 18.00
C GLU H 11 -26.10 -11.73 18.18
N ARG H 12 -25.99 -11.02 17.05
CA ARG H 12 -25.88 -9.57 17.09
C ARG H 12 -27.01 -8.95 17.90
N GLY H 13 -28.25 -9.35 17.62
CA GLY H 13 -29.40 -8.75 18.27
C GLY H 13 -29.36 -8.85 19.79
N ASP H 14 -28.58 -9.78 20.34
CA ASP H 14 -28.50 -9.95 21.78
C ASP H 14 -27.50 -9.02 22.44
N LEU H 15 -26.64 -8.36 21.66
CA LEU H 15 -25.58 -7.54 22.24
C LEU H 15 -26.14 -6.50 23.19
N ARG H 16 -27.20 -5.79 22.78
CA ARG H 16 -27.76 -4.75 23.64
C ARG H 16 -28.22 -5.33 24.97
N PHE H 17 -28.57 -6.62 25.00
CA PHE H 17 -28.93 -7.25 26.27
C PHE H 17 -27.68 -7.50 27.12
N ILE H 18 -26.62 -8.01 26.50
CA ILE H 18 -25.37 -8.24 27.22
C ILE H 18 -24.89 -6.94 27.86
N HIS H 19 -24.80 -5.87 27.04
CA HIS H 19 -24.35 -4.59 27.55
C HIS H 19 -25.18 -4.15 28.74
N ASN H 20 -26.51 -4.21 28.62
CA ASN H 20 -27.38 -3.78 29.70
C ASN H 20 -27.06 -4.50 31.00
N LEU H 21 -26.94 -5.83 30.94
CA LEU H 21 -26.57 -6.59 32.13
C LEU H 21 -25.29 -6.05 32.75
N ASN H 22 -24.28 -5.78 31.93
CA ASN H 22 -23.00 -5.34 32.44
C ASN H 22 -23.09 -3.96 33.08
N LYS H 23 -24.07 -3.14 32.68
CA LYS H 23 -24.22 -1.83 33.30
C LYS H 23 -24.74 -1.94 34.72
N GLU H 24 -25.36 -3.06 35.08
CA GLU H 24 -25.88 -3.26 36.43
C GLU H 24 -24.87 -3.86 37.38
N LEU H 25 -23.75 -4.37 36.87
CA LEU H 25 -22.66 -4.89 37.69
C LEU H 25 -21.45 -3.98 37.53
N ALA H 26 -20.93 -3.47 38.64
CA ALA H 26 -19.77 -2.58 38.63
C ALA H 26 -18.51 -3.39 38.37
N ARG H 27 -18.44 -3.97 37.17
CA ARG H 27 -17.35 -4.83 36.76
C ARG H 27 -16.65 -4.22 35.55
N TYR H 28 -15.34 -4.44 35.48
CA TYR H 28 -14.53 -4.02 34.34
C TYR H 28 -14.69 -5.08 33.25
N GLU H 29 -15.56 -4.80 32.28
CA GLU H 29 -15.94 -5.82 31.31
C GLU H 29 -14.82 -6.13 30.34
N TYR H 30 -14.94 -7.29 29.68
CA TYR H 30 -14.01 -7.72 28.64
C TYR H 30 -14.78 -8.42 27.54
N TRP H 31 -14.17 -8.45 26.35
CA TRP H 31 -14.70 -9.21 25.22
C TRP H 31 -13.51 -9.82 24.48
N PHE H 32 -13.30 -11.12 24.66
CA PHE H 32 -12.12 -11.80 24.14
C PHE H 32 -10.86 -11.12 24.67
N GLU H 33 -10.86 -10.85 25.98
CA GLU H 33 -9.71 -10.26 26.67
C GLU H 33 -9.35 -8.90 26.08
N GLU H 34 -10.38 -8.08 25.82
CA GLU H 34 -10.18 -6.72 25.34
C GLU H 34 -11.10 -5.80 26.13
N PRO H 35 -10.55 -4.83 26.87
CA PRO H 35 -11.41 -3.95 27.67
C PRO H 35 -12.41 -3.19 26.82
N TYR H 36 -13.64 -3.09 27.34
CA TYR H 36 -14.68 -2.30 26.71
C TYR H 36 -15.61 -1.77 27.79
N GLU H 37 -16.32 -0.69 27.47
CA GLU H 37 -17.25 -0.10 28.42
C GLU H 37 -18.46 0.52 27.73
N SER H 38 -18.30 0.91 26.46
CA SER H 38 -19.39 1.48 25.68
C SER H 38 -19.94 0.44 24.70
N PHE H 39 -21.19 0.64 24.30
CA PHE H 39 -21.83 -0.28 23.37
C PHE H 39 -21.10 -0.29 22.04
N ASP H 40 -20.63 0.88 21.59
CA ASP H 40 -19.92 0.94 20.31
C ASP H 40 -18.62 0.14 20.38
N GLU H 41 -17.87 0.24 21.47
CA GLU H 41 -16.70 -0.60 21.66
C GLU H 41 -17.08 -2.07 21.63
N LEU H 42 -18.19 -2.43 22.29
CA LEU H 42 -18.63 -3.82 22.31
C LEU H 42 -18.99 -4.30 20.92
N GLU H 43 -19.69 -3.47 20.14
CA GLU H 43 -20.09 -3.88 18.80
C GLU H 43 -18.88 -4.10 17.90
N GLU H 44 -17.89 -3.21 17.98
CA GLU H 44 -16.70 -3.37 17.14
C GLU H 44 -15.90 -4.59 17.57
N LEU H 45 -15.81 -4.85 18.87
CA LEU H 45 -15.10 -6.03 19.33
C LEU H 45 -15.84 -7.30 18.93
N TYR H 46 -17.17 -7.27 18.96
CA TYR H 46 -17.95 -8.43 18.53
C TYR H 46 -17.67 -8.75 17.07
N ASN H 47 -17.71 -7.73 16.21
CA ASN H 47 -17.44 -7.94 14.80
C ASN H 47 -15.97 -8.29 14.54
N LYS H 48 -15.08 -8.00 15.49
CA LYS H 48 -13.67 -8.34 15.33
C LYS H 48 -13.40 -9.80 15.67
N HIS H 49 -14.13 -10.36 16.63
CA HIS H 49 -13.97 -11.74 17.06
C HIS H 49 -15.19 -12.59 16.71
N ILE H 50 -15.82 -12.29 15.57
CA ILE H 50 -17.02 -13.00 15.18
C ILE H 50 -16.71 -14.47 14.92
N HIS H 51 -15.56 -14.75 14.32
CA HIS H 51 -15.17 -16.12 13.97
C HIS H 51 -14.14 -16.70 14.92
N ASP H 52 -13.88 -16.05 16.05
CA ASP H 52 -12.92 -16.55 17.03
C ASP H 52 -13.63 -17.47 18.01
N ASN H 53 -13.07 -18.66 18.20
CA ASN H 53 -13.64 -19.67 19.09
C ASN H 53 -13.05 -19.66 20.48
N ALA H 54 -12.14 -18.72 20.77
CA ALA H 54 -11.55 -18.65 22.11
C ALA H 54 -12.60 -18.43 23.18
N GLU H 55 -13.78 -17.92 22.83
CA GLU H 55 -14.86 -17.72 23.77
C GLU H 55 -16.18 -18.07 23.10
N ARG H 56 -17.06 -18.73 23.85
CA ARG H 56 -18.38 -19.10 23.38
C ARG H 56 -19.41 -18.62 24.39
N ARG H 57 -20.44 -17.92 23.92
CA ARG H 57 -21.47 -17.36 24.77
C ARG H 57 -22.84 -17.83 24.30
N PHE H 58 -23.74 -18.05 25.27
CA PHE H 58 -25.09 -18.51 24.98
C PHE H 58 -26.06 -17.77 25.88
N VAL H 59 -27.10 -17.19 25.28
CA VAL H 59 -28.08 -16.43 26.04
C VAL H 59 -29.12 -17.39 26.58
N VAL H 60 -29.71 -17.04 27.73
CA VAL H 60 -30.71 -17.85 28.41
C VAL H 60 -32.05 -17.14 28.33
N GLU H 61 -33.06 -17.85 27.83
CA GLU H 61 -34.41 -17.31 27.69
C GLU H 61 -35.41 -18.33 28.21
N ASP H 62 -36.55 -17.84 28.69
CA ASP H 62 -37.58 -18.68 29.28
C ASP H 62 -38.51 -19.21 28.19
N ALA H 63 -39.63 -19.79 28.60
CA ALA H 63 -40.58 -20.34 27.63
C ALA H 63 -41.17 -19.22 26.76
N GLN H 64 -41.53 -18.09 27.37
CA GLN H 64 -42.01 -16.93 26.63
C GLN H 64 -40.92 -16.26 25.82
N LYS H 65 -39.69 -16.76 25.89
CA LYS H 65 -38.53 -16.21 25.19
C LYS H 65 -38.06 -14.88 25.79
N ASN H 66 -38.46 -14.60 27.03
CA ASN H 66 -37.91 -13.45 27.75
C ASN H 66 -36.46 -13.72 28.11
N LEU H 67 -35.63 -12.68 28.01
CA LEU H 67 -34.21 -12.82 28.30
C LEU H 67 -33.99 -12.97 29.79
N ILE H 68 -33.33 -14.06 30.18
CA ILE H 68 -33.15 -14.41 31.59
C ILE H 68 -31.71 -14.22 32.04
N GLY H 69 -30.75 -14.62 31.22
CA GLY H 69 -29.36 -14.51 31.62
C GLY H 69 -28.41 -14.84 30.49
N LEU H 70 -27.17 -15.12 30.87
CA LEU H 70 -26.11 -15.40 29.92
C LEU H 70 -25.09 -16.34 30.55
N VAL H 71 -24.56 -17.25 29.73
CA VAL H 71 -23.46 -18.13 30.13
C VAL H 71 -22.29 -17.87 29.20
N GLU H 72 -21.10 -17.77 29.78
CA GLU H 72 -19.89 -17.48 29.02
C GLU H 72 -18.84 -18.56 29.28
N LEU H 73 -18.23 -19.04 28.20
CA LEU H 73 -17.08 -19.94 28.28
C LEU H 73 -15.89 -19.18 27.70
N ILE H 74 -14.91 -18.87 28.54
CA ILE H 74 -13.76 -18.07 28.14
C ILE H 74 -12.49 -18.89 28.38
N GLU H 75 -11.39 -18.39 27.83
CA GLU H 75 -10.09 -19.07 27.93
C GLU H 75 -10.20 -20.53 27.49
N ILE H 76 -10.97 -20.76 26.43
CA ILE H 76 -11.11 -22.10 25.87
C ILE H 76 -9.80 -22.48 25.22
N ASN H 77 -9.17 -23.55 25.73
CA ASN H 77 -7.89 -24.04 25.22
C ASN H 77 -8.12 -25.47 24.71
N TYR H 78 -8.11 -25.63 23.38
CA TYR H 78 -8.40 -26.92 22.77
C TYR H 78 -7.21 -27.87 22.80
N ILE H 79 -6.04 -27.42 23.25
CA ILE H 79 -4.92 -28.33 23.44
C ILE H 79 -5.07 -29.09 24.75
N HIS H 80 -5.43 -28.39 25.83
CA HIS H 80 -5.67 -29.00 27.13
C HIS H 80 -7.15 -29.29 27.37
N ARG H 81 -8.04 -28.75 26.55
CA ARG H 81 -9.48 -29.03 26.66
C ARG H 81 -10.03 -28.55 28.01
N SER H 82 -9.75 -27.28 28.32
CA SER H 82 -10.28 -26.63 29.51
C SER H 82 -11.01 -25.36 29.09
N ALA H 83 -11.74 -24.77 30.04
CA ALA H 83 -12.48 -23.55 29.78
C ALA H 83 -13.02 -23.00 31.09
N GLU H 84 -13.00 -21.69 31.23
CA GLU H 84 -13.57 -21.03 32.40
C GLU H 84 -15.04 -20.73 32.13
N PHE H 85 -15.87 -20.97 33.13
CA PHE H 85 -17.32 -20.78 33.02
C PHE H 85 -17.74 -19.59 33.87
N GLN H 86 -18.61 -18.76 33.29
CA GLN H 86 -19.19 -17.61 34.00
C GLN H 86 -20.68 -17.57 33.71
N ILE H 87 -21.46 -17.25 34.74
CA ILE H 87 -22.93 -17.23 34.66
C ILE H 87 -23.41 -15.88 35.16
N ILE H 88 -24.34 -15.28 34.43
CA ILE H 88 -24.97 -14.02 34.82
C ILE H 88 -26.47 -14.17 34.63
N ILE H 89 -27.23 -13.78 35.66
CA ILE H 89 -28.68 -13.84 35.64
C ILE H 89 -29.22 -12.45 35.91
N ALA H 90 -30.16 -12.00 35.09
CA ALA H 90 -30.66 -10.64 35.20
C ALA H 90 -31.28 -10.41 36.58
N PRO H 91 -31.17 -9.19 37.12
CA PRO H 91 -31.72 -8.95 38.47
C PRO H 91 -33.21 -9.23 38.59
N GLU H 92 -33.95 -9.21 37.48
CA GLU H 92 -35.39 -9.45 37.57
C GLU H 92 -35.69 -10.91 37.88
N HIS H 93 -34.85 -11.84 37.39
CA HIS H 93 -35.08 -13.26 37.55
C HIS H 93 -34.11 -13.90 38.55
N GLN H 94 -33.55 -13.10 39.46
CA GLN H 94 -32.66 -13.61 40.49
C GLN H 94 -33.45 -14.01 41.73
N GLY H 95 -32.98 -15.06 42.40
CA GLY H 95 -33.65 -15.59 43.57
C GLY H 95 -34.71 -16.62 43.27
N LYS H 96 -34.90 -16.99 42.01
CA LYS H 96 -35.91 -17.97 41.63
C LYS H 96 -35.32 -19.36 41.40
N GLY H 97 -34.04 -19.55 41.71
CA GLY H 97 -33.44 -20.86 41.57
C GLY H 97 -33.06 -21.26 40.17
N PHE H 98 -32.86 -20.29 39.27
CA PHE H 98 -32.51 -20.63 37.89
C PHE H 98 -31.02 -20.91 37.75
N ALA H 99 -30.18 -20.29 38.59
CA ALA H 99 -28.74 -20.47 38.46
C ALA H 99 -28.35 -21.94 38.47
N ARG H 100 -28.99 -22.72 39.34
CA ARG H 100 -28.63 -24.14 39.47
C ARG H 100 -28.93 -24.89 38.17
N THR H 101 -30.11 -24.67 37.59
CA THR H 101 -30.47 -25.35 36.36
C THR H 101 -29.56 -24.92 35.20
N LEU H 102 -29.26 -23.62 35.13
CA LEU H 102 -28.44 -23.11 34.04
C LEU H 102 -27.01 -23.64 34.13
N ILE H 103 -26.46 -23.72 35.34
CA ILE H 103 -25.14 -24.31 35.50
C ILE H 103 -25.13 -25.75 35.02
N ASN H 104 -26.20 -26.50 35.34
CA ASN H 104 -26.29 -27.88 34.86
C ASN H 104 -26.37 -27.92 33.34
N ARG H 105 -27.16 -27.04 32.74
CA ARG H 105 -27.25 -27.01 31.28
C ARG H 105 -25.90 -26.65 30.65
N ALA H 106 -25.19 -25.69 31.23
CA ALA H 106 -23.90 -25.29 30.68
C ALA H 106 -22.89 -26.44 30.78
N LEU H 107 -22.83 -27.10 31.94
CA LEU H 107 -21.92 -28.22 32.10
C LEU H 107 -22.26 -29.34 31.12
N ASP H 108 -23.54 -29.58 30.89
CA ASP H 108 -23.94 -30.62 29.94
C ASP H 108 -23.47 -30.28 28.53
N TYR H 109 -23.69 -29.03 28.10
CA TYR H 109 -23.25 -28.62 26.78
C TYR H 109 -21.73 -28.72 26.65
N SER H 110 -21.01 -28.30 27.70
CA SER H 110 -19.55 -28.28 27.64
C SER H 110 -18.98 -29.69 27.55
N PHE H 111 -19.51 -30.61 28.36
CA PHE H 111 -18.96 -31.96 28.42
C PHE H 111 -19.51 -32.88 27.33
N THR H 112 -20.63 -32.53 26.70
CA THR H 112 -21.26 -33.36 25.69
C THR H 112 -20.89 -32.94 24.27
N ILE H 113 -21.07 -31.66 23.94
CA ILE H 113 -20.87 -31.18 22.58
C ILE H 113 -19.42 -30.79 22.38
N LEU H 114 -18.91 -29.90 23.23
CA LEU H 114 -17.55 -29.40 23.06
C LEU H 114 -16.50 -30.44 23.44
N ASN H 115 -16.87 -31.46 24.21
CA ASN H 115 -15.93 -32.52 24.60
C ASN H 115 -14.74 -31.92 25.36
N LEU H 116 -15.05 -31.17 26.41
CA LEU H 116 -14.04 -30.50 27.22
C LEU H 116 -13.70 -31.35 28.44
N HIS H 117 -12.42 -31.31 28.83
CA HIS H 117 -11.95 -32.15 29.92
C HIS H 117 -12.23 -31.54 31.29
N LYS H 118 -12.06 -30.23 31.42
CA LYS H 118 -12.27 -29.54 32.68
C LYS H 118 -13.03 -28.25 32.44
N ILE H 119 -13.86 -27.88 33.42
CA ILE H 119 -14.54 -26.60 33.45
C ILE H 119 -14.27 -26.00 34.83
N TYR H 120 -13.47 -24.94 34.88
CA TYR H 120 -13.13 -24.27 36.13
C TYR H 120 -13.78 -22.89 36.16
N LEU H 121 -13.71 -22.27 37.34
CA LEU H 121 -14.28 -20.94 37.52
C LEU H 121 -13.65 -20.31 38.76
N HIS H 122 -13.77 -18.99 38.84
CA HIS H 122 -13.33 -18.23 39.99
C HIS H 122 -14.56 -17.67 40.70
N VAL H 123 -14.55 -17.71 42.03
CA VAL H 123 -15.64 -17.18 42.84
C VAL H 123 -15.03 -16.48 44.05
N ALA H 124 -15.52 -15.28 44.34
CA ALA H 124 -14.96 -14.49 45.44
C ALA H 124 -15.04 -15.26 46.75
N VAL H 125 -13.95 -15.23 47.51
CA VAL H 125 -13.93 -15.89 48.81
C VAL H 125 -14.94 -15.25 49.75
N GLU H 126 -15.18 -13.95 49.60
CA GLU H 126 -16.15 -13.23 50.41
C GLU H 126 -17.56 -13.31 49.85
N ASN H 127 -17.84 -14.31 49.03
CA ASN H 127 -19.19 -14.58 48.50
C ASN H 127 -19.51 -16.04 48.71
N PRO H 128 -19.56 -16.50 49.96
CA PRO H 128 -19.74 -17.94 50.22
C PRO H 128 -21.02 -18.51 49.64
N LYS H 129 -22.03 -17.68 49.36
CA LYS H 129 -23.26 -18.20 48.77
C LYS H 129 -22.97 -18.84 47.42
N ALA H 130 -22.26 -18.13 46.54
CA ALA H 130 -21.91 -18.69 45.25
C ALA H 130 -21.03 -19.93 45.39
N VAL H 131 -20.13 -19.91 46.39
CA VAL H 131 -19.28 -21.08 46.62
C VAL H 131 -20.14 -22.30 46.96
N HIS H 132 -21.10 -22.12 47.87
CA HIS H 132 -21.97 -23.23 48.24
C HIS H 132 -22.79 -23.70 47.05
N LEU H 133 -23.29 -22.76 46.24
CA LEU H 133 -24.08 -23.12 45.07
C LEU H 133 -23.25 -23.98 44.11
N TYR H 134 -22.04 -23.52 43.77
CA TYR H 134 -21.20 -24.28 42.86
C TYR H 134 -20.80 -25.63 43.44
N GLU H 135 -20.60 -25.69 44.76
CA GLU H 135 -20.32 -26.97 45.40
C GLU H 135 -21.49 -27.94 45.22
N GLU H 136 -22.71 -27.46 45.41
CA GLU H 136 -23.88 -28.29 45.15
C GLU H 136 -23.95 -28.73 43.69
N CYS H 137 -23.48 -27.88 42.78
CA CYS H 137 -23.50 -28.21 41.36
C CYS H 137 -22.44 -29.23 40.98
N GLY H 138 -21.47 -29.51 41.85
CA GLY H 138 -20.43 -30.48 41.58
C GLY H 138 -19.03 -29.93 41.59
N PHE H 139 -18.85 -28.61 41.61
CA PHE H 139 -17.52 -28.03 41.62
C PHE H 139 -16.83 -28.30 42.96
N VAL H 140 -15.50 -28.41 42.92
CA VAL H 140 -14.69 -28.62 44.10
C VAL H 140 -13.53 -27.62 44.06
N GLU H 141 -13.19 -27.09 45.23
CA GLU H 141 -12.12 -26.11 45.32
C GLU H 141 -10.78 -26.75 44.97
N GLU H 142 -10.00 -26.07 44.12
CA GLU H 142 -8.66 -26.50 43.78
C GLU H 142 -7.60 -25.43 44.02
N GLY H 143 -7.99 -24.22 44.38
CA GLY H 143 -7.01 -23.17 44.65
C GLY H 143 -7.64 -22.03 45.39
N HIS H 144 -6.85 -21.41 46.27
CA HIS H 144 -7.25 -20.23 47.04
C HIS H 144 -6.33 -19.09 46.62
N LEU H 145 -6.68 -18.44 45.50
CA LEU H 145 -5.84 -17.40 44.93
C LEU H 145 -5.89 -16.15 45.81
N VAL H 146 -4.72 -15.70 46.26
CA VAL H 146 -4.62 -14.59 47.19
C VAL H 146 -4.57 -13.27 46.42
N GLU H 147 -5.46 -12.35 46.78
CA GLU H 147 -5.49 -11.00 46.20
C GLU H 147 -5.43 -11.07 44.66
N GLU H 148 -6.26 -11.95 44.09
CA GLU H 148 -6.22 -12.18 42.66
C GLU H 148 -6.84 -11.01 41.90
N PHE H 149 -7.94 -10.46 42.42
CA PHE H 149 -8.71 -9.44 41.72
C PHE H 149 -8.96 -8.25 42.64
N PHE H 150 -8.84 -7.05 42.07
CA PHE H 150 -9.19 -5.82 42.76
C PHE H 150 -10.69 -5.58 42.56
N ILE H 151 -11.47 -5.76 43.63
CA ILE H 151 -12.92 -5.69 43.56
C ILE H 151 -13.41 -4.68 44.59
N ASN H 152 -14.22 -3.72 44.14
CA ASN H 152 -14.86 -2.74 45.00
C ASN H 152 -13.85 -2.11 45.97
N GLY H 153 -12.71 -1.70 45.42
CA GLY H 153 -11.72 -0.95 46.16
C GLY H 153 -10.77 -1.76 47.02
N ARG H 154 -10.86 -3.09 46.99
CA ARG H 154 -10.00 -3.93 47.81
C ARG H 154 -9.60 -5.17 47.03
N TYR H 155 -8.36 -5.62 47.24
CA TYR H 155 -7.91 -6.87 46.66
C TYR H 155 -8.53 -8.04 47.42
N GLN H 156 -9.31 -8.86 46.73
CA GLN H 156 -10.03 -9.96 47.33
C GLN H 156 -9.48 -11.29 46.83
N ASP H 157 -9.36 -12.26 47.74
CA ASP H 157 -9.01 -13.61 47.34
C ASP H 157 -10.21 -14.27 46.66
N VAL H 158 -9.91 -15.26 45.82
CA VAL H 158 -10.95 -15.96 45.05
C VAL H 158 -10.64 -17.45 45.07
N LYS H 159 -11.70 -18.25 45.21
CA LYS H 159 -11.57 -19.69 45.10
C LYS H 159 -11.65 -20.11 43.64
N ARG H 160 -10.65 -20.84 43.17
CA ARG H 160 -10.73 -21.49 41.86
C ARG H 160 -11.23 -22.91 42.06
N MET H 161 -12.38 -23.21 41.46
CA MET H 161 -13.03 -24.51 41.63
C MET H 161 -13.34 -25.09 40.26
N TYR H 162 -13.19 -26.41 40.14
CA TYR H 162 -13.28 -27.09 38.86
C TYR H 162 -14.27 -28.25 38.95
N ILE H 163 -14.65 -28.74 37.78
CA ILE H 163 -15.43 -29.97 37.66
C ILE H 163 -14.98 -30.68 36.38
N LEU H 164 -14.61 -31.95 36.52
CA LEU H 164 -14.06 -32.71 35.41
C LEU H 164 -15.18 -33.40 34.63
N GLN H 165 -14.87 -33.71 33.36
CA GLN H 165 -15.83 -34.41 32.51
C GLN H 165 -16.23 -35.74 33.10
N SER H 166 -15.28 -36.45 33.72
CA SER H 166 -15.56 -37.77 34.26
C SER H 166 -16.65 -37.71 35.33
N LYS H 167 -16.49 -36.83 36.32
CA LYS H 167 -17.47 -36.73 37.38
C LYS H 167 -18.87 -36.48 36.82
N TYR H 168 -18.98 -35.56 35.87
CA TYR H 168 -20.30 -35.19 35.36
C TYR H 168 -20.93 -36.34 34.57
N LEU H 169 -20.13 -37.05 33.78
CA LEU H 169 -20.66 -38.16 32.99
C LEU H 169 -20.91 -39.39 33.85
N ASN H 170 -19.88 -39.84 34.57
CA ASN H 170 -20.00 -41.03 35.41
C ASN H 170 -20.43 -40.64 36.83
N SER I 3 -31.35 -0.99 -37.50
CA SER I 3 -30.89 -2.26 -36.94
C SER I 3 -31.31 -2.38 -35.48
N GLN I 4 -31.21 -1.29 -34.74
CA GLN I 4 -31.51 -1.25 -33.31
C GLN I 4 -30.59 -2.17 -32.50
N LEU I 5 -29.48 -2.59 -33.10
CA LEU I 5 -28.43 -3.32 -32.40
C LEU I 5 -27.28 -2.36 -32.11
N THR I 6 -26.90 -2.25 -30.84
CA THR I 6 -25.87 -1.33 -30.42
C THR I 6 -24.62 -2.08 -29.99
N LEU I 7 -23.46 -1.59 -30.42
CA LEU I 7 -22.17 -2.14 -30.03
C LEU I 7 -21.56 -1.20 -28.99
N ARG I 8 -21.35 -1.71 -27.79
CA ARG I 8 -20.95 -0.89 -26.64
C ARG I 8 -19.69 -1.45 -26.02
N ALA I 9 -18.82 -0.55 -25.57
CA ALA I 9 -17.59 -0.97 -24.89
C ALA I 9 -17.94 -1.76 -23.63
N LEU I 10 -17.10 -2.75 -23.33
CA LEU I 10 -17.38 -3.64 -22.22
C LEU I 10 -17.21 -2.91 -20.88
N GLU I 11 -18.05 -3.28 -19.92
CA GLU I 11 -18.05 -2.71 -18.59
C GLU I 11 -17.97 -3.82 -17.55
N ARG I 12 -17.81 -3.42 -16.28
CA ARG I 12 -17.82 -4.39 -15.19
C ARG I 12 -19.11 -5.20 -15.20
N GLY I 13 -20.26 -4.52 -15.28
CA GLY I 13 -21.53 -5.22 -15.22
C GLY I 13 -21.68 -6.27 -16.30
N ASP I 14 -20.99 -6.10 -17.43
CA ASP I 14 -21.07 -7.05 -18.52
C ASP I 14 -20.26 -8.32 -18.26
N LEU I 15 -19.38 -8.32 -17.25
CA LEU I 15 -18.52 -9.48 -17.03
C LEU I 15 -19.34 -10.74 -16.75
N ARG I 16 -20.36 -10.62 -15.89
CA ARG I 16 -21.15 -11.80 -15.54
C ARG I 16 -21.98 -12.32 -16.71
N PHE I 17 -22.16 -11.52 -17.77
CA PHE I 17 -22.83 -12.01 -18.96
C PHE I 17 -21.88 -12.85 -19.82
N ILE I 18 -20.70 -12.31 -20.14
CA ILE I 18 -19.75 -13.06 -20.95
C ILE I 18 -19.33 -14.33 -20.24
N HIS I 19 -19.30 -14.32 -18.90
CA HIS I 19 -18.96 -15.52 -18.16
C HIS I 19 -20.03 -16.59 -18.35
N ASN I 20 -21.30 -16.19 -18.34
CA ASN I 20 -22.38 -17.15 -18.61
C ASN I 20 -22.37 -17.57 -20.07
N LEU I 21 -22.12 -16.63 -20.99
CA LEU I 21 -22.05 -16.98 -22.40
C LEU I 21 -20.91 -17.95 -22.68
N ASN I 22 -19.80 -17.83 -21.94
CA ASN I 22 -18.70 -18.77 -22.10
C ASN I 22 -19.02 -20.13 -21.49
N LYS I 23 -19.84 -20.15 -20.42
CA LYS I 23 -20.27 -21.41 -19.86
C LYS I 23 -21.15 -22.18 -20.84
N GLU I 24 -21.96 -21.46 -21.63
CA GLU I 24 -22.87 -22.12 -22.57
C GLU I 24 -22.08 -22.80 -23.69
N LEU I 25 -20.99 -22.19 -24.13
CA LEU I 25 -20.12 -22.76 -25.17
C LEU I 25 -18.84 -23.19 -24.45
N ALA I 26 -18.81 -24.47 -24.06
CA ALA I 26 -17.70 -24.99 -23.26
C ALA I 26 -16.37 -24.73 -23.95
N ARG I 27 -15.53 -23.91 -23.33
CA ARG I 27 -14.23 -23.58 -23.86
C ARG I 27 -13.24 -23.38 -22.72
N TYR I 28 -11.96 -23.34 -23.06
CA TYR I 28 -10.90 -22.96 -22.13
C TYR I 28 -10.61 -21.48 -22.42
N GLU I 29 -11.26 -20.61 -21.66
CA GLU I 29 -11.27 -19.19 -21.97
C GLU I 29 -10.02 -18.50 -21.45
N TYR I 30 -9.66 -17.40 -22.12
CA TYR I 30 -8.52 -16.58 -21.74
C TYR I 30 -8.97 -15.13 -21.59
N TRP I 31 -8.22 -14.38 -20.81
CA TRP I 31 -8.41 -12.94 -20.65
C TRP I 31 -7.04 -12.28 -20.68
N PHE I 32 -6.72 -11.63 -21.79
CA PHE I 32 -5.37 -11.11 -22.02
C PHE I 32 -4.33 -12.21 -21.88
N GLU I 33 -4.61 -13.35 -22.51
CA GLU I 33 -3.70 -14.49 -22.55
C GLU I 33 -3.44 -15.05 -21.16
N GLU I 34 -4.46 -15.04 -20.33
CA GLU I 34 -4.37 -15.55 -18.96
C GLU I 34 -5.57 -16.46 -18.71
N PRO I 35 -5.36 -17.73 -18.37
CA PRO I 35 -6.51 -18.62 -18.12
C PRO I 35 -7.35 -18.14 -16.94
N TYR I 36 -8.66 -18.31 -17.06
CA TYR I 36 -9.58 -18.01 -15.97
C TYR I 36 -10.75 -18.97 -16.07
N GLU I 37 -11.35 -19.27 -14.91
CA GLU I 37 -12.46 -20.22 -14.86
C GLU I 37 -13.62 -19.65 -14.05
N SER I 38 -13.35 -19.10 -12.88
CA SER I 38 -14.39 -18.53 -12.04
C SER I 38 -14.66 -17.07 -12.41
N PHE I 39 -15.80 -16.57 -11.96
CA PHE I 39 -16.12 -15.17 -12.20
C PHE I 39 -15.24 -14.24 -11.38
N ASP I 40 -14.95 -14.61 -10.13
CA ASP I 40 -14.09 -13.77 -9.30
C ASP I 40 -12.71 -13.61 -9.92
N GLU I 41 -12.21 -14.67 -10.55
CA GLU I 41 -10.92 -14.57 -11.24
C GLU I 41 -11.02 -13.65 -12.44
N LEU I 42 -12.12 -13.73 -13.19
CA LEU I 42 -12.34 -12.83 -14.32
C LEU I 42 -12.40 -11.38 -13.86
N GLU I 43 -13.09 -11.11 -12.75
CA GLU I 43 -13.23 -9.75 -12.28
C GLU I 43 -11.89 -9.17 -11.84
N GLU I 44 -11.05 -9.98 -11.20
CA GLU I 44 -9.71 -9.52 -10.84
C GLU I 44 -8.87 -9.25 -12.08
N LEU I 45 -9.04 -10.07 -13.13
CA LEU I 45 -8.31 -9.85 -14.37
C LEU I 45 -8.80 -8.60 -15.08
N TYR I 46 -10.11 -8.36 -15.07
CA TYR I 46 -10.64 -7.13 -15.64
C TYR I 46 -10.05 -5.91 -14.93
N ASN I 47 -10.10 -5.90 -13.61
CA ASN I 47 -9.54 -4.79 -12.84
C ASN I 47 -8.05 -4.61 -13.15
N LYS I 48 -7.36 -5.69 -13.51
CA LYS I 48 -5.94 -5.60 -13.80
C LYS I 48 -5.69 -5.01 -15.18
N HIS I 49 -6.47 -5.41 -16.18
CA HIS I 49 -6.26 -5.02 -17.57
C HIS I 49 -7.30 -4.01 -18.04
N ILE I 50 -7.72 -3.11 -17.15
CA ILE I 50 -8.77 -2.17 -17.52
C ILE I 50 -8.25 -1.13 -18.51
N HIS I 51 -6.96 -0.79 -18.44
CA HIS I 51 -6.37 0.20 -19.33
C HIS I 51 -5.45 -0.44 -20.37
N ASP I 52 -5.38 -1.76 -20.42
CA ASP I 52 -4.53 -2.45 -21.39
C ASP I 52 -5.19 -2.40 -22.77
N ASN I 53 -4.50 -1.82 -23.74
CA ASN I 53 -5.00 -1.70 -25.10
C ASN I 53 -4.57 -2.86 -26.00
N ALA I 54 -4.03 -3.93 -25.42
CA ALA I 54 -3.68 -5.10 -26.22
C ALA I 54 -4.92 -5.82 -26.72
N GLU I 55 -6.07 -5.65 -26.07
CA GLU I 55 -7.31 -6.27 -26.50
C GLU I 55 -8.45 -5.29 -26.26
N ARG I 56 -9.46 -5.37 -27.13
CA ARG I 56 -10.62 -4.50 -27.04
C ARG I 56 -11.88 -5.34 -27.24
N ARG I 57 -12.81 -5.24 -26.30
CA ARG I 57 -14.02 -6.04 -26.30
C ARG I 57 -15.25 -5.16 -26.33
N PHE I 58 -16.24 -5.57 -27.11
CA PHE I 58 -17.48 -4.82 -27.27
C PHE I 58 -18.66 -5.77 -27.19
N VAL I 59 -19.61 -5.46 -26.31
CA VAL I 59 -20.79 -6.29 -26.15
C VAL I 59 -21.86 -5.81 -27.12
N VAL I 60 -22.81 -6.70 -27.41
CA VAL I 60 -23.94 -6.42 -28.30
C VAL I 60 -25.21 -6.46 -27.46
N GLU I 61 -26.06 -5.45 -27.61
CA GLU I 61 -27.35 -5.43 -26.93
C GLU I 61 -28.43 -4.99 -27.91
N ASP I 62 -29.63 -5.52 -27.71
CA ASP I 62 -30.74 -5.28 -28.61
C ASP I 62 -31.55 -4.07 -28.13
N ALA I 63 -32.71 -3.85 -28.75
CA ALA I 63 -33.55 -2.71 -28.38
C ALA I 63 -33.92 -2.78 -26.90
N GLN I 64 -34.23 -3.97 -26.39
CA GLN I 64 -34.59 -4.13 -24.99
C GLN I 64 -33.41 -3.94 -24.04
N LYS I 65 -32.22 -3.64 -24.57
CA LYS I 65 -31.06 -3.33 -23.75
C LYS I 65 -30.51 -4.58 -23.04
N ASN I 66 -30.66 -5.74 -23.66
CA ASN I 66 -30.16 -7.00 -23.14
C ASN I 66 -29.00 -7.49 -23.99
N LEU I 67 -27.96 -7.99 -23.32
CA LEU I 67 -26.76 -8.45 -24.03
C LEU I 67 -27.04 -9.74 -24.78
N ILE I 68 -26.39 -9.89 -25.94
CA ILE I 68 -26.63 -11.05 -26.80
C ILE I 68 -25.31 -11.62 -27.33
N GLY I 69 -24.30 -10.79 -27.50
CA GLY I 69 -23.07 -11.23 -28.12
C GLY I 69 -21.86 -10.45 -27.65
N LEU I 70 -20.69 -10.87 -28.15
CA LEU I 70 -19.42 -10.27 -27.80
C LEU I 70 -18.53 -10.24 -29.03
N VAL I 71 -17.79 -9.15 -29.20
CA VAL I 71 -16.85 -8.99 -30.30
C VAL I 71 -15.50 -8.64 -29.69
N GLU I 72 -14.51 -9.50 -29.91
CA GLU I 72 -13.19 -9.37 -29.31
C GLU I 72 -12.15 -9.07 -30.37
N LEU I 73 -11.27 -8.11 -30.08
CA LEU I 73 -10.06 -7.87 -30.86
C LEU I 73 -8.88 -8.18 -29.94
N ILE I 74 -8.10 -9.21 -30.29
CA ILE I 74 -6.98 -9.64 -29.48
C ILE I 74 -5.72 -9.63 -30.32
N GLU I 75 -4.58 -9.86 -29.67
CA GLU I 75 -3.28 -9.84 -30.33
C GLU I 75 -3.12 -8.57 -31.16
N ILE I 76 -3.53 -7.44 -30.59
CA ILE I 76 -3.46 -6.17 -31.29
C ILE I 76 -2.01 -5.67 -31.28
N ASN I 77 -1.42 -5.59 -32.46
CA ASN I 77 -0.04 -5.12 -32.63
C ASN I 77 -0.09 -3.76 -33.31
N TYR I 78 0.24 -2.70 -32.58
CA TYR I 78 0.15 -1.34 -33.10
C TYR I 78 1.38 -0.94 -33.93
N ILE I 79 2.33 -1.84 -34.13
CA ILE I 79 3.42 -1.63 -35.07
C ILE I 79 3.13 -2.27 -36.42
N HIS I 80 2.80 -3.56 -36.41
CA HIS I 80 2.36 -4.24 -37.63
C HIS I 80 0.91 -3.94 -37.96
N ARG I 81 0.16 -3.35 -37.03
CA ARG I 81 -1.23 -2.95 -37.26
C ARG I 81 -2.10 -4.16 -37.61
N SER I 82 -1.98 -5.22 -36.81
CA SER I 82 -2.74 -6.44 -36.99
C SER I 82 -3.50 -6.76 -35.71
N ALA I 83 -4.53 -7.58 -35.85
CA ALA I 83 -5.36 -7.97 -34.71
C ALA I 83 -6.21 -9.16 -35.10
N GLU I 84 -6.39 -10.08 -34.16
CA GLU I 84 -7.25 -11.24 -34.35
C GLU I 84 -8.67 -10.90 -33.93
N PHE I 85 -9.63 -11.20 -34.81
CA PHE I 85 -11.03 -10.90 -34.58
C PHE I 85 -11.78 -12.16 -34.17
N GLN I 86 -12.70 -12.00 -33.22
CA GLN I 86 -13.56 -13.08 -32.76
C GLN I 86 -14.94 -12.52 -32.49
N ILE I 87 -15.97 -13.32 -32.75
CA ILE I 87 -17.34 -12.90 -32.54
C ILE I 87 -18.13 -14.08 -31.96
N ILE I 88 -18.89 -13.81 -30.91
CA ILE I 88 -19.72 -14.81 -30.26
C ILE I 88 -21.13 -14.26 -30.15
N ILE I 89 -22.12 -15.07 -30.50
CA ILE I 89 -23.53 -14.68 -30.42
C ILE I 89 -24.27 -15.76 -29.63
N ALA I 90 -25.11 -15.33 -28.70
CA ALA I 90 -25.83 -16.28 -27.87
C ALA I 90 -26.64 -17.23 -28.74
N PRO I 91 -26.65 -18.53 -28.43
CA PRO I 91 -27.45 -19.46 -29.23
C PRO I 91 -28.89 -19.02 -29.44
N GLU I 92 -29.53 -18.46 -28.41
CA GLU I 92 -30.94 -18.10 -28.53
C GLU I 92 -31.15 -17.02 -29.59
N HIS I 93 -30.24 -16.06 -29.68
CA HIS I 93 -30.31 -15.01 -30.69
C HIS I 93 -29.50 -15.34 -31.93
N GLN I 94 -28.88 -16.51 -31.99
CA GLN I 94 -28.05 -16.87 -33.13
C GLN I 94 -28.93 -17.24 -34.32
N GLY I 95 -28.34 -17.09 -35.51
CA GLY I 95 -29.04 -17.42 -36.74
C GLY I 95 -30.03 -16.39 -37.23
N LYS I 96 -30.14 -15.24 -36.56
CA LYS I 96 -31.08 -14.20 -36.94
C LYS I 96 -30.43 -13.10 -37.76
N GLY I 97 -29.37 -13.41 -38.49
CA GLY I 97 -28.77 -12.46 -39.41
C GLY I 97 -28.04 -11.32 -38.75
N PHE I 98 -27.62 -11.47 -37.48
CA PHE I 98 -26.90 -10.42 -36.78
C PHE I 98 -25.40 -10.47 -37.01
N ALA I 99 -24.85 -11.63 -37.37
CA ALA I 99 -23.40 -11.78 -37.46
C ALA I 99 -22.83 -10.83 -38.51
N ARG I 100 -23.44 -10.78 -39.69
CA ARG I 100 -22.91 -9.94 -40.76
C ARG I 100 -22.86 -8.48 -40.35
N THR I 101 -23.95 -7.98 -39.76
CA THR I 101 -23.99 -6.57 -39.35
C THR I 101 -22.93 -6.29 -38.29
N LEU I 102 -22.81 -7.17 -37.30
CA LEU I 102 -21.82 -6.96 -36.24
C LEU I 102 -20.40 -7.03 -36.79
N ILE I 103 -20.15 -7.97 -37.72
CA ILE I 103 -18.81 -8.10 -38.28
C ILE I 103 -18.44 -6.85 -39.06
N ASN I 104 -19.37 -6.32 -39.85
CA ASN I 104 -19.10 -5.10 -40.61
C ASN I 104 -18.87 -3.91 -39.67
N ARG I 105 -19.64 -3.83 -38.59
CA ARG I 105 -19.43 -2.76 -37.62
C ARG I 105 -18.06 -2.88 -36.95
N ALA I 106 -17.63 -4.12 -36.68
CA ALA I 106 -16.32 -4.32 -36.09
C ALA I 106 -15.21 -3.93 -37.07
N LEU I 107 -15.36 -4.30 -38.34
CA LEU I 107 -14.37 -3.89 -39.34
C LEU I 107 -14.37 -2.39 -39.53
N ASP I 108 -15.55 -1.76 -39.47
CA ASP I 108 -15.61 -0.31 -39.59
C ASP I 108 -14.81 0.36 -38.47
N TYR I 109 -14.98 -0.11 -37.24
CA TYR I 109 -14.22 0.46 -36.12
C TYR I 109 -12.74 0.16 -36.24
N SER I 110 -12.38 -1.00 -36.78
CA SER I 110 -10.97 -1.36 -36.87
C SER I 110 -10.25 -0.58 -37.96
N PHE I 111 -10.96 -0.20 -39.03
CA PHE I 111 -10.32 0.41 -40.19
C PHE I 111 -10.57 1.91 -40.28
N THR I 112 -11.52 2.46 -39.54
CA THR I 112 -11.81 3.89 -39.58
C THR I 112 -11.45 4.64 -38.31
N ILE I 113 -11.31 3.94 -37.19
CA ILE I 113 -10.98 4.56 -35.91
C ILE I 113 -9.60 4.13 -35.43
N LEU I 114 -9.36 2.82 -35.30
CA LEU I 114 -8.07 2.33 -34.86
C LEU I 114 -7.01 2.38 -35.95
N ASN I 115 -7.40 2.61 -37.19
CA ASN I 115 -6.47 2.73 -38.31
C ASN I 115 -5.55 1.51 -38.37
N LEU I 116 -6.16 0.33 -38.34
CA LEU I 116 -5.44 -0.92 -38.46
C LEU I 116 -5.32 -1.34 -39.92
N HIS I 117 -4.34 -2.20 -40.19
CA HIS I 117 -4.04 -2.64 -41.55
C HIS I 117 -4.69 -3.97 -41.90
N LYS I 118 -4.60 -4.96 -41.01
CA LYS I 118 -5.15 -6.29 -41.26
C LYS I 118 -5.97 -6.76 -40.08
N ILE I 119 -7.09 -7.41 -40.37
CA ILE I 119 -7.91 -8.08 -39.37
C ILE I 119 -8.09 -9.53 -39.83
N TYR I 120 -7.61 -10.47 -39.01
CA TYR I 120 -7.67 -11.89 -39.34
C TYR I 120 -8.44 -12.64 -38.26
N LEU I 121 -8.82 -13.87 -38.59
CA LEU I 121 -9.61 -14.69 -37.68
C LEU I 121 -9.37 -16.16 -37.98
N HIS I 122 -9.72 -17.01 -37.02
CA HIS I 122 -9.66 -18.45 -37.17
C HIS I 122 -11.08 -19.01 -37.10
N VAL I 123 -11.41 -19.90 -38.03
CA VAL I 123 -12.72 -20.51 -38.11
C VAL I 123 -12.55 -22.00 -38.36
N ALA I 124 -13.34 -22.81 -37.67
CA ALA I 124 -13.21 -24.26 -37.78
C ALA I 124 -13.62 -24.72 -39.18
N VAL I 125 -12.81 -25.61 -39.77
CA VAL I 125 -13.13 -26.14 -41.09
C VAL I 125 -14.46 -26.86 -41.07
N GLU I 126 -14.81 -27.47 -39.95
CA GLU I 126 -16.05 -28.22 -39.82
C GLU I 126 -17.29 -27.33 -39.81
N ASN I 127 -17.12 -26.00 -39.90
CA ASN I 127 -18.23 -25.06 -39.92
C ASN I 127 -18.17 -24.27 -41.22
N PRO I 128 -18.54 -24.88 -42.34
CA PRO I 128 -18.45 -24.17 -43.63
C PRO I 128 -19.41 -22.99 -43.74
N LYS I 129 -20.51 -23.00 -43.00
CA LYS I 129 -21.43 -21.86 -43.04
C LYS I 129 -20.75 -20.60 -42.51
N ALA I 130 -20.00 -20.72 -41.41
CA ALA I 130 -19.27 -19.58 -40.89
C ALA I 130 -18.22 -19.10 -41.89
N VAL I 131 -17.52 -20.02 -42.53
CA VAL I 131 -16.52 -19.65 -43.53
C VAL I 131 -17.16 -18.85 -44.65
N HIS I 132 -18.32 -19.32 -45.14
CA HIS I 132 -19.01 -18.59 -46.20
C HIS I 132 -19.39 -17.19 -45.73
N LEU I 133 -19.97 -17.08 -44.54
CA LEU I 133 -20.36 -15.77 -44.03
C LEU I 133 -19.17 -14.84 -43.94
N TYR I 134 -18.04 -15.33 -43.43
CA TYR I 134 -16.85 -14.50 -43.34
C TYR I 134 -16.33 -14.12 -44.72
N GLU I 135 -16.42 -15.04 -45.69
CA GLU I 135 -15.98 -14.74 -47.04
C GLU I 135 -16.85 -13.66 -47.67
N GLU I 136 -18.16 -13.71 -47.43
CA GLU I 136 -19.05 -12.68 -47.97
C GLU I 136 -18.82 -11.33 -47.30
N CYS I 137 -18.31 -11.33 -46.07
CA CYS I 137 -18.01 -10.09 -45.37
C CYS I 137 -16.71 -9.46 -45.84
N GLY I 138 -15.98 -10.10 -46.75
CA GLY I 138 -14.75 -9.57 -47.29
C GLY I 138 -13.51 -10.36 -46.96
N PHE I 139 -13.57 -11.29 -46.00
CA PHE I 139 -12.38 -12.05 -45.62
C PHE I 139 -11.99 -13.02 -46.74
N VAL I 140 -10.70 -13.37 -46.74
CA VAL I 140 -10.13 -14.27 -47.73
C VAL I 140 -9.22 -15.25 -47.02
N GLU I 141 -9.32 -16.52 -47.39
CA GLU I 141 -8.49 -17.54 -46.77
C GLU I 141 -7.01 -17.28 -47.04
N GLU I 142 -6.19 -17.49 -46.01
CA GLU I 142 -4.74 -17.39 -46.16
C GLU I 142 -3.97 -18.52 -45.50
N GLY I 143 -4.63 -19.38 -44.72
CA GLY I 143 -3.94 -20.50 -44.11
C GLY I 143 -4.93 -21.58 -43.75
N HIS I 144 -4.43 -22.83 -43.71
CA HIS I 144 -5.21 -24.00 -43.30
C HIS I 144 -4.42 -24.67 -42.18
N LEU I 145 -4.56 -24.15 -40.96
CA LEU I 145 -3.78 -24.65 -39.84
C LEU I 145 -4.23 -26.07 -39.49
N VAL I 146 -3.26 -26.99 -39.46
CA VAL I 146 -3.54 -28.41 -39.27
C VAL I 146 -3.40 -28.76 -37.80
N GLU I 147 -4.47 -29.32 -37.22
CA GLU I 147 -4.48 -29.73 -35.82
C GLU I 147 -3.97 -28.59 -34.93
N GLU I 148 -4.50 -27.39 -35.18
CA GLU I 148 -4.06 -26.21 -34.44
C GLU I 148 -4.65 -26.18 -33.04
N PHE I 149 -5.94 -26.47 -32.91
CA PHE I 149 -6.64 -26.40 -31.65
C PHE I 149 -7.25 -27.76 -31.30
N PHE I 150 -7.45 -27.98 -30.00
CA PHE I 150 -8.06 -29.20 -29.48
C PHE I 150 -9.43 -28.84 -28.95
N ILE I 151 -10.47 -29.19 -29.71
CA ILE I 151 -11.84 -28.83 -29.39
C ILE I 151 -12.69 -30.09 -29.37
N ASN I 152 -13.54 -30.23 -28.34
CA ASN I 152 -14.45 -31.36 -28.22
C ASN I 152 -13.74 -32.69 -28.40
N GLY I 153 -12.57 -32.82 -27.76
CA GLY I 153 -11.87 -34.08 -27.72
C GLY I 153 -11.11 -34.44 -28.98
N ARG I 154 -10.99 -33.53 -29.95
CA ARG I 154 -10.29 -33.83 -31.19
C ARG I 154 -9.50 -32.61 -31.64
N TYR I 155 -8.36 -32.85 -32.27
CA TYR I 155 -7.55 -31.80 -32.89
C TYR I 155 -8.20 -31.43 -34.21
N GLN I 156 -8.72 -30.20 -34.29
CA GLN I 156 -9.45 -29.73 -35.46
C GLN I 156 -8.61 -28.73 -36.25
N ASP I 157 -8.68 -28.82 -37.58
CA ASP I 157 -8.08 -27.83 -38.44
C ASP I 157 -8.94 -26.57 -38.47
N VAL I 158 -8.29 -25.44 -38.72
CA VAL I 158 -8.97 -24.15 -38.75
C VAL I 158 -8.48 -23.37 -39.96
N LYS I 159 -9.40 -22.65 -40.61
CA LYS I 159 -9.06 -21.74 -41.69
C LYS I 159 -8.70 -20.38 -41.07
N ARG I 160 -7.50 -19.90 -41.37
CA ARG I 160 -7.10 -18.54 -40.98
C ARG I 160 -7.38 -17.62 -42.16
N MET I 161 -8.33 -16.70 -41.98
CA MET I 161 -8.76 -15.81 -43.04
C MET I 161 -8.54 -14.37 -42.61
N TYR I 162 -8.28 -13.51 -43.59
CA TYR I 162 -7.85 -12.14 -43.33
C TYR I 162 -8.63 -11.16 -44.20
N ILE I 163 -8.53 -9.89 -43.84
CA ILE I 163 -9.03 -8.79 -44.66
C ILE I 163 -8.14 -7.59 -44.41
N LEU I 164 -7.91 -6.80 -45.46
CA LEU I 164 -7.04 -5.65 -45.38
C LEU I 164 -7.84 -4.35 -45.35
N GLN I 165 -7.21 -3.32 -44.79
CA GLN I 165 -7.87 -2.02 -44.69
C GLN I 165 -8.18 -1.43 -46.06
N SER I 166 -7.24 -1.57 -47.00
CA SER I 166 -7.46 -1.02 -48.33
C SER I 166 -8.70 -1.61 -48.98
N LYS I 167 -8.84 -2.94 -48.93
CA LYS I 167 -9.99 -3.58 -49.55
C LYS I 167 -11.30 -3.11 -48.91
N TYR I 168 -11.33 -3.00 -47.58
CA TYR I 168 -12.56 -2.62 -46.90
C TYR I 168 -12.94 -1.18 -47.22
N LEU I 169 -11.97 -0.27 -47.23
CA LEU I 169 -12.27 1.14 -47.46
C LEU I 169 -12.66 1.40 -48.91
N ASN I 170 -12.03 0.70 -49.84
CA ASN I 170 -12.35 0.86 -51.26
C ASN I 170 -13.44 -0.12 -51.69
N LEU J 5 30.80 -41.53 3.90
CA LEU J 5 29.77 -40.64 3.37
C LEU J 5 28.95 -40.04 4.51
N THR J 6 28.80 -38.71 4.51
CA THR J 6 28.00 -38.00 5.50
C THR J 6 26.90 -37.22 4.80
N LEU J 7 25.78 -37.08 5.49
CA LEU J 7 24.60 -36.40 4.98
C LEU J 7 24.42 -35.08 5.70
N ARG J 8 24.32 -34.00 4.93
CA ARG J 8 24.23 -32.65 5.48
C ARG J 8 23.07 -31.91 4.83
N ALA J 9 22.38 -31.10 5.64
CA ALA J 9 21.28 -30.29 5.12
C ALA J 9 21.76 -29.40 3.98
N LEU J 10 20.81 -28.92 3.18
CA LEU J 10 21.12 -28.15 1.99
C LEU J 10 21.31 -26.68 2.32
N GLU J 11 22.34 -26.09 1.74
CA GLU J 11 22.62 -24.67 1.85
C GLU J 11 22.59 -24.03 0.47
N ARG J 12 22.43 -22.70 0.45
CA ARG J 12 22.34 -21.99 -0.82
C ARG J 12 23.58 -22.22 -1.66
N GLY J 13 24.75 -22.31 -1.03
CA GLY J 13 25.98 -22.58 -1.76
C GLY J 13 25.96 -23.88 -2.53
N ASP J 14 25.08 -24.81 -2.15
CA ASP J 14 24.99 -26.11 -2.80
C ASP J 14 24.03 -26.10 -3.99
N LEU J 15 23.27 -25.03 -4.19
CA LEU J 15 22.30 -25.00 -5.28
C LEU J 15 22.96 -25.28 -6.62
N ARG J 16 24.13 -24.71 -6.86
CA ARG J 16 24.81 -24.93 -8.14
C ARG J 16 25.11 -26.40 -8.35
N PHE J 17 25.47 -27.12 -7.29
CA PHE J 17 25.70 -28.56 -7.41
C PHE J 17 24.43 -29.27 -7.88
N ILE J 18 23.29 -28.94 -7.28
CA ILE J 18 22.02 -29.51 -7.73
C ILE J 18 21.81 -29.22 -9.21
N HIS J 19 22.09 -27.98 -9.63
CA HIS J 19 21.90 -27.61 -11.02
C HIS J 19 22.74 -28.47 -11.95
N ASN J 20 24.00 -28.72 -11.57
CA ASN J 20 24.86 -29.58 -12.38
C ASN J 20 24.34 -31.01 -12.39
N LEU J 21 23.82 -31.49 -11.26
CA LEU J 21 23.25 -32.84 -11.22
C LEU J 21 22.12 -33.00 -12.22
N ASN J 22 21.35 -31.95 -12.45
CA ASN J 22 20.24 -32.00 -13.41
C ASN J 22 20.73 -31.95 -14.85
N LYS J 23 22.01 -31.71 -15.09
CA LYS J 23 22.53 -31.74 -16.45
C LYS J 23 22.62 -33.17 -16.98
N GLU J 24 22.89 -34.13 -16.10
CA GLU J 24 22.98 -35.53 -16.53
C GLU J 24 21.64 -36.02 -17.07
N LEU J 25 20.57 -35.78 -16.32
CA LEU J 25 19.23 -36.23 -16.70
C LEU J 25 18.48 -35.06 -17.34
N ALA J 26 18.03 -35.25 -18.58
CA ALA J 26 17.32 -34.20 -19.32
C ALA J 26 15.81 -34.37 -19.12
N ARG J 27 15.38 -34.07 -17.89
CA ARG J 27 13.97 -34.07 -17.54
C ARG J 27 13.63 -32.75 -16.85
N TYR J 28 12.37 -32.35 -16.97
CA TYR J 28 11.93 -31.07 -16.40
C TYR J 28 11.92 -31.17 -14.88
N GLU J 29 12.71 -30.32 -14.23
CA GLU J 29 12.85 -30.37 -12.78
C GLU J 29 11.85 -29.44 -12.10
N TYR J 30 11.53 -29.77 -10.85
CA TYR J 30 10.63 -28.98 -10.03
C TYR J 30 11.29 -28.71 -8.68
N TRP J 31 11.04 -27.51 -8.15
CA TRP J 31 11.48 -27.14 -6.81
C TRP J 31 10.24 -26.77 -6.00
N PHE J 32 9.93 -27.58 -4.99
CA PHE J 32 8.71 -27.43 -4.21
C PHE J 32 7.49 -27.35 -5.15
N GLU J 33 7.44 -28.30 -6.08
CA GLU J 33 6.35 -28.42 -7.04
C GLU J 33 6.21 -27.18 -7.92
N GLU J 34 7.32 -26.47 -8.15
CA GLU J 34 7.35 -25.32 -9.03
C GLU J 34 8.31 -25.58 -10.18
N PRO J 35 7.87 -25.45 -11.44
CA PRO J 35 8.79 -25.75 -12.55
C PRO J 35 9.96 -24.78 -12.60
N TYR J 36 11.14 -25.32 -12.91
CA TYR J 36 12.33 -24.49 -13.07
C TYR J 36 13.26 -25.16 -14.06
N GLU J 37 14.12 -24.35 -14.67
CA GLU J 37 15.08 -24.84 -15.65
C GLU J 37 16.41 -24.12 -15.52
N SER J 38 16.38 -22.79 -15.46
CA SER J 38 17.60 -22.01 -15.33
C SER J 38 18.01 -21.91 -13.86
N PHE J 39 19.25 -21.47 -13.64
CA PHE J 39 19.76 -21.35 -12.28
C PHE J 39 19.18 -20.15 -11.56
N ASP J 40 18.86 -19.08 -12.29
CA ASP J 40 18.34 -17.88 -11.65
C ASP J 40 16.97 -18.16 -11.02
N GLU J 41 16.07 -18.80 -11.77
CA GLU J 41 14.76 -19.10 -11.22
C GLU J 41 14.84 -20.18 -10.15
N LEU J 42 15.87 -21.03 -10.20
CA LEU J 42 16.09 -21.99 -9.11
C LEU J 42 16.45 -21.26 -7.82
N GLU J 43 17.35 -20.29 -7.90
CA GLU J 43 17.71 -19.52 -6.72
C GLU J 43 16.52 -18.73 -6.20
N GLU J 44 15.70 -18.21 -7.10
CA GLU J 44 14.50 -17.47 -6.68
C GLU J 44 13.53 -18.39 -5.94
N LEU J 45 13.33 -19.61 -6.46
CA LEU J 45 12.45 -20.55 -5.79
C LEU J 45 13.04 -21.02 -4.47
N TYR J 46 14.36 -21.21 -4.41
CA TYR J 46 15.00 -21.58 -3.16
C TYR J 46 14.76 -20.52 -2.09
N ASN J 47 14.96 -19.25 -2.45
CA ASN J 47 14.67 -18.16 -1.52
C ASN J 47 13.19 -18.04 -1.22
N LYS J 48 12.33 -18.55 -2.10
CA LYS J 48 10.89 -18.48 -1.86
C LYS J 48 10.44 -19.54 -0.86
N HIS J 49 10.97 -20.75 -0.95
CA HIS J 49 10.60 -21.86 -0.07
C HIS J 49 11.70 -22.18 0.93
N ILE J 50 12.47 -21.17 1.34
CA ILE J 50 13.58 -21.41 2.27
C ILE J 50 13.07 -21.99 3.58
N HIS J 51 11.88 -21.59 4.02
CA HIS J 51 11.35 -22.01 5.31
C HIS J 51 10.29 -23.11 5.20
N ASP J 52 9.87 -23.45 3.98
CA ASP J 52 8.86 -24.49 3.80
C ASP J 52 9.49 -25.85 4.02
N ASN J 53 8.94 -26.62 4.96
CA ASN J 53 9.43 -27.95 5.28
C ASN J 53 8.68 -29.05 4.54
N ALA J 54 7.82 -28.70 3.60
CA ALA J 54 7.08 -29.71 2.86
C ALA J 54 8.01 -30.65 2.10
N GLU J 55 9.20 -30.17 1.75
CA GLU J 55 10.20 -30.97 1.05
C GLU J 55 11.55 -30.74 1.72
N ARG J 56 12.22 -31.84 2.06
CA ARG J 56 13.53 -31.78 2.73
C ARG J 56 14.58 -32.41 1.83
N ARG J 57 15.70 -31.70 1.66
CA ARG J 57 16.79 -32.15 0.81
C ARG J 57 18.07 -32.16 1.61
N PHE J 58 18.93 -33.14 1.34
CA PHE J 58 20.20 -33.28 2.02
C PHE J 58 21.27 -33.67 1.01
N VAL J 59 22.42 -33.02 1.07
CA VAL J 59 23.52 -33.31 0.15
C VAL J 59 24.46 -34.31 0.81
N VAL J 60 25.16 -35.07 -0.03
CA VAL J 60 26.09 -36.11 0.42
C VAL J 60 27.50 -35.65 0.11
N GLU J 61 28.41 -35.85 1.07
CA GLU J 61 29.80 -35.47 0.91
C GLU J 61 30.68 -36.48 1.66
N ASP J 62 31.81 -36.83 1.04
CA ASP J 62 32.68 -37.84 1.59
C ASP J 62 33.57 -37.23 2.68
N ALA J 63 34.62 -37.95 3.09
CA ALA J 63 35.46 -37.48 4.17
C ALA J 63 36.12 -36.15 3.82
N GLN J 64 36.58 -36.00 2.58
CA GLN J 64 37.17 -34.75 2.12
C GLN J 64 36.11 -33.71 1.72
N LYS J 65 34.86 -33.90 2.15
CA LYS J 65 33.78 -32.94 1.88
C LYS J 65 33.63 -32.69 0.38
N ASN J 66 33.77 -33.76 -0.41
CA ASN J 66 33.57 -33.69 -1.86
C ASN J 66 32.15 -34.16 -2.17
N LEU J 67 31.40 -33.31 -2.87
CA LEU J 67 29.99 -33.60 -3.13
C LEU J 67 29.84 -34.89 -3.92
N ILE J 68 28.86 -35.71 -3.52
CA ILE J 68 28.64 -37.01 -4.13
C ILE J 68 27.27 -37.04 -4.79
N GLY J 69 26.22 -36.82 -4.00
CA GLY J 69 24.88 -36.88 -4.51
C GLY J 69 23.90 -36.11 -3.65
N LEU J 70 22.62 -36.30 -3.94
CA LEU J 70 21.53 -35.60 -3.27
C LEU J 70 20.46 -36.59 -2.85
N VAL J 71 19.84 -36.34 -1.70
CA VAL J 71 18.74 -37.15 -1.19
C VAL J 71 17.57 -36.22 -0.89
N GLU J 72 16.44 -36.47 -1.55
CA GLU J 72 15.26 -35.62 -1.45
C GLU J 72 14.11 -36.40 -0.84
N LEU J 73 13.43 -35.79 0.13
CA LEU J 73 12.20 -36.32 0.70
C LEU J 73 11.10 -35.31 0.37
N ILE J 74 10.38 -35.57 -0.73
CA ILE J 74 9.38 -34.64 -1.23
C ILE J 74 7.99 -35.19 -0.91
N GLU J 75 6.97 -34.37 -1.20
CA GLU J 75 5.58 -34.75 -0.95
C GLU J 75 5.40 -35.26 0.48
N ILE J 76 6.01 -34.56 1.43
CA ILE J 76 5.89 -34.92 2.85
C ILE J 76 4.51 -34.51 3.33
N ASN J 77 3.70 -35.48 3.73
CA ASN J 77 2.37 -35.25 4.29
C ASN J 77 2.42 -35.67 5.75
N TYR J 78 2.53 -34.68 6.64
CA TYR J 78 2.67 -34.97 8.06
C TYR J 78 1.39 -35.50 8.69
N ILE J 79 0.26 -35.38 8.01
CA ILE J 79 -0.98 -35.94 8.55
C ILE J 79 -1.05 -37.45 8.33
N HIS J 80 -0.51 -37.93 7.21
CA HIS J 80 -0.51 -39.35 6.89
C HIS J 80 0.84 -40.01 7.10
N ARG J 81 1.87 -39.24 7.48
CA ARG J 81 3.18 -39.78 7.78
C ARG J 81 3.78 -40.48 6.56
N SER J 82 3.67 -39.85 5.40
CA SER J 82 4.18 -40.40 4.15
C SER J 82 5.18 -39.40 3.55
N ALA J 83 5.94 -39.89 2.57
CA ALA J 83 6.94 -39.06 1.90
C ALA J 83 7.50 -39.82 0.71
N GLU J 84 7.76 -39.09 -0.37
CA GLU J 84 8.37 -39.66 -1.56
C GLU J 84 9.88 -39.47 -1.48
N PHE J 85 10.62 -40.57 -1.56
CA PHE J 85 12.08 -40.54 -1.48
C PHE J 85 12.67 -40.57 -2.88
N GLN J 86 13.76 -39.82 -3.06
CA GLN J 86 14.49 -39.81 -4.32
C GLN J 86 15.98 -39.62 -4.01
N ILE J 87 16.82 -40.31 -4.76
CA ILE J 87 18.27 -40.26 -4.58
C ILE J 87 18.93 -40.08 -5.94
N ILE J 88 19.87 -39.14 -6.02
CA ILE J 88 20.63 -38.88 -7.23
C ILE J 88 22.11 -38.87 -6.87
N ILE J 89 22.95 -39.38 -7.76
CA ILE J 89 24.39 -39.44 -7.53
C ILE J 89 25.09 -38.96 -8.80
N ALA J 90 26.13 -38.15 -8.62
CA ALA J 90 26.84 -37.60 -9.76
C ALA J 90 27.48 -38.73 -10.58
N PRO J 91 27.54 -38.58 -11.90
CA PRO J 91 28.13 -39.65 -12.73
C PRO J 91 29.54 -40.02 -12.32
N GLU J 92 30.29 -39.10 -11.71
CA GLU J 92 31.67 -39.38 -11.33
C GLU J 92 31.78 -40.31 -10.13
N HIS J 93 30.68 -40.54 -9.41
CA HIS J 93 30.69 -41.32 -8.18
C HIS J 93 29.59 -42.37 -8.19
N GLN J 94 29.31 -42.95 -9.35
CA GLN J 94 28.34 -44.03 -9.48
C GLN J 94 29.07 -45.37 -9.56
N GLY J 95 28.38 -46.42 -9.15
CA GLY J 95 28.97 -47.74 -9.08
C GLY J 95 29.86 -47.98 -7.89
N LYS J 96 30.07 -46.98 -7.04
CA LYS J 96 30.90 -47.11 -5.86
C LYS J 96 30.20 -47.85 -4.73
N GLY J 97 28.97 -48.31 -4.93
CA GLY J 97 28.22 -48.92 -3.87
C GLY J 97 27.59 -47.95 -2.90
N PHE J 98 27.66 -46.65 -3.17
CA PHE J 98 27.07 -45.65 -2.29
C PHE J 98 25.54 -45.76 -2.24
N ALA J 99 24.93 -46.35 -3.27
CA ALA J 99 23.47 -46.37 -3.34
C ALA J 99 22.86 -46.99 -2.09
N ARG J 100 23.27 -48.21 -1.75
CA ARG J 100 22.67 -48.91 -0.62
C ARG J 100 22.90 -48.14 0.68
N THR J 101 24.13 -47.70 0.92
CA THR J 101 24.42 -47.00 2.17
C THR J 101 23.61 -45.72 2.30
N LEU J 102 23.47 -44.97 1.21
CA LEU J 102 22.70 -43.73 1.26
C LEU J 102 21.22 -44.01 1.45
N ILE J 103 20.70 -45.05 0.80
CA ILE J 103 19.29 -45.40 0.97
C ILE J 103 19.01 -45.80 2.40
N ASN J 104 19.92 -46.55 3.02
CA ASN J 104 19.74 -46.94 4.42
C ASN J 104 19.84 -45.73 5.34
N ARG J 105 20.77 -44.83 5.06
CA ARG J 105 20.87 -43.60 5.85
C ARG J 105 19.60 -42.77 5.73
N ALA J 106 19.06 -42.66 4.51
CA ALA J 106 17.83 -41.89 4.31
C ALA J 106 16.66 -42.52 5.06
N LEU J 107 16.50 -43.84 4.93
CA LEU J 107 15.41 -44.52 5.62
C LEU J 107 15.58 -44.39 7.13
N ASP J 108 16.81 -44.44 7.62
CA ASP J 108 17.05 -44.28 9.05
C ASP J 108 16.63 -42.88 9.51
N TYR J 109 17.05 -41.86 8.76
CA TYR J 109 16.65 -40.50 9.09
C TYR J 109 15.13 -40.32 9.02
N SER J 110 14.47 -41.08 8.14
CA SER J 110 13.03 -40.90 7.95
C SER J 110 12.23 -41.61 9.03
N PHE J 111 12.69 -42.78 9.47
CA PHE J 111 11.94 -43.60 10.42
C PHE J 111 12.37 -43.39 11.87
N THR J 112 13.50 -42.73 12.12
CA THR J 112 13.97 -42.50 13.48
C THR J 112 13.86 -41.05 13.92
N ILE J 113 14.21 -40.10 13.06
CA ILE J 113 14.17 -38.69 13.43
C ILE J 113 12.84 -38.05 13.04
N LEU J 114 12.42 -38.20 11.78
CA LEU J 114 11.14 -37.66 11.35
C LEU J 114 9.96 -38.50 11.82
N ASN J 115 10.19 -39.74 12.24
CA ASN J 115 9.12 -40.62 12.74
C ASN J 115 8.04 -40.82 11.68
N LEU J 116 8.45 -40.94 10.43
CA LEU J 116 7.50 -41.18 9.35
C LEU J 116 7.02 -42.63 9.39
N HIS J 117 5.87 -42.86 8.75
CA HIS J 117 5.23 -44.17 8.73
C HIS J 117 5.46 -44.94 7.44
N LYS J 118 5.56 -44.24 6.31
CA LYS J 118 5.70 -44.89 5.02
C LYS J 118 6.62 -44.08 4.14
N ILE J 119 7.41 -44.77 3.32
CA ILE J 119 8.31 -44.15 2.35
C ILE J 119 8.09 -44.85 1.02
N TYR J 120 7.58 -44.12 0.04
CA TYR J 120 7.34 -44.66 -1.30
C TYR J 120 8.26 -43.96 -2.29
N LEU J 121 8.40 -44.59 -3.46
CA LEU J 121 9.26 -44.06 -4.51
C LEU J 121 8.75 -44.55 -5.86
N HIS J 122 9.11 -43.81 -6.90
CA HIS J 122 8.75 -44.16 -8.27
C HIS J 122 10.02 -44.49 -9.04
N VAL J 123 10.08 -45.68 -9.61
CA VAL J 123 11.23 -46.15 -10.37
C VAL J 123 10.75 -46.59 -11.75
N ALA J 124 11.51 -46.20 -12.78
CA ALA J 124 11.13 -46.54 -14.15
C ALA J 124 11.08 -48.05 -14.34
N VAL J 125 10.02 -48.52 -14.99
CA VAL J 125 9.89 -49.95 -15.26
C VAL J 125 11.02 -50.43 -16.15
N GLU J 126 11.52 -49.57 -17.04
CA GLU J 126 12.58 -49.94 -17.97
C GLU J 126 13.96 -49.94 -17.32
N ASN J 127 14.06 -49.71 -16.02
CA ASN J 127 15.31 -49.74 -15.27
C ASN J 127 15.19 -50.81 -14.18
N PRO J 128 15.24 -52.09 -14.55
CA PRO J 128 15.04 -53.14 -13.54
C PRO J 128 16.17 -53.25 -12.53
N LYS J 129 17.38 -52.82 -12.89
CA LYS J 129 18.48 -52.90 -11.93
C LYS J 129 18.22 -52.05 -10.70
N ALA J 130 17.62 -50.87 -10.89
CA ALA J 130 17.24 -50.04 -9.76
C ALA J 130 16.11 -50.69 -8.97
N VAL J 131 15.17 -51.33 -9.66
CA VAL J 131 14.09 -52.05 -8.98
C VAL J 131 14.67 -53.09 -8.04
N HIS J 132 15.61 -53.91 -8.55
CA HIS J 132 16.23 -54.92 -7.71
C HIS J 132 16.99 -54.28 -6.55
N LEU J 133 17.66 -53.17 -6.80
CA LEU J 133 18.36 -52.46 -5.73
C LEU J 133 17.40 -52.09 -4.60
N TYR J 134 16.29 -51.43 -4.95
CA TYR J 134 15.32 -51.04 -3.92
C TYR J 134 14.68 -52.24 -3.26
N GLU J 135 14.50 -53.35 -4.00
CA GLU J 135 13.98 -54.55 -3.39
C GLU J 135 14.93 -55.09 -2.31
N GLU J 136 16.23 -55.12 -2.61
CA GLU J 136 17.20 -55.55 -1.63
C GLU J 136 17.22 -54.61 -0.42
N CYS J 137 17.04 -53.31 -0.66
CA CYS J 137 17.06 -52.35 0.44
C CYS J 137 15.89 -52.56 1.39
N GLY J 138 14.77 -53.06 0.90
CA GLY J 138 13.62 -53.34 1.75
C GLY J 138 12.30 -52.92 1.15
N PHE J 139 12.34 -52.30 -0.03
CA PHE J 139 11.12 -51.84 -0.69
C PHE J 139 10.45 -53.00 -1.43
N VAL J 140 9.13 -52.88 -1.59
CA VAL J 140 8.33 -53.87 -2.31
C VAL J 140 7.33 -53.14 -3.19
N GLU J 141 7.04 -53.74 -4.34
CA GLU J 141 6.14 -53.11 -5.30
C GLU J 141 4.71 -53.08 -4.75
N GLU J 142 4.10 -51.89 -4.77
CA GLU J 142 2.70 -51.73 -4.44
C GLU J 142 1.88 -51.17 -5.58
N GLY J 143 2.50 -50.81 -6.70
CA GLY J 143 1.76 -50.27 -7.83
C GLY J 143 2.59 -50.29 -9.08
N HIS J 144 1.91 -50.39 -10.22
CA HIS J 144 2.53 -50.34 -11.56
C HIS J 144 1.81 -49.23 -12.33
N LEU J 145 2.18 -47.99 -12.04
CA LEU J 145 1.52 -46.84 -12.63
C LEU J 145 1.71 -46.83 -14.14
N VAL J 146 0.60 -46.84 -14.88
CA VAL J 146 0.63 -46.97 -16.33
C VAL J 146 0.73 -45.58 -16.95
N GLU J 147 1.76 -45.37 -17.77
CA GLU J 147 1.94 -44.12 -18.50
C GLU J 147 1.85 -42.92 -17.56
N GLU J 148 2.54 -43.03 -16.43
CA GLU J 148 2.48 -41.98 -15.43
C GLU J 148 3.21 -40.73 -15.89
N PHE J 149 4.42 -40.88 -16.43
CA PHE J 149 5.24 -39.76 -16.86
C PHE J 149 5.55 -39.86 -18.34
N PHE J 150 5.99 -38.75 -18.91
CA PHE J 150 6.40 -38.64 -20.30
C PHE J 150 7.91 -38.44 -20.32
N ILE J 151 8.64 -39.48 -20.71
CA ILE J 151 10.09 -39.49 -20.65
C ILE J 151 10.64 -39.86 -22.01
N ASN J 152 11.65 -39.11 -22.47
CA ASN J 152 12.39 -39.45 -23.70
C ASN J 152 11.45 -39.63 -24.89
N GLY J 153 10.34 -38.89 -24.89
CA GLY J 153 9.41 -38.92 -26.01
C GLY J 153 8.37 -40.00 -25.97
N ARG J 154 8.14 -40.62 -24.81
CA ARG J 154 7.19 -41.71 -24.70
C ARG J 154 6.63 -41.73 -23.29
N TYR J 155 5.31 -41.95 -23.19
CA TYR J 155 4.70 -42.23 -21.90
C TYR J 155 5.23 -43.55 -21.36
N GLN J 156 5.83 -43.52 -20.17
CA GLN J 156 6.44 -44.69 -19.58
C GLN J 156 5.75 -45.03 -18.27
N ASP J 157 5.67 -46.32 -17.97
CA ASP J 157 5.16 -46.78 -16.69
C ASP J 157 6.25 -46.73 -15.63
N VAL J 158 5.82 -46.70 -14.37
CA VAL J 158 6.75 -46.62 -13.24
C VAL J 158 6.22 -47.48 -12.11
N LYS J 159 7.12 -48.21 -11.46
CA LYS J 159 6.78 -48.99 -10.29
C LYS J 159 6.75 -48.09 -9.06
N ARG J 160 5.66 -48.16 -8.29
CA ARG J 160 5.58 -47.48 -7.01
C ARG J 160 5.93 -48.49 -5.92
N MET J 161 7.10 -48.34 -5.33
CA MET J 161 7.60 -49.24 -4.31
C MET J 161 7.66 -48.53 -2.97
N TYR J 162 7.29 -49.24 -1.91
CA TYR J 162 7.13 -48.66 -0.59
C TYR J 162 7.89 -49.47 0.45
N ILE J 163 8.01 -48.90 1.64
CA ILE J 163 8.55 -49.60 2.80
C ILE J 163 7.99 -48.92 4.05
N LEU J 164 7.50 -49.72 4.99
CA LEU J 164 6.89 -49.22 6.21
C LEU J 164 7.87 -49.30 7.37
N GLN J 165 7.75 -48.34 8.29
CA GLN J 165 8.60 -48.36 9.48
C GLN J 165 8.37 -49.61 10.33
N SER J 166 7.18 -50.22 10.22
CA SER J 166 6.95 -51.47 10.92
C SER J 166 7.91 -52.56 10.47
N LYS J 167 8.38 -52.49 9.22
CA LYS J 167 9.33 -53.46 8.69
C LYS J 167 10.77 -53.03 8.93
N TYR J 168 11.07 -51.74 8.77
CA TYR J 168 12.44 -51.27 8.91
C TYR J 168 12.91 -51.34 10.36
N LEU J 169 12.14 -50.75 11.28
CA LEU J 169 12.53 -50.72 12.67
C LEU J 169 12.59 -52.11 13.27
N ASN J 170 11.71 -53.02 12.84
CA ASN J 170 11.68 -54.38 13.35
C ASN J 170 12.50 -55.31 12.47
N LEU K 5 -28.55 -31.39 -12.96
CA LEU K 5 -27.31 -31.04 -12.27
C LEU K 5 -26.38 -30.27 -13.19
N THR K 6 -25.73 -29.25 -12.65
CA THR K 6 -24.80 -28.42 -13.40
C THR K 6 -23.53 -28.21 -12.58
N LEU K 7 -22.43 -27.94 -13.28
CA LEU K 7 -21.14 -27.68 -12.66
C LEU K 7 -20.76 -26.22 -12.88
N ARG K 8 -20.17 -25.63 -11.85
CA ARG K 8 -19.79 -24.22 -11.87
C ARG K 8 -18.50 -24.04 -11.11
N ALA K 9 -17.56 -23.29 -11.68
CA ALA K 9 -16.29 -23.03 -11.01
C ALA K 9 -16.54 -22.44 -9.63
N LEU K 10 -15.76 -22.89 -8.65
CA LEU K 10 -15.96 -22.45 -7.28
C LEU K 10 -15.66 -20.96 -7.15
N GLU K 11 -16.46 -20.27 -6.34
CA GLU K 11 -16.32 -18.84 -6.12
C GLU K 11 -16.35 -18.57 -4.62
N ARG K 12 -16.10 -17.30 -4.26
CA ARG K 12 -15.96 -16.96 -2.85
C ARG K 12 -17.20 -17.31 -2.05
N GLY K 13 -18.39 -17.06 -2.61
CA GLY K 13 -19.61 -17.37 -1.90
C GLY K 13 -19.71 -18.83 -1.51
N ASP K 14 -19.09 -19.72 -2.29
CA ASP K 14 -19.13 -21.15 -2.00
C ASP K 14 -18.15 -21.58 -0.92
N LEU K 15 -17.29 -20.67 -0.44
CA LEU K 15 -16.29 -21.05 0.55
C LEU K 15 -16.93 -21.49 1.86
N ARG K 16 -17.99 -20.79 2.29
CA ARG K 16 -18.67 -21.19 3.51
C ARG K 16 -19.40 -22.52 3.34
N PHE K 17 -19.67 -22.93 2.10
CA PHE K 17 -20.31 -24.22 1.87
C PHE K 17 -19.32 -25.36 2.01
N ILE K 18 -18.20 -25.31 1.27
CA ILE K 18 -17.20 -26.36 1.36
C ILE K 18 -16.66 -26.45 2.78
N HIS K 19 -16.55 -25.32 3.47
CA HIS K 19 -16.07 -25.34 4.85
C HIS K 19 -17.04 -26.11 5.74
N ASN K 20 -18.33 -25.77 5.68
CA ASN K 20 -19.33 -26.53 6.43
C ASN K 20 -19.45 -27.96 5.92
N LEU K 21 -19.02 -28.22 4.68
CA LEU K 21 -19.04 -29.58 4.15
C LEU K 21 -17.77 -30.36 4.45
N ASN K 22 -16.66 -29.67 4.72
CA ASN K 22 -15.44 -30.34 5.15
C ASN K 22 -15.43 -30.61 6.65
N LYS K 23 -16.18 -29.85 7.43
CA LYS K 23 -16.32 -30.15 8.86
C LYS K 23 -17.35 -31.25 9.08
N GLU K 24 -18.46 -31.23 8.34
CA GLU K 24 -19.44 -32.30 8.42
C GLU K 24 -18.79 -33.64 8.08
N LEU K 25 -18.16 -33.72 6.91
CA LEU K 25 -17.36 -34.88 6.52
C LEU K 25 -15.93 -34.58 6.98
N ALA K 26 -15.60 -35.03 8.18
CA ALA K 26 -14.33 -34.69 8.82
C ALA K 26 -13.17 -34.89 7.86
N ARG K 27 -12.29 -33.89 7.78
CA ARG K 27 -11.13 -33.95 6.91
C ARG K 27 -10.19 -32.77 7.17
N TYR K 28 -8.90 -33.06 7.32
CA TYR K 28 -7.88 -32.01 7.49
C TYR K 28 -7.54 -31.45 6.11
N GLU K 29 -8.52 -30.74 5.54
CA GLU K 29 -8.44 -30.31 4.16
C GLU K 29 -7.31 -29.30 3.96
N TYR K 30 -6.58 -29.45 2.86
CA TYR K 30 -5.58 -28.50 2.41
C TYR K 30 -6.14 -27.69 1.25
N TRP K 31 -5.87 -26.39 1.25
CA TRP K 31 -6.23 -25.52 0.14
C TRP K 31 -4.97 -25.25 -0.67
N PHE K 32 -4.89 -25.87 -1.86
CA PHE K 32 -3.68 -25.82 -2.69
C PHE K 32 -2.47 -26.28 -1.88
N GLU K 33 -2.65 -27.39 -1.16
CA GLU K 33 -1.59 -27.97 -0.34
C GLU K 33 -1.10 -26.97 0.70
N GLU K 34 -2.04 -26.42 1.47
CA GLU K 34 -1.72 -25.45 2.51
C GLU K 34 -2.64 -25.72 3.70
N PRO K 35 -2.10 -25.88 4.91
CA PRO K 35 -2.96 -26.15 6.06
C PRO K 35 -3.91 -25.00 6.34
N TYR K 36 -5.14 -25.33 6.69
CA TYR K 36 -6.12 -24.34 7.11
C TYR K 36 -7.09 -24.99 8.09
N GLU K 37 -7.64 -24.16 8.96
CA GLU K 37 -8.58 -24.65 9.97
C GLU K 37 -9.67 -23.66 10.32
N SER K 38 -9.65 -22.44 9.76
CA SER K 38 -10.64 -21.42 10.05
C SER K 38 -11.23 -20.90 8.75
N PHE K 39 -12.41 -20.30 8.85
CA PHE K 39 -13.07 -19.77 7.67
C PHE K 39 -12.30 -18.58 7.11
N ASP K 40 -11.91 -17.64 7.98
CA ASP K 40 -11.12 -16.50 7.53
C ASP K 40 -9.82 -16.95 6.88
N GLU K 41 -9.20 -18.00 7.43
CA GLU K 41 -7.97 -18.52 6.83
C GLU K 41 -8.26 -19.15 5.46
N LEU K 42 -9.41 -19.82 5.32
CA LEU K 42 -9.79 -20.36 4.02
C LEU K 42 -10.02 -19.24 3.02
N GLU K 43 -10.66 -18.15 3.45
CA GLU K 43 -10.94 -17.04 2.55
C GLU K 43 -9.65 -16.39 2.08
N GLU K 44 -8.70 -16.18 2.99
CA GLU K 44 -7.41 -15.61 2.61
C GLU K 44 -6.69 -16.53 1.64
N LEU K 45 -6.82 -17.85 1.82
CA LEU K 45 -6.16 -18.79 0.93
C LEU K 45 -6.79 -18.78 -0.46
N TYR K 46 -8.12 -18.66 -0.52
CA TYR K 46 -8.79 -18.59 -1.80
C TYR K 46 -8.29 -17.39 -2.61
N ASN K 47 -8.33 -16.20 -2.01
CA ASN K 47 -7.85 -15.01 -2.69
C ASN K 47 -6.35 -15.06 -2.96
N LYS K 48 -5.61 -15.92 -2.25
CA LYS K 48 -4.18 -16.05 -2.49
C LYS K 48 -3.89 -16.96 -3.68
N HIS K 49 -4.66 -18.05 -3.82
CA HIS K 49 -4.48 -19.01 -4.90
C HIS K 49 -5.66 -18.95 -5.88
N ILE K 50 -6.12 -17.75 -6.21
CA ILE K 50 -7.28 -17.64 -7.10
C ILE K 50 -6.87 -17.84 -8.55
N HIS K 51 -5.63 -17.52 -8.90
CA HIS K 51 -5.16 -17.62 -10.28
C HIS K 51 -4.31 -18.87 -10.52
N ASP K 52 -4.03 -19.66 -9.48
CA ASP K 52 -3.21 -20.84 -9.65
C ASP K 52 -3.94 -21.90 -10.47
N ASN K 53 -3.26 -22.45 -11.46
CA ASN K 53 -3.84 -23.43 -12.38
C ASN K 53 -3.49 -24.86 -12.00
N ALA K 54 -2.72 -25.08 -10.93
CA ALA K 54 -2.38 -26.43 -10.53
C ALA K 54 -3.58 -27.21 -10.04
N GLU K 55 -4.64 -26.54 -9.60
CA GLU K 55 -5.83 -27.20 -9.09
C GLU K 55 -7.07 -26.45 -9.56
N ARG K 56 -8.09 -27.21 -9.96
CA ARG K 56 -9.34 -26.65 -10.44
C ARG K 56 -10.50 -27.32 -9.71
N ARG K 57 -11.40 -26.50 -9.17
CA ARG K 57 -12.54 -26.99 -8.40
C ARG K 57 -13.83 -26.54 -9.05
N PHE K 58 -14.85 -27.40 -8.96
CA PHE K 58 -16.16 -27.12 -9.54
C PHE K 58 -17.24 -27.56 -8.56
N VAL K 59 -18.08 -26.61 -8.14
CA VAL K 59 -19.21 -26.93 -7.28
C VAL K 59 -20.37 -27.40 -8.16
N VAL K 60 -21.00 -28.50 -7.77
CA VAL K 60 -22.15 -29.04 -8.46
C VAL K 60 -23.40 -28.60 -7.71
N GLU K 61 -24.44 -28.24 -8.46
CA GLU K 61 -25.67 -27.71 -7.88
C GLU K 61 -26.87 -28.26 -8.61
N ASP K 62 -28.03 -28.15 -7.98
CA ASP K 62 -29.28 -28.66 -8.52
C ASP K 62 -29.98 -27.60 -9.35
N ALA K 63 -30.98 -28.03 -10.13
CA ALA K 63 -31.79 -27.08 -10.87
C ALA K 63 -32.47 -26.09 -9.93
N GLN K 64 -32.75 -26.51 -8.70
CA GLN K 64 -33.26 -25.60 -7.68
C GLN K 64 -32.19 -24.68 -7.13
N LYS K 65 -30.97 -24.73 -7.67
CA LYS K 65 -29.86 -23.90 -7.24
C LYS K 65 -29.37 -24.27 -5.84
N ASN K 66 -29.48 -25.54 -5.48
CA ASN K 66 -29.04 -26.06 -4.20
C ASN K 66 -27.75 -26.86 -4.40
N LEU K 67 -26.70 -26.49 -3.68
CA LEU K 67 -25.41 -27.14 -3.84
C LEU K 67 -25.45 -28.56 -3.28
N ILE K 68 -24.83 -29.48 -4.00
CA ILE K 68 -24.86 -30.89 -3.62
C ILE K 68 -23.48 -31.48 -3.38
N GLY K 69 -22.42 -30.90 -3.91
CA GLY K 69 -21.10 -31.46 -3.70
C GLY K 69 -20.04 -30.64 -4.42
N LEU K 70 -18.80 -31.13 -4.32
CA LEU K 70 -17.63 -30.47 -4.89
C LEU K 70 -16.85 -31.48 -5.72
N VAL K 71 -16.19 -30.98 -6.76
CA VAL K 71 -15.35 -31.80 -7.64
C VAL K 71 -14.01 -31.09 -7.79
N GLU K 72 -12.93 -31.78 -7.45
CA GLU K 72 -11.60 -31.20 -7.41
C GLU K 72 -10.68 -31.96 -8.36
N LEU K 73 -9.90 -31.22 -9.14
CA LEU K 73 -8.81 -31.78 -9.96
C LEU K 73 -7.52 -31.16 -9.45
N ILE K 74 -6.77 -31.93 -8.65
CA ILE K 74 -5.55 -31.43 -8.03
C ILE K 74 -4.34 -32.08 -8.68
N GLU K 75 -3.15 -31.66 -8.27
CA GLU K 75 -1.90 -32.23 -8.76
C GLU K 75 -1.87 -32.25 -10.30
N ILE K 76 -2.40 -31.19 -10.90
CA ILE K 76 -2.43 -31.11 -12.36
C ILE K 76 -1.02 -30.83 -12.86
N ASN K 77 -0.55 -31.67 -13.79
CA ASN K 77 0.77 -31.54 -14.39
C ASN K 77 0.61 -31.46 -15.89
N TYR K 78 0.99 -30.32 -16.47
CA TYR K 78 0.75 -30.05 -17.88
C TYR K 78 1.84 -30.57 -18.79
N ILE K 79 2.89 -31.18 -18.26
CA ILE K 79 3.90 -31.83 -19.07
C ILE K 79 3.59 -33.31 -19.25
N HIS K 80 3.34 -34.02 -18.15
CA HIS K 80 2.90 -35.41 -18.21
C HIS K 80 1.40 -35.50 -18.46
N ARG K 81 0.67 -34.41 -18.25
CA ARG K 81 -0.79 -34.39 -18.45
C ARG K 81 -1.48 -35.40 -17.54
N SER K 82 -1.18 -35.29 -16.25
CA SER K 82 -1.82 -36.11 -15.21
C SER K 82 -2.56 -35.20 -14.25
N ALA K 83 -3.53 -35.78 -13.54
CA ALA K 83 -4.30 -35.03 -12.56
C ALA K 83 -5.05 -36.00 -11.66
N GLU K 84 -5.02 -35.73 -10.36
CA GLU K 84 -5.76 -36.52 -9.39
C GLU K 84 -7.18 -35.98 -9.26
N PHE K 85 -8.16 -36.86 -9.30
CA PHE K 85 -9.56 -36.48 -9.21
C PHE K 85 -10.10 -36.80 -7.82
N GLN K 86 -10.96 -35.92 -7.32
CA GLN K 86 -11.63 -36.12 -6.04
C GLN K 86 -13.03 -35.54 -6.13
N ILE K 87 -13.97 -36.18 -5.44
CA ILE K 87 -15.36 -35.75 -5.45
C ILE K 87 -15.96 -36.00 -4.07
N ILE K 88 -16.66 -35.00 -3.54
CA ILE K 88 -17.26 -35.07 -2.21
C ILE K 88 -18.69 -34.58 -2.35
N ILE K 89 -19.65 -35.50 -2.19
CA ILE K 89 -21.07 -35.18 -2.27
C ILE K 89 -21.61 -34.98 -0.87
N ALA K 90 -22.56 -34.04 -0.73
CA ALA K 90 -23.13 -33.75 0.58
C ALA K 90 -23.94 -34.94 1.07
N PRO K 91 -23.93 -35.22 2.38
CA PRO K 91 -24.68 -36.39 2.88
C PRO K 91 -26.15 -36.38 2.48
N GLU K 92 -26.77 -35.20 2.38
CA GLU K 92 -28.20 -35.15 2.09
C GLU K 92 -28.52 -35.63 0.68
N HIS K 93 -27.59 -35.45 -0.25
CA HIS K 93 -27.82 -35.80 -1.65
C HIS K 93 -27.16 -37.10 -2.06
N GLN K 94 -26.50 -37.79 -1.13
CA GLN K 94 -25.93 -39.10 -1.45
C GLN K 94 -27.05 -40.11 -1.71
N GLY K 95 -26.68 -41.22 -2.33
CA GLY K 95 -27.64 -42.25 -2.66
C GLY K 95 -28.61 -41.91 -3.76
N LYS K 96 -28.53 -40.70 -4.33
CA LYS K 96 -29.43 -40.28 -5.40
C LYS K 96 -28.96 -40.72 -6.78
N GLY K 97 -27.79 -41.35 -6.87
CA GLY K 97 -27.26 -41.74 -8.16
C GLY K 97 -26.55 -40.63 -8.91
N PHE K 98 -26.08 -39.60 -8.20
CA PHE K 98 -25.43 -38.47 -8.84
C PHE K 98 -23.94 -38.71 -9.10
N ALA K 99 -23.27 -39.43 -8.20
CA ALA K 99 -21.82 -39.60 -8.30
C ALA K 99 -21.39 -40.05 -9.70
N ARG K 100 -22.16 -40.96 -10.30
CA ARG K 100 -21.78 -41.47 -11.62
C ARG K 100 -21.76 -40.36 -12.66
N THR K 101 -22.83 -39.56 -12.73
CA THR K 101 -22.88 -38.50 -13.73
C THR K 101 -21.82 -37.44 -13.48
N LEU K 102 -21.54 -37.12 -12.21
CA LEU K 102 -20.53 -36.12 -11.91
C LEU K 102 -19.14 -36.61 -12.28
N ILE K 103 -18.86 -37.90 -12.06
CA ILE K 103 -17.58 -38.46 -12.47
C ILE K 103 -17.42 -38.36 -13.98
N ASN K 104 -18.49 -38.67 -14.73
CA ASN K 104 -18.42 -38.60 -16.18
C ASN K 104 -18.25 -37.16 -16.65
N ARG K 105 -18.91 -36.22 -15.99
CA ARG K 105 -18.77 -34.82 -16.37
C ARG K 105 -17.34 -34.33 -16.14
N ALA K 106 -16.73 -34.73 -15.01
CA ALA K 106 -15.35 -34.34 -14.74
C ALA K 106 -14.41 -34.95 -15.77
N LEU K 107 -14.61 -36.24 -16.10
CA LEU K 107 -13.78 -36.87 -17.12
C LEU K 107 -13.97 -36.20 -18.47
N ASP K 108 -15.20 -35.81 -18.79
CA ASP K 108 -15.44 -35.10 -20.05
C ASP K 108 -14.66 -33.78 -20.07
N TYR K 109 -14.77 -32.99 -19.01
CA TYR K 109 -14.04 -31.73 -18.95
C TYR K 109 -12.53 -31.95 -19.01
N SER K 110 -12.05 -33.04 -18.43
CA SER K 110 -10.61 -33.27 -18.36
C SER K 110 -10.04 -33.76 -19.69
N PHE K 111 -10.82 -34.51 -20.46
CA PHE K 111 -10.31 -35.14 -21.68
C PHE K 111 -10.75 -34.45 -22.96
N THR K 112 -11.82 -33.64 -22.91
CA THR K 112 -12.32 -32.98 -24.11
C THR K 112 -12.01 -31.49 -24.16
N ILE K 113 -11.69 -30.87 -23.03
CA ILE K 113 -11.43 -29.44 -22.95
C ILE K 113 -9.99 -29.16 -22.55
N LEU K 114 -9.54 -29.77 -21.45
CA LEU K 114 -8.17 -29.56 -20.98
C LEU K 114 -7.15 -30.41 -21.74
N ASN K 115 -7.59 -31.39 -22.52
CA ASN K 115 -6.69 -32.24 -23.29
C ASN K 115 -5.68 -32.93 -22.38
N LEU K 116 -6.19 -33.55 -21.30
CA LEU K 116 -5.35 -34.31 -20.40
C LEU K 116 -5.22 -35.75 -20.89
N HIS K 117 -4.18 -36.42 -20.40
CA HIS K 117 -3.83 -37.77 -20.84
C HIS K 117 -4.25 -38.84 -19.84
N LYS K 118 -3.98 -38.61 -18.55
CA LYS K 118 -4.27 -39.60 -17.52
C LYS K 118 -5.01 -38.93 -16.36
N ILE K 119 -5.93 -39.67 -15.76
CA ILE K 119 -6.68 -39.23 -14.59
C ILE K 119 -6.66 -40.38 -13.59
N TYR K 120 -5.99 -40.17 -12.46
CA TYR K 120 -5.90 -41.18 -11.41
C TYR K 120 -6.64 -40.69 -10.16
N LEU K 121 -6.91 -41.64 -9.26
CA LEU K 121 -7.65 -41.33 -8.04
C LEU K 121 -7.26 -42.34 -6.96
N HIS K 122 -7.31 -41.88 -5.72
CA HIS K 122 -7.07 -42.73 -4.55
C HIS K 122 -8.40 -42.95 -3.85
N VAL K 123 -8.77 -44.21 -3.65
CA VAL K 123 -10.03 -44.58 -3.03
C VAL K 123 -9.75 -45.61 -1.94
N ALA K 124 -10.39 -45.43 -0.78
CA ALA K 124 -10.22 -46.36 0.32
C ALA K 124 -10.72 -47.75 -0.08
N VAL K 125 -9.89 -48.76 0.17
CA VAL K 125 -10.26 -50.12 -0.21
C VAL K 125 -11.43 -50.62 0.64
N GLU K 126 -11.56 -50.13 1.88
CA GLU K 126 -12.67 -50.53 2.74
C GLU K 126 -14.00 -49.94 2.29
N ASN K 127 -14.00 -49.10 1.25
CA ASN K 127 -15.24 -48.59 0.67
C ASN K 127 -15.41 -49.20 -0.72
N PRO K 128 -15.80 -50.47 -0.80
CA PRO K 128 -15.88 -51.13 -2.12
C PRO K 128 -16.96 -50.56 -3.02
N LYS K 129 -17.97 -49.90 -2.47
CA LYS K 129 -19.01 -49.32 -3.32
C LYS K 129 -18.43 -48.25 -4.24
N ALA K 130 -17.55 -47.40 -3.72
CA ALA K 130 -16.92 -46.40 -4.56
C ALA K 130 -15.99 -47.05 -5.59
N VAL K 131 -15.22 -48.05 -5.18
CA VAL K 131 -14.30 -48.70 -6.10
C VAL K 131 -15.06 -49.27 -7.30
N HIS K 132 -16.17 -49.96 -7.04
CA HIS K 132 -16.95 -50.53 -8.13
C HIS K 132 -17.55 -49.43 -9.00
N LEU K 133 -18.00 -48.34 -8.38
CA LEU K 133 -18.51 -47.22 -9.17
C LEU K 133 -17.44 -46.71 -10.13
N TYR K 134 -16.21 -46.53 -9.63
CA TYR K 134 -15.13 -46.08 -10.50
C TYR K 134 -14.83 -47.11 -11.58
N GLU K 135 -14.80 -48.40 -11.21
CA GLU K 135 -14.58 -49.44 -12.22
C GLU K 135 -15.65 -49.37 -13.30
N GLU K 136 -16.89 -49.05 -12.92
CA GLU K 136 -17.96 -48.97 -13.90
C GLU K 136 -17.77 -47.77 -14.82
N CYS K 137 -17.28 -46.65 -14.29
CA CYS K 137 -17.05 -45.45 -15.07
C CYS K 137 -15.82 -45.55 -15.98
N GLY K 138 -15.09 -46.66 -15.94
CA GLY K 138 -13.96 -46.89 -16.82
C GLY K 138 -12.63 -46.95 -16.13
N PHE K 139 -12.55 -46.67 -14.83
CA PHE K 139 -11.28 -46.70 -14.13
C PHE K 139 -10.79 -48.13 -13.96
N VAL K 140 -9.48 -48.29 -13.86
CA VAL K 140 -8.83 -49.57 -13.69
C VAL K 140 -7.77 -49.45 -12.60
N GLU K 141 -7.63 -50.50 -11.79
CA GLU K 141 -6.67 -50.46 -10.70
C GLU K 141 -5.25 -50.53 -11.25
N GLU K 142 -4.37 -49.68 -10.70
CA GLU K 142 -2.96 -49.71 -11.03
C GLU K 142 -2.05 -49.84 -9.82
N GLY K 143 -2.60 -49.73 -8.61
CA GLY K 143 -1.78 -49.84 -7.41
C GLY K 143 -2.58 -50.13 -6.16
N HIS K 144 -2.05 -50.99 -5.30
CA HIS K 144 -2.65 -51.33 -4.01
C HIS K 144 -1.73 -50.75 -2.92
N LEU K 145 -1.96 -49.48 -2.58
CA LEU K 145 -1.13 -48.80 -1.60
C LEU K 145 -1.49 -49.27 -0.20
N VAL K 146 -0.47 -49.62 0.57
CA VAL K 146 -0.64 -50.20 1.90
C VAL K 146 -0.48 -49.11 2.94
N GLU K 147 -1.51 -48.91 3.76
CA GLU K 147 -1.46 -47.97 4.88
C GLU K 147 -1.01 -46.59 4.42
N GLU K 148 -1.61 -46.13 3.31
CA GLU K 148 -1.26 -44.83 2.73
C GLU K 148 -1.94 -43.70 3.48
N PHE K 149 -3.20 -43.88 3.87
CA PHE K 149 -3.99 -42.84 4.52
C PHE K 149 -4.42 -43.29 5.90
N PHE K 150 -4.77 -42.31 6.73
CA PHE K 150 -5.18 -42.53 8.13
C PHE K 150 -6.63 -42.10 8.25
N ILE K 151 -7.54 -43.07 8.30
CA ILE K 151 -8.98 -42.83 8.32
C ILE K 151 -9.57 -43.49 9.55
N ASN K 152 -10.46 -42.77 10.23
CA ASN K 152 -11.16 -43.28 11.41
C ASN K 152 -10.19 -43.76 12.49
N GLY K 153 -9.02 -43.14 12.56
CA GLY K 153 -8.04 -43.52 13.55
C GLY K 153 -7.23 -44.76 13.21
N ARG K 154 -7.29 -45.25 11.98
CA ARG K 154 -6.55 -46.43 11.58
C ARG K 154 -5.92 -46.18 10.21
N TYR K 155 -4.74 -46.75 10.00
CA TYR K 155 -4.12 -46.74 8.69
C TYR K 155 -4.83 -47.75 7.79
N GLN K 156 -5.41 -47.27 6.69
CA GLN K 156 -6.19 -48.10 5.79
C GLN K 156 -5.51 -48.17 4.43
N ASP K 157 -5.46 -49.36 3.87
CA ASP K 157 -4.96 -49.53 2.50
C ASP K 157 -5.90 -48.85 1.52
N VAL K 158 -5.32 -48.18 0.52
CA VAL K 158 -6.11 -47.51 -0.51
C VAL K 158 -5.72 -48.08 -1.87
N LYS K 159 -6.60 -47.86 -2.84
CA LYS K 159 -6.41 -48.31 -4.21
C LYS K 159 -6.22 -47.11 -5.11
N ARG K 160 -5.17 -47.11 -5.92
CA ARG K 160 -4.93 -46.09 -6.92
C ARG K 160 -5.40 -46.62 -8.27
N MET K 161 -6.49 -46.05 -8.77
CA MET K 161 -7.07 -46.42 -10.06
C MET K 161 -6.88 -45.28 -11.05
N TYR K 162 -6.90 -45.62 -12.34
CA TYR K 162 -6.58 -44.67 -13.38
C TYR K 162 -7.48 -44.88 -14.58
N ILE K 163 -7.44 -43.90 -15.49
CA ILE K 163 -8.09 -43.99 -16.79
C ILE K 163 -7.36 -43.05 -17.73
N LEU K 164 -7.32 -43.42 -19.01
CA LEU K 164 -6.60 -42.66 -20.02
C LEU K 164 -7.56 -42.00 -20.99
N GLN K 165 -7.04 -41.03 -21.73
CA GLN K 165 -7.88 -40.25 -22.64
C GLN K 165 -8.41 -41.10 -23.78
N SER K 166 -7.60 -42.05 -24.28
CA SER K 166 -8.02 -42.84 -25.42
C SER K 166 -9.25 -43.68 -25.11
N LYS K 167 -9.23 -44.38 -23.97
CA LYS K 167 -10.36 -45.23 -23.59
C LYS K 167 -11.64 -44.40 -23.50
N TYR K 168 -11.58 -43.27 -22.80
CA TYR K 168 -12.79 -42.46 -22.61
C TYR K 168 -13.31 -41.93 -23.93
N LEU K 169 -12.40 -41.48 -24.81
CA LEU K 169 -12.83 -40.91 -26.08
C LEU K 169 -13.11 -41.98 -27.14
N ASN K 170 -12.49 -43.14 -27.03
CA ASN K 170 -12.67 -44.20 -28.01
C ASN K 170 -13.39 -45.40 -27.38
N LEU L 5 27.91 -28.93 -30.25
CA LEU L 5 27.04 -27.87 -29.76
C LEU L 5 26.12 -28.38 -28.66
N THR L 6 25.76 -27.51 -27.73
CA THR L 6 24.91 -27.87 -26.60
C THR L 6 23.99 -26.71 -26.25
N LEU L 7 22.75 -27.03 -25.92
CA LEU L 7 21.78 -26.03 -25.50
C LEU L 7 21.78 -25.89 -23.98
N ARG L 8 21.35 -24.72 -23.52
CA ARG L 8 21.34 -24.39 -22.10
C ARG L 8 20.25 -23.37 -21.84
N ALA L 9 19.56 -23.52 -20.71
CA ALA L 9 18.53 -22.55 -20.34
C ALA L 9 19.14 -21.16 -20.24
N LEU L 10 18.40 -20.16 -20.70
CA LEU L 10 18.92 -18.80 -20.73
C LEU L 10 19.10 -18.25 -19.33
N GLU L 11 20.24 -17.61 -19.09
CA GLU L 11 20.58 -17.02 -17.81
C GLU L 11 20.61 -15.49 -17.94
N ARG L 12 20.62 -14.82 -16.79
CA ARG L 12 20.66 -13.37 -16.78
C ARG L 12 21.94 -12.85 -17.42
N GLY L 13 23.07 -13.51 -17.17
CA GLY L 13 24.33 -13.10 -17.76
C GLY L 13 24.35 -13.22 -19.27
N ASP L 14 23.43 -13.98 -19.85
CA ASP L 14 23.34 -14.13 -21.29
C ASP L 14 22.48 -13.05 -21.95
N LEU L 15 21.78 -12.23 -21.15
CA LEU L 15 20.89 -11.24 -21.73
C LEU L 15 21.64 -10.28 -22.64
N ARG L 16 22.88 -9.91 -22.26
CA ARG L 16 23.63 -8.96 -23.08
C ARG L 16 23.91 -9.54 -24.47
N PHE L 17 24.18 -10.85 -24.54
CA PHE L 17 24.38 -11.48 -25.85
C PHE L 17 23.11 -11.37 -26.69
N ILE L 18 21.94 -11.47 -26.06
CA ILE L 18 20.69 -11.32 -26.79
C ILE L 18 20.59 -9.92 -27.37
N HIS L 19 20.92 -8.91 -26.56
CA HIS L 19 20.81 -7.53 -27.04
C HIS L 19 21.78 -7.25 -28.18
N ASN L 20 22.92 -7.94 -28.20
CA ASN L 20 23.89 -7.78 -29.28
C ASN L 20 23.59 -8.66 -30.48
N LEU L 21 22.81 -9.74 -30.29
CA LEU L 21 22.54 -10.66 -31.39
C LEU L 21 21.79 -9.96 -32.51
N ASN L 22 20.68 -9.29 -32.17
CA ASN L 22 19.90 -8.51 -33.12
C ASN L 22 20.00 -7.04 -32.70
N LYS L 23 20.81 -6.28 -33.44
CA LYS L 23 21.00 -4.87 -33.12
C LYS L 23 19.68 -4.11 -33.30
N GLU L 24 19.53 -3.04 -32.52
CA GLU L 24 18.33 -2.24 -32.58
C GLU L 24 18.19 -1.58 -33.96
N LEU L 25 17.05 -0.94 -34.17
CA LEU L 25 16.73 -0.20 -35.39
C LEU L 25 16.68 -1.09 -36.62
N ALA L 26 16.71 -2.41 -36.43
CA ALA L 26 16.55 -3.36 -37.53
C ALA L 26 15.43 -4.37 -37.30
N ARG L 27 15.05 -4.63 -36.06
CA ARG L 27 13.94 -5.53 -35.74
C ARG L 27 13.26 -5.03 -34.49
N TYR L 28 11.95 -4.84 -34.56
CA TYR L 28 11.15 -4.46 -33.40
C TYR L 28 11.00 -5.69 -32.51
N GLU L 29 11.82 -5.78 -31.47
CA GLU L 29 11.91 -6.98 -30.66
C GLU L 29 10.95 -6.92 -29.48
N TYR L 30 10.46 -8.10 -29.10
CA TYR L 30 9.58 -8.26 -27.95
C TYR L 30 10.20 -9.24 -26.96
N TRP L 31 9.79 -9.13 -25.70
CA TRP L 31 10.15 -10.08 -24.66
C TRP L 31 8.86 -10.39 -23.89
N PHE L 32 8.37 -11.62 -24.05
CA PHE L 32 7.07 -12.01 -23.50
C PHE L 32 5.99 -11.03 -23.97
N GLU L 33 6.04 -10.72 -25.27
CA GLU L 33 5.04 -9.87 -25.91
C GLU L 33 5.06 -8.45 -25.36
N GLU L 34 6.20 -8.01 -24.85
CA GLU L 34 6.38 -6.64 -24.38
C GLU L 34 7.50 -5.99 -25.18
N PRO L 35 7.27 -4.87 -25.85
CA PRO L 35 8.34 -4.26 -26.66
C PRO L 35 9.55 -3.89 -25.81
N TYR L 36 10.72 -3.96 -26.44
CA TYR L 36 11.95 -3.52 -25.79
C TYR L 36 12.95 -3.13 -26.86
N GLU L 37 13.75 -2.11 -26.56
CA GLU L 37 14.81 -1.67 -27.46
C GLU L 37 16.11 -1.35 -26.75
N SER L 38 16.15 -1.39 -25.42
CA SER L 38 17.38 -1.16 -24.67
C SER L 38 17.67 -2.38 -23.79
N PHE L 39 18.89 -2.42 -23.27
CA PHE L 39 19.27 -3.53 -22.40
C PHE L 39 18.69 -3.38 -21.00
N ASP L 40 18.56 -2.15 -20.50
CA ASP L 40 18.05 -1.96 -19.15
C ASP L 40 16.58 -2.36 -19.04
N GLU L 41 15.77 -2.03 -20.06
CA GLU L 41 14.38 -2.43 -20.02
C GLU L 41 14.22 -3.90 -20.38
N LEU L 42 15.15 -4.45 -21.17
CA LEU L 42 15.19 -5.89 -21.38
C LEU L 42 15.47 -6.61 -20.07
N GLU L 43 16.43 -6.11 -19.29
CA GLU L 43 16.76 -6.74 -18.01
C GLU L 43 15.58 -6.71 -17.06
N GLU L 44 14.81 -5.62 -17.07
CA GLU L 44 13.63 -5.55 -16.22
C GLU L 44 12.55 -6.52 -16.70
N LEU L 45 12.40 -6.67 -18.02
CA LEU L 45 11.43 -7.62 -18.54
C LEU L 45 11.83 -9.05 -18.20
N TYR L 46 13.12 -9.35 -18.25
CA TYR L 46 13.58 -10.68 -17.84
C TYR L 46 13.26 -10.94 -16.38
N ASN L 47 13.55 -9.96 -15.51
CA ASN L 47 13.25 -10.12 -14.09
C ASN L 47 11.76 -10.25 -13.84
N LYS L 48 10.93 -9.67 -14.71
CA LYS L 48 9.49 -9.71 -14.52
C LYS L 48 8.89 -11.04 -14.98
N HIS L 49 9.48 -11.67 -16.00
CA HIS L 49 8.97 -12.91 -16.56
C HIS L 49 9.94 -14.07 -16.34
N ILE L 50 10.70 -14.04 -15.25
CA ILE L 50 11.68 -15.09 -15.02
C ILE L 50 10.98 -16.43 -14.77
N HIS L 51 9.77 -16.40 -14.22
CA HIS L 51 9.03 -17.63 -13.94
C HIS L 51 7.91 -17.89 -14.94
N ASP L 52 7.52 -16.90 -15.73
CA ASP L 52 6.49 -17.11 -16.74
C ASP L 52 6.95 -18.17 -17.74
N ASN L 53 6.08 -19.15 -18.00
CA ASN L 53 6.39 -20.26 -18.87
C ASN L 53 5.76 -20.14 -20.26
N ALA L 54 5.11 -19.02 -20.55
CA ALA L 54 4.51 -18.84 -21.87
C ALA L 54 5.57 -18.79 -22.96
N GLU L 55 6.83 -18.50 -22.62
CA GLU L 55 7.90 -18.46 -23.60
C GLU L 55 9.17 -18.99 -22.95
N ARG L 56 9.87 -19.89 -23.65
CA ARG L 56 11.08 -20.50 -23.16
C ARG L 56 12.19 -20.30 -24.17
N ARG L 57 13.38 -19.94 -23.68
CA ARG L 57 14.52 -19.61 -24.52
C ARG L 57 15.74 -20.39 -24.07
N PHE L 58 16.58 -20.75 -25.04
CA PHE L 58 17.79 -21.51 -24.76
C PHE L 58 18.92 -20.97 -25.62
N VAL L 59 20.10 -20.85 -25.02
CA VAL L 59 21.31 -20.42 -25.72
C VAL L 59 22.13 -21.65 -26.07
N VAL L 60 22.65 -21.69 -27.30
CA VAL L 60 23.47 -22.78 -27.77
C VAL L 60 24.92 -22.32 -27.79
N GLU L 61 25.83 -23.20 -27.38
CA GLU L 61 27.24 -22.89 -27.29
C GLU L 61 28.05 -24.12 -27.66
N ASP L 62 29.24 -23.89 -28.22
CA ASP L 62 30.10 -24.96 -28.69
C ASP L 62 30.99 -25.44 -27.53
N ALA L 63 31.94 -26.33 -27.84
CA ALA L 63 32.82 -26.87 -26.80
C ALA L 63 33.61 -25.76 -26.12
N GLN L 64 34.07 -24.77 -26.88
CA GLN L 64 34.77 -23.64 -26.30
C GLN L 64 33.84 -22.68 -25.58
N LYS L 65 32.54 -22.99 -25.51
CA LYS L 65 31.56 -22.15 -24.83
C LYS L 65 31.43 -20.78 -25.47
N ASN L 66 31.59 -20.72 -26.79
CA ASN L 66 31.33 -19.51 -27.56
C ASN L 66 29.87 -19.50 -27.95
N LEU L 67 29.10 -18.55 -27.44
CA LEU L 67 27.68 -18.49 -27.75
C LEU L 67 27.46 -18.36 -29.25
N ILE L 68 26.70 -19.30 -29.81
CA ILE L 68 26.49 -19.36 -31.25
C ILE L 68 25.11 -18.87 -31.69
N GLY L 69 24.08 -19.05 -30.88
CA GLY L 69 22.75 -18.62 -31.30
C GLY L 69 21.74 -18.81 -30.19
N LEU L 70 20.49 -18.52 -30.53
CA LEU L 70 19.39 -18.59 -29.58
C LEU L 70 18.23 -19.32 -30.22
N VAL L 71 17.49 -20.08 -29.42
CA VAL L 71 16.27 -20.74 -29.86
C VAL L 71 15.15 -20.30 -28.92
N GLU L 72 14.04 -19.86 -29.50
CA GLU L 72 12.92 -19.32 -28.73
C GLU L 72 11.66 -20.10 -29.06
N LEU L 73 11.02 -20.64 -28.02
CA LEU L 73 9.67 -21.20 -28.12
C LEU L 73 8.73 -20.23 -27.45
N ILE L 74 7.90 -19.55 -28.25
CA ILE L 74 7.00 -18.51 -27.77
C ILE L 74 5.57 -18.93 -28.06
N GLU L 75 4.62 -18.15 -27.52
CA GLU L 75 3.20 -18.44 -27.66
C GLU L 75 2.89 -19.89 -27.34
N ILE L 76 3.46 -20.36 -26.23
CA ILE L 76 3.27 -21.74 -25.79
C ILE L 76 1.91 -21.86 -25.13
N ASN L 77 1.08 -22.77 -25.64
CA ASN L 77 -0.23 -23.06 -25.08
C ASN L 77 -0.24 -24.51 -24.64
N TYR L 78 -0.47 -24.73 -23.34
CA TYR L 78 -0.40 -26.06 -22.75
C TYR L 78 -1.73 -26.81 -22.81
N ILE L 79 -2.74 -26.25 -23.49
CA ILE L 79 -3.99 -26.94 -23.74
C ILE L 79 -4.03 -27.48 -25.17
N HIS L 80 -3.68 -26.64 -26.14
CA HIS L 80 -3.54 -27.07 -27.52
C HIS L 80 -2.16 -27.62 -27.83
N ARG L 81 -1.20 -27.43 -26.92
CA ARG L 81 0.13 -28.02 -27.05
C ARG L 81 0.85 -27.56 -28.31
N SER L 82 0.68 -26.28 -28.63
CA SER L 82 1.34 -25.67 -29.77
C SER L 82 2.30 -24.58 -29.29
N ALA L 83 3.24 -24.24 -30.15
CA ALA L 83 4.24 -23.24 -29.80
C ALA L 83 4.92 -22.76 -31.09
N GLU L 84 5.22 -21.46 -31.13
CA GLU L 84 5.96 -20.87 -32.24
C GLU L 84 7.44 -21.00 -31.97
N PHE L 85 8.19 -21.40 -33.00
CA PHE L 85 9.63 -21.62 -32.90
C PHE L 85 10.38 -20.55 -33.66
N GLN L 86 11.48 -20.09 -33.07
CA GLN L 86 12.37 -19.12 -33.71
C GLN L 86 13.80 -19.51 -33.44
N ILE L 87 14.65 -19.37 -34.46
CA ILE L 87 16.07 -19.67 -34.36
C ILE L 87 16.84 -18.46 -34.87
N ILE L 88 17.80 -18.00 -34.08
CA ILE L 88 18.63 -16.85 -34.42
C ILE L 88 20.08 -17.27 -34.25
N ILE L 89 20.77 -17.46 -35.37
CA ILE L 89 22.18 -17.83 -35.36
C ILE L 89 23.02 -16.56 -35.42
N ALA L 90 24.14 -16.56 -34.70
CA ALA L 90 25.01 -15.40 -34.69
C ALA L 90 25.60 -15.15 -36.08
N PRO L 91 25.83 -13.89 -36.45
CA PRO L 91 26.42 -13.63 -37.77
C PRO L 91 27.78 -14.28 -37.97
N GLU L 92 28.62 -14.29 -36.93
CA GLU L 92 29.96 -14.83 -37.08
C GLU L 92 29.95 -16.35 -37.27
N HIS L 93 28.93 -17.03 -36.75
CA HIS L 93 28.84 -18.49 -36.85
C HIS L 93 27.79 -18.92 -37.88
N GLN L 94 27.38 -18.01 -38.77
CA GLN L 94 26.35 -18.31 -39.75
C GLN L 94 26.98 -18.90 -41.00
N GLY L 95 26.28 -19.85 -41.62
CA GLY L 95 26.79 -20.52 -42.80
C GLY L 95 27.71 -21.68 -42.52
N LYS L 96 27.81 -22.13 -41.27
CA LYS L 96 28.68 -23.24 -40.89
C LYS L 96 27.91 -24.54 -40.72
N GLY L 97 26.66 -24.60 -41.19
CA GLY L 97 25.89 -25.82 -41.11
C GLY L 97 25.26 -26.10 -39.77
N PHE L 98 25.06 -25.08 -38.95
CA PHE L 98 24.46 -25.25 -37.64
C PHE L 98 22.93 -25.16 -37.66
N ALA L 99 22.35 -24.59 -38.71
CA ALA L 99 20.91 -24.36 -38.74
C ALA L 99 20.14 -25.66 -38.51
N ARG L 100 20.46 -26.70 -39.29
CA ARG L 100 19.72 -27.96 -39.14
C ARG L 100 19.89 -28.55 -37.76
N THR L 101 21.11 -28.53 -37.21
CA THR L 101 21.35 -29.11 -35.90
C THR L 101 20.57 -28.37 -34.82
N LEU L 102 20.57 -27.04 -34.87
CA LEU L 102 19.83 -26.27 -33.86
C LEU L 102 18.33 -26.51 -33.96
N ILE L 103 17.81 -26.57 -35.19
CA ILE L 103 16.38 -26.81 -35.37
C ILE L 103 16.00 -28.19 -34.83
N ASN L 104 16.83 -29.20 -35.12
CA ASN L 104 16.53 -30.55 -34.65
C ASN L 104 16.65 -30.63 -33.13
N ARG L 105 17.61 -29.91 -32.54
CA ARG L 105 17.71 -29.91 -31.08
C ARG L 105 16.51 -29.22 -30.45
N ALA L 106 15.96 -28.20 -31.11
CA ALA L 106 14.76 -27.55 -30.60
C ALA L 106 13.55 -28.48 -30.70
N LEU L 107 13.38 -29.14 -31.84
CA LEU L 107 12.29 -30.09 -32.00
C LEU L 107 12.43 -31.26 -31.04
N ASP L 108 13.67 -31.69 -30.79
CA ASP L 108 13.90 -32.76 -29.81
C ASP L 108 13.40 -32.34 -28.43
N TYR L 109 13.79 -31.15 -27.98
CA TYR L 109 13.34 -30.67 -26.68
C TYR L 109 11.82 -30.52 -26.65
N SER L 110 11.23 -30.04 -27.75
CA SER L 110 9.80 -29.75 -27.75
C SER L 110 8.98 -31.04 -27.71
N PHE L 111 9.42 -32.08 -28.41
CA PHE L 111 8.62 -33.28 -28.58
C PHE L 111 8.99 -34.41 -27.62
N THR L 112 10.16 -34.34 -26.97
CA THR L 112 10.59 -35.41 -26.08
C THR L 112 10.65 -35.01 -24.62
N ILE L 113 10.47 -33.72 -24.30
CA ILE L 113 10.53 -33.26 -22.91
C ILE L 113 9.27 -32.46 -22.59
N LEU L 114 9.03 -31.40 -23.35
CA LEU L 114 7.84 -30.60 -23.14
C LEU L 114 6.56 -31.34 -23.50
N ASN L 115 6.65 -32.37 -24.35
CA ASN L 115 5.48 -33.14 -24.78
C ASN L 115 4.48 -32.24 -25.48
N LEU L 116 4.95 -31.52 -26.49
CA LEU L 116 4.10 -30.67 -27.31
C LEU L 116 3.58 -31.45 -28.52
N HIS L 117 2.45 -30.98 -29.05
CA HIS L 117 1.79 -31.62 -30.18
C HIS L 117 2.14 -31.00 -31.53
N LYS L 118 2.38 -29.69 -31.56
CA LYS L 118 2.61 -28.98 -32.81
C LYS L 118 3.66 -27.90 -32.59
N ILE L 119 4.52 -27.71 -33.59
CA ILE L 119 5.53 -26.66 -33.59
C ILE L 119 5.45 -25.96 -34.94
N TYR L 120 4.95 -24.73 -34.93
CA TYR L 120 4.85 -23.93 -36.14
C TYR L 120 5.84 -22.78 -36.08
N LEU L 121 6.06 -22.16 -37.24
CA LEU L 121 7.01 -21.06 -37.34
C LEU L 121 6.63 -20.20 -38.53
N HIS L 122 7.03 -18.94 -38.48
CA HIS L 122 6.85 -17.99 -39.57
C HIS L 122 8.21 -17.72 -40.21
N VAL L 123 8.28 -17.84 -41.53
CA VAL L 123 9.51 -17.63 -42.28
C VAL L 123 9.20 -16.69 -43.44
N ALA L 124 10.09 -15.73 -43.68
CA ALA L 124 9.87 -14.75 -44.72
C ALA L 124 9.77 -15.43 -46.08
N VAL L 125 8.74 -15.04 -46.85
CA VAL L 125 8.59 -15.56 -48.20
C VAL L 125 9.81 -15.25 -49.04
N GLU L 126 10.49 -14.14 -48.73
CA GLU L 126 11.66 -13.70 -49.48
C GLU L 126 12.96 -14.36 -49.00
N ASN L 127 12.86 -15.54 -48.40
CA ASN L 127 14.03 -16.31 -47.96
C ASN L 127 13.80 -17.76 -48.33
N PRO L 128 13.83 -18.08 -49.63
CA PRO L 128 13.48 -19.44 -50.06
C PRO L 128 14.45 -20.51 -49.56
N LYS L 129 15.73 -20.17 -49.38
CA LYS L 129 16.67 -21.16 -48.88
C LYS L 129 16.27 -21.65 -47.49
N ALA L 130 15.87 -20.73 -46.62
CA ALA L 130 15.39 -21.14 -45.30
C ALA L 130 14.15 -22.01 -45.42
N VAL L 131 13.20 -21.62 -46.28
CA VAL L 131 12.00 -22.42 -46.46
C VAL L 131 12.36 -23.83 -46.92
N HIS L 132 13.33 -23.95 -47.83
CA HIS L 132 13.68 -25.26 -48.35
C HIS L 132 14.32 -26.13 -47.27
N LEU L 133 15.24 -25.57 -46.48
CA LEU L 133 15.91 -26.37 -45.47
C LEU L 133 14.96 -26.70 -44.31
N TYR L 134 14.00 -25.83 -44.02
CA TYR L 134 12.97 -26.17 -43.04
C TYR L 134 12.12 -27.34 -43.54
N GLU L 135 11.72 -27.30 -44.81
CA GLU L 135 11.01 -28.43 -45.40
C GLU L 135 11.83 -29.71 -45.29
N GLU L 136 13.15 -29.60 -45.51
CA GLU L 136 14.01 -30.77 -45.37
C GLU L 136 14.05 -31.26 -43.93
N CYS L 137 13.95 -30.34 -42.96
CA CYS L 137 13.93 -30.75 -41.56
C CYS L 137 12.63 -31.45 -41.18
N GLY L 138 11.55 -31.22 -41.92
CA GLY L 138 10.30 -31.92 -41.68
C GLY L 138 9.09 -31.02 -41.53
N PHE L 139 9.22 -29.76 -41.94
CA PHE L 139 8.12 -28.81 -41.84
C PHE L 139 7.32 -28.78 -43.13
N VAL L 140 6.07 -28.35 -43.01
CA VAL L 140 5.13 -28.28 -44.12
C VAL L 140 4.41 -26.94 -44.06
N GLU L 141 4.30 -26.28 -45.21
CA GLU L 141 3.59 -25.01 -45.27
C GLU L 141 2.11 -25.21 -44.98
N GLU L 142 1.59 -24.48 -44.00
CA GLU L 142 0.17 -24.50 -43.69
C GLU L 142 -0.51 -23.17 -43.94
N GLY L 143 0.24 -22.16 -44.39
CA GLY L 143 -0.35 -20.86 -44.68
C GLY L 143 0.61 -19.88 -45.34
N HIS L 144 0.05 -18.98 -46.14
CA HIS L 144 0.80 -17.90 -46.79
C HIS L 144 0.20 -16.59 -46.31
N LEU L 145 0.55 -16.21 -45.08
CA LEU L 145 0.00 -15.01 -44.47
C LEU L 145 0.41 -13.79 -45.26
N VAL L 146 -0.58 -13.03 -45.72
CA VAL L 146 -0.36 -11.90 -46.62
C VAL L 146 -0.17 -10.64 -45.80
N GLU L 147 0.95 -9.96 -45.99
CA GLU L 147 1.24 -8.69 -45.31
C GLU L 147 1.04 -8.83 -43.81
N GLU L 148 1.66 -9.86 -43.24
CA GLU L 148 1.52 -10.13 -41.81
C GLU L 148 2.33 -9.15 -40.97
N PHE L 149 3.54 -8.83 -41.40
CA PHE L 149 4.46 -8.01 -40.63
C PHE L 149 5.04 -6.90 -41.49
N PHE L 150 5.17 -5.71 -40.90
CA PHE L 150 5.83 -4.58 -41.56
C PHE L 150 7.30 -4.62 -41.18
N ILE L 151 8.12 -5.13 -42.09
CA ILE L 151 9.55 -5.34 -41.85
C ILE L 151 10.33 -4.53 -42.89
N ASN L 152 11.36 -3.82 -42.43
CA ASN L 152 12.27 -3.08 -43.32
C ASN L 152 11.50 -2.20 -44.29
N GLY L 153 10.47 -1.53 -43.78
CA GLY L 153 9.74 -0.57 -44.59
C GLY L 153 8.77 -1.17 -45.58
N ARG L 154 8.40 -2.43 -45.43
CA ARG L 154 7.48 -3.09 -46.35
C ARG L 154 6.65 -4.10 -45.60
N TYR L 155 5.37 -4.18 -45.94
CA TYR L 155 4.53 -5.28 -45.47
C TYR L 155 4.90 -6.55 -46.22
N GLN L 156 5.39 -7.55 -45.49
CA GLN L 156 5.91 -8.77 -46.09
C GLN L 156 4.99 -9.94 -45.79
N ASP L 157 4.90 -10.86 -46.75
CA ASP L 157 4.21 -12.12 -46.55
C ASP L 157 5.14 -13.13 -45.88
N VAL L 158 4.55 -14.06 -45.15
CA VAL L 158 5.32 -15.06 -44.41
C VAL L 158 4.67 -16.42 -44.58
N LYS L 159 5.49 -17.44 -44.78
CA LYS L 159 5.02 -18.82 -44.83
C LYS L 159 4.94 -19.37 -43.42
N ARG L 160 3.73 -19.74 -42.98
CA ARG L 160 3.55 -20.43 -41.71
C ARG L 160 3.69 -21.93 -41.97
N MET L 161 4.71 -22.55 -41.39
CA MET L 161 5.00 -23.95 -41.60
C MET L 161 5.01 -24.68 -40.26
N TYR L 162 4.47 -25.90 -40.25
CA TYR L 162 4.26 -26.64 -39.01
C TYR L 162 4.90 -28.02 -39.11
N ILE L 163 5.10 -28.62 -37.94
CA ILE L 163 5.53 -30.00 -37.81
C ILE L 163 4.85 -30.58 -36.58
N LEU L 164 4.48 -31.85 -36.65
CA LEU L 164 3.74 -32.51 -35.58
C LEU L 164 4.64 -33.48 -34.82
N GLN L 165 4.30 -33.70 -33.55
CA GLN L 165 5.06 -34.62 -32.72
C GLN L 165 5.11 -36.01 -33.33
N SER L 166 4.05 -36.43 -34.02
CA SER L 166 4.01 -37.76 -34.62
C SER L 166 5.12 -37.93 -35.65
N LYS L 167 5.25 -36.96 -36.56
CA LYS L 167 6.28 -37.06 -37.60
C LYS L 167 7.67 -37.16 -36.99
N TYR L 168 7.99 -36.28 -36.04
CA TYR L 168 9.34 -36.24 -35.51
C TYR L 168 9.69 -37.53 -34.78
N LEU L 169 8.78 -38.01 -33.93
CA LEU L 169 9.08 -39.22 -33.15
C LEU L 169 9.09 -40.46 -34.03
N ASN L 170 8.16 -40.56 -34.97
CA ASN L 170 8.10 -41.71 -35.87
C ASN L 170 8.83 -41.40 -37.18
P PO4 M . 29.33 39.76 -0.99
O1 PO4 M . 28.64 40.64 0.03
O2 PO4 M . 30.80 40.10 -1.03
O3 PO4 M . 28.71 40.01 -2.35
O4 PO4 M . 29.16 38.31 -0.61
P PO4 N . -21.11 45.11 4.20
O1 PO4 N . -20.07 45.61 5.16
O2 PO4 N . -20.51 44.96 2.82
O3 PO4 N . -22.25 46.11 4.12
O4 PO4 N . -21.65 43.78 4.66
P PO4 O . 27.38 18.18 36.17
O1 PO4 O . 27.06 19.56 35.65
O2 PO4 O . 28.67 18.23 36.97
O3 PO4 O . 26.26 17.71 37.07
O4 PO4 O . 27.53 17.23 35.02
P PO4 P . -24.19 27.66 -33.24
O1 PO4 P . -22.90 28.38 -33.56
O2 PO4 P . -25.33 28.38 -33.93
O3 PO4 P . -24.42 27.69 -31.75
O4 PO4 P . -24.11 26.24 -33.72
P PO4 Q . 26.10 19.80 -38.35
O1 PO4 Q . 25.30 20.96 -37.79
O2 PO4 Q . 27.19 20.32 -39.25
O3 PO4 Q . 26.72 19.04 -37.20
O4 PO4 Q . 25.19 18.90 -39.13
P PO4 R . 19.61 -23.78 37.02
O1 PO4 R . 19.39 -22.73 38.07
O2 PO4 R . 20.68 -23.33 36.06
O3 PO4 R . 18.32 -24.04 36.27
O4 PO4 R . 20.05 -25.06 37.69
P PO4 S . -26.42 -15.50 -38.01
O1 PO4 S . -27.06 -14.74 -36.87
O2 PO4 S . -25.48 -14.57 -38.75
O3 PO4 S . -25.64 -16.67 -37.46
O4 PO4 S . -27.48 -15.98 -38.96
P PO4 T . -24.51 -41.96 -5.24
O1 PO4 T . -24.97 -40.53 -5.28
O2 PO4 T . -23.99 -42.36 -6.60
O3 PO4 T . -23.42 -42.11 -4.21
O4 PO4 T . -25.67 -42.86 -4.87
#